data_6O41
#
_entry.id   6O41
#
_cell.length_a   78.840
_cell.length_b   107.490
_cell.length_c   131.960
_cell.angle_alpha   90.00
_cell.angle_beta   94.61
_cell.angle_gamma   90.00
#
_symmetry.space_group_name_H-M   'P 1 21 1'
#
loop_
_entity.id
_entity.type
_entity.pdbx_description
1 polymer 'germline PGZL1_gVmDmJ light chain'
2 polymer 'germline PGZL1_gVmDmJ heavy chain'
3 polymer 'Immunoglobulin G-binding protein G (DOMAIN III)'
4 non-polymer GLYCEROL
5 water water
#
loop_
_entity_poly.entity_id
_entity_poly.type
_entity_poly.pdbx_seq_one_letter_code
_entity_poly.pdbx_strand_id
1 'polypeptide(L)'
;EIVLTQSPGTLSLSPGERATLSCRASQSVSSSYLAWYQQKPGQAPRLLIYGASSRATGIPDRFSGSGSGTDFTLTISRLE
PEDFAVYYCQQYGTSQSTFGQGTRLEIKRTVAAPSVFIFPPSDEQLKSGTASVVCLLNNFYPREAKVQWKVDNALQSGNS
QESVTEQDSKDSTYSLSSTLTLSKADYEKHKVYACEVTHQGLSSPVTKSFNRGEC
;
L,A,C
2 'polypeptide(L)'
;QVQLVQSGAEVKKPGSSVKVSCKASGGTFSSYAISWVRQAPGQGLEWMGGIIPIFGTANYAQKFQGRVTITADKSTSTAY
MELSSLRSEDTAVYYCAREGEGWFGKPLRAFEFWGQGTVITVSSASTKGPSVFPLAPSSKSTSGGTAALGCLVKDYFPEP
VTVSWNSGALTSGVHTFPAVLQSSGLYSLSSVVTVPSSSLGTQTYICNVNHKPSNTKVDKKVEPKSC
;
H,B,D
3 'polypeptide(L)' MTPAVTTYKLVINGKTLKGETTTKAVDAETAEKAFKQYANDNGVDGVWTYDDATKTFTVTEHHHHH M,N,O
#
# COMPACT_ATOMS: atom_id res chain seq x y z
N ILE A 2 26.53 36.09 -53.44
CA ILE A 2 27.07 35.54 -52.21
C ILE A 2 26.42 34.20 -51.93
N VAL A 3 27.20 33.26 -51.41
CA VAL A 3 26.70 32.00 -50.92
C VAL A 3 27.00 31.93 -49.43
N LEU A 4 25.95 31.88 -48.61
CA LEU A 4 26.10 31.66 -47.17
C LEU A 4 25.91 30.19 -46.87
N THR A 5 26.89 29.59 -46.19
CA THR A 5 26.85 28.17 -45.87
C THR A 5 26.85 27.99 -44.36
N GLN A 6 25.84 27.31 -43.85
CA GLN A 6 25.73 27.06 -42.43
C GLN A 6 26.21 25.66 -42.11
N SER A 7 26.76 25.50 -40.91
CA SER A 7 27.20 24.20 -40.45
C SER A 7 27.02 24.15 -38.93
N PRO A 8 26.72 22.98 -38.37
CA PRO A 8 26.39 21.79 -39.16
C PRO A 8 24.96 21.86 -39.69
N GLY A 9 24.52 20.87 -40.47
CA GLY A 9 23.15 20.86 -40.92
C GLY A 9 22.18 20.51 -39.81
N THR A 10 22.53 19.52 -38.98
CA THR A 10 21.80 19.20 -37.78
C THR A 10 22.78 19.24 -36.60
N LEU A 11 22.31 19.77 -35.48
CA LEU A 11 23.10 19.87 -34.26
C LEU A 11 22.28 19.22 -33.14
N SER A 12 22.77 18.11 -32.61
CA SER A 12 22.07 17.37 -31.56
C SER A 12 22.72 17.65 -30.22
N LEU A 13 22.00 18.33 -29.33
CA LEU A 13 22.53 18.70 -28.03
C LEU A 13 21.48 18.51 -26.94
N SER A 14 21.94 18.44 -25.73
CA SER A 14 21.12 18.33 -24.53
C SER A 14 20.85 19.72 -23.95
N PRO A 15 19.68 19.91 -23.33
CA PRO A 15 19.42 21.18 -22.65
C PRO A 15 20.44 21.42 -21.55
N GLY A 16 20.90 22.67 -21.46
CA GLY A 16 22.00 23.06 -20.61
C GLY A 16 23.33 23.14 -21.30
N GLU A 17 23.46 22.51 -22.48
CA GLU A 17 24.71 22.54 -23.21
C GLU A 17 24.83 23.85 -23.99
N ARG A 18 26.02 24.05 -24.57
N ARG A 18 26.03 24.08 -24.52
CA ARG A 18 26.34 25.26 -25.31
CA ARG A 18 26.31 25.27 -25.33
C ARG A 18 26.33 24.92 -26.81
C ARG A 18 26.27 24.90 -26.79
N ALA A 19 25.53 25.67 -27.57
CA ALA A 19 25.43 25.47 -29.02
C ALA A 19 26.24 26.53 -29.76
N THR A 20 26.98 26.08 -30.77
CA THR A 20 27.75 26.98 -31.63
C THR A 20 27.33 26.72 -33.07
N LEU A 21 26.73 27.74 -33.70
CA LEU A 21 26.27 27.67 -35.08
C LEU A 21 27.18 28.53 -35.95
N SER A 22 27.50 28.03 -37.14
CA SER A 22 28.48 28.67 -38.01
C SER A 22 27.83 29.10 -39.32
N CYS A 23 28.12 30.33 -39.74
CA CYS A 23 27.72 30.84 -41.06
C CYS A 23 28.99 31.33 -41.75
N ARG A 24 29.32 30.69 -42.88
N ARG A 24 29.32 30.71 -42.87
CA ARG A 24 30.48 31.06 -43.68
CA ARG A 24 30.48 31.10 -43.66
C ARG A 24 30.01 31.60 -45.02
C ARG A 24 30.04 31.59 -45.03
N ALA A 25 30.65 32.68 -45.48
CA ALA A 25 30.32 33.33 -46.74
C ALA A 25 31.40 33.06 -47.79
N SER A 26 30.95 32.94 -49.04
CA SER A 26 31.89 32.78 -50.15
C SER A 26 32.73 34.03 -50.37
N GLN A 27 32.22 35.20 -49.98
CA GLN A 27 32.95 36.45 -50.11
C GLN A 27 32.64 37.33 -48.90
N SER A 28 33.41 38.40 -48.76
CA SER A 28 33.34 39.21 -47.54
C SER A 28 31.97 39.87 -47.39
N VAL A 29 31.44 39.82 -46.17
CA VAL A 29 30.17 40.45 -45.83
C VAL A 29 30.42 41.45 -44.72
N SER A 30 29.90 42.66 -44.88
CA SER A 30 30.06 43.67 -43.85
C SER A 30 29.28 43.27 -42.60
N SER A 31 29.87 43.52 -41.44
CA SER A 31 29.33 42.97 -40.19
C SER A 31 27.94 43.49 -39.89
N SER A 32 27.61 44.71 -40.29
CA SER A 32 26.30 45.26 -39.95
C SER A 32 25.18 44.71 -40.82
N TYR A 33 25.49 43.83 -41.78
CA TYR A 33 24.49 43.26 -42.68
C TYR A 33 24.18 41.80 -42.38
N LEU A 34 24.76 41.23 -41.33
CA LEU A 34 24.61 39.81 -41.03
C LEU A 34 23.58 39.66 -39.90
N ALA A 35 22.51 38.91 -40.17
CA ALA A 35 21.42 38.75 -39.21
C ALA A 35 21.14 37.27 -38.99
N TRP A 36 20.63 36.94 -37.81
CA TRP A 36 20.24 35.56 -37.48
C TRP A 36 18.78 35.51 -37.11
N TYR A 37 18.11 34.44 -37.54
CA TYR A 37 16.70 34.22 -37.30
C TYR A 37 16.50 32.84 -36.72
N GLN A 38 15.44 32.71 -35.94
CA GLN A 38 15.00 31.45 -35.39
C GLN A 38 13.64 31.12 -35.99
N GLN A 39 13.45 29.87 -36.41
CA GLN A 39 12.15 29.45 -36.91
C GLN A 39 11.76 28.11 -36.31
N LYS A 40 10.56 28.04 -35.76
CA LYS A 40 9.94 26.86 -35.18
C LYS A 40 8.84 26.36 -36.11
N PRO A 41 8.54 25.06 -36.07
CA PRO A 41 7.54 24.49 -36.99
C PRO A 41 6.24 25.28 -37.00
N GLY A 42 5.79 25.62 -38.21
CA GLY A 42 4.54 26.31 -38.41
C GLY A 42 4.53 27.79 -38.09
N GLN A 43 5.67 28.39 -37.74
CA GLN A 43 5.70 29.79 -37.33
C GLN A 43 6.53 30.63 -38.29
N ALA A 44 6.32 31.94 -38.27
CA ALA A 44 7.17 32.82 -39.04
C ALA A 44 8.56 32.89 -38.41
N PRO A 45 9.58 33.19 -39.20
CA PRO A 45 10.90 33.46 -38.63
C PRO A 45 10.87 34.59 -37.60
N ARG A 46 11.83 34.55 -36.68
CA ARG A 46 11.96 35.54 -35.62
C ARG A 46 13.39 36.05 -35.60
N LEU A 47 13.53 37.38 -35.58
CA LEU A 47 14.86 37.99 -35.54
C LEU A 47 15.50 37.77 -34.17
N LEU A 48 16.72 37.24 -34.18
CA LEU A 48 17.52 37.08 -32.98
C LEU A 48 18.65 38.11 -32.90
N ILE A 49 19.51 38.11 -33.91
CA ILE A 49 20.72 38.93 -33.94
C ILE A 49 20.67 39.77 -35.21
N TYR A 50 20.99 41.05 -35.08
CA TYR A 50 21.22 41.90 -36.22
C TYR A 50 22.60 42.53 -36.10
N GLY A 51 23.15 42.93 -37.24
CA GLY A 51 24.48 43.52 -37.25
C GLY A 51 25.56 42.62 -36.73
N ALA A 52 25.42 41.30 -36.92
CA ALA A 52 26.38 40.28 -36.51
C ALA A 52 26.40 40.05 -35.00
N SER A 53 26.24 41.10 -34.18
CA SER A 53 26.46 40.93 -32.75
C SER A 53 25.41 41.53 -31.84
N SER A 54 24.39 42.21 -32.37
CA SER A 54 23.42 42.90 -31.54
C SER A 54 22.17 42.05 -31.37
N ARG A 55 21.69 41.96 -30.12
CA ARG A 55 20.48 41.21 -29.83
C ARG A 55 19.26 42.08 -30.13
N ALA A 56 18.29 41.52 -30.83
CA ALA A 56 17.04 42.23 -31.06
C ALA A 56 16.30 42.40 -29.74
N THR A 57 15.29 43.27 -29.75
CA THR A 57 14.51 43.51 -28.54
C THR A 57 13.86 42.24 -28.06
N GLY A 58 14.07 41.91 -26.78
CA GLY A 58 13.40 40.81 -26.15
C GLY A 58 14.08 39.47 -26.26
N ILE A 59 15.27 39.42 -26.84
CA ILE A 59 15.98 38.15 -27.00
C ILE A 59 16.86 37.93 -25.78
N PRO A 60 16.73 36.80 -25.09
CA PRO A 60 17.54 36.58 -23.87
C PRO A 60 19.03 36.61 -24.15
N ASP A 61 19.78 37.02 -23.14
CA ASP A 61 21.20 37.29 -23.29
C ASP A 61 22.06 36.04 -23.40
N ARG A 62 21.47 34.85 -23.38
CA ARG A 62 22.25 33.66 -23.69
C ARG A 62 22.49 33.49 -25.18
N PHE A 63 21.82 34.28 -26.03
CA PHE A 63 22.13 34.35 -27.45
C PHE A 63 23.21 35.41 -27.67
N SER A 64 24.25 35.04 -28.42
CA SER A 64 25.26 36.02 -28.81
C SER A 64 25.74 35.73 -30.22
N GLY A 65 26.18 36.78 -30.91
CA GLY A 65 26.69 36.64 -32.25
C GLY A 65 28.06 37.27 -32.33
N SER A 66 28.88 36.75 -33.25
CA SER A 66 30.21 37.30 -33.47
C SER A 66 30.58 37.11 -34.94
N GLY A 67 31.70 37.69 -35.32
CA GLY A 67 32.32 37.42 -36.60
C GLY A 67 32.42 38.64 -37.47
N SER A 68 33.18 38.48 -38.55
CA SER A 68 33.39 39.51 -39.55
C SER A 68 33.97 38.82 -40.78
N GLY A 69 33.97 39.55 -41.90
CA GLY A 69 34.54 39.01 -43.13
C GLY A 69 33.73 37.88 -43.72
N THR A 70 34.23 36.65 -43.62
CA THR A 70 33.50 35.49 -44.12
C THR A 70 33.07 34.53 -43.02
N ASP A 71 33.50 34.70 -41.78
CA ASP A 71 33.17 33.77 -40.71
C ASP A 71 32.30 34.45 -39.66
N PHE A 72 31.10 33.94 -39.46
CA PHE A 72 30.18 34.43 -38.44
C PHE A 72 29.69 33.26 -37.59
N THR A 73 29.28 33.57 -36.37
CA THR A 73 28.94 32.55 -35.39
C THR A 73 27.78 33.03 -34.54
N LEU A 74 26.83 32.13 -34.29
CA LEU A 74 25.79 32.31 -33.30
C LEU A 74 26.04 31.33 -32.15
N THR A 75 26.10 31.85 -30.93
CA THR A 75 26.32 31.04 -29.75
C THR A 75 25.11 31.13 -28.83
N ILE A 76 24.69 29.96 -28.34
CA ILE A 76 23.67 29.86 -27.31
C ILE A 76 24.32 29.16 -26.12
N SER A 77 24.55 29.91 -25.04
CA SER A 77 25.47 29.46 -24.00
C SER A 77 24.89 28.33 -23.13
N ARG A 78 23.58 28.35 -22.87
N ARG A 78 23.57 28.30 -22.94
CA ARG A 78 22.94 27.26 -22.15
CA ARG A 78 22.91 27.28 -22.13
C ARG A 78 21.59 27.02 -22.81
C ARG A 78 21.55 26.99 -22.73
N LEU A 79 21.42 25.86 -23.43
CA LEU A 79 20.21 25.59 -24.19
C LEU A 79 19.03 25.34 -23.27
N GLU A 80 18.05 26.19 -23.36
CA GLU A 80 16.72 26.01 -22.82
C GLU A 80 15.87 25.23 -23.83
N PRO A 81 14.88 24.47 -23.37
CA PRO A 81 14.09 23.64 -24.32
C PRO A 81 13.45 24.44 -25.43
N GLU A 82 13.01 25.67 -25.17
CA GLU A 82 12.41 26.48 -26.23
C GLU A 82 13.42 26.96 -27.27
N ASP A 83 14.71 26.66 -27.13
CA ASP A 83 15.72 27.09 -28.08
C ASP A 83 15.94 26.09 -29.21
N PHE A 84 15.35 24.91 -29.13
CA PHE A 84 15.54 23.91 -30.18
C PHE A 84 14.64 24.25 -31.36
N ALA A 85 15.26 24.52 -32.50
CA ALA A 85 14.58 25.12 -33.62
C ALA A 85 15.52 25.09 -34.81
N VAL A 86 15.08 25.70 -35.91
CA VAL A 86 15.90 25.95 -37.09
C VAL A 86 16.38 27.40 -37.06
N TYR A 87 17.66 27.59 -37.40
CA TYR A 87 18.30 28.90 -37.38
C TYR A 87 18.82 29.25 -38.77
N TYR A 88 18.55 30.49 -39.21
CA TYR A 88 18.99 31.00 -40.51
C TYR A 88 19.86 32.23 -40.32
N CYS A 89 21.02 32.25 -40.98
CA CYS A 89 21.73 33.50 -41.16
C CYS A 89 21.23 34.16 -42.43
N GLN A 90 21.46 35.47 -42.51
CA GLN A 90 21.03 36.26 -43.67
C GLN A 90 22.02 37.38 -43.93
N GLN A 91 22.35 37.59 -45.19
CA GLN A 91 23.06 38.78 -45.62
C GLN A 91 22.00 39.75 -46.11
N TYR A 92 21.74 40.79 -45.32
CA TYR A 92 20.72 41.75 -45.67
C TYR A 92 21.23 42.66 -46.78
N GLY A 93 20.36 42.95 -47.74
CA GLY A 93 20.72 43.86 -48.80
C GLY A 93 19.52 44.57 -49.38
N THR A 94 19.75 45.75 -49.95
CA THR A 94 18.68 46.47 -50.62
C THR A 94 18.39 45.86 -51.97
N SER A 95 19.44 45.61 -52.76
CA SER A 95 19.25 45.09 -54.11
C SER A 95 19.42 43.58 -54.20
N GLN A 96 20.08 42.96 -53.23
CA GLN A 96 20.23 41.51 -53.22
C GLN A 96 20.36 41.03 -51.78
N SER A 97 19.73 39.91 -51.48
CA SER A 97 19.76 39.38 -50.13
C SER A 97 19.69 37.87 -50.21
N THR A 98 20.57 37.19 -49.47
CA THR A 98 20.58 35.74 -49.47
C THR A 98 20.53 35.22 -48.04
N PHE A 99 19.98 34.02 -47.90
CA PHE A 99 19.84 33.31 -46.64
C PHE A 99 20.76 32.09 -46.65
N GLY A 100 21.33 31.76 -45.51
CA GLY A 100 21.91 30.44 -45.35
C GLY A 100 20.85 29.37 -45.48
N GLN A 101 21.29 28.12 -45.63
CA GLN A 101 20.36 27.02 -45.83
C GLN A 101 19.78 26.47 -44.53
N GLY A 102 20.15 27.01 -43.38
CA GLY A 102 19.54 26.62 -42.13
C GLY A 102 20.26 25.51 -41.37
N THR A 103 20.30 25.64 -40.05
CA THR A 103 20.79 24.60 -39.16
C THR A 103 19.63 24.17 -38.26
N ARG A 104 19.41 22.87 -38.14
CA ARG A 104 18.39 22.37 -37.22
C ARG A 104 19.07 21.97 -35.91
N LEU A 105 18.64 22.59 -34.83
CA LEU A 105 19.12 22.29 -33.50
C LEU A 105 18.10 21.36 -32.84
N GLU A 106 18.51 20.12 -32.61
CA GLU A 106 17.65 19.04 -32.16
C GLU A 106 18.10 18.55 -30.79
N ILE A 107 17.16 18.05 -29.99
CA ILE A 107 17.50 17.53 -28.66
C ILE A 107 18.15 16.16 -28.78
N LYS A 108 19.29 15.99 -28.12
CA LYS A 108 19.96 14.70 -28.03
C LYS A 108 19.46 13.95 -26.80
N ARG A 109 19.10 12.68 -26.99
CA ARG A 109 18.71 11.79 -25.91
C ARG A 109 19.25 10.40 -26.21
N THR A 110 18.99 9.48 -25.28
CA THR A 110 19.45 8.10 -25.46
C THR A 110 18.75 7.44 -26.64
N VAL A 111 19.39 6.40 -27.18
CA VAL A 111 18.82 5.66 -28.30
C VAL A 111 17.55 4.94 -27.84
N ALA A 112 16.51 5.01 -28.67
CA ALA A 112 15.25 4.33 -28.40
C ALA A 112 14.79 3.66 -29.68
N ALA A 113 14.58 2.35 -29.61
CA ALA A 113 14.11 1.58 -30.75
C ALA A 113 12.61 1.81 -30.94
N PRO A 114 12.14 1.82 -32.18
CA PRO A 114 10.71 2.05 -32.43
C PRO A 114 9.87 0.82 -32.12
N SER A 115 8.64 1.08 -31.68
CA SER A 115 7.58 0.07 -31.71
C SER A 115 6.94 0.13 -33.10
N VAL A 116 6.82 -1.03 -33.74
CA VAL A 116 6.39 -1.11 -35.13
C VAL A 116 5.03 -1.79 -35.17
N PHE A 117 4.05 -1.12 -35.76
CA PHE A 117 2.74 -1.68 -36.04
C PHE A 117 2.47 -1.64 -37.54
N ILE A 118 1.72 -2.62 -38.05
CA ILE A 118 1.29 -2.62 -39.44
C ILE A 118 -0.22 -2.75 -39.49
N PHE A 119 -0.86 -1.99 -40.38
CA PHE A 119 -2.32 -1.99 -40.53
C PHE A 119 -2.69 -2.38 -41.94
N PRO A 120 -3.51 -3.42 -42.13
CA PRO A 120 -4.04 -3.72 -43.46
C PRO A 120 -5.01 -2.65 -43.91
N PRO A 121 -5.31 -2.59 -45.21
CA PRO A 121 -6.37 -1.69 -45.68
C PRO A 121 -7.71 -2.09 -45.09
N SER A 122 -8.51 -1.08 -44.75
CA SER A 122 -9.83 -1.30 -44.21
C SER A 122 -10.78 -1.87 -45.28
N ASP A 123 -11.87 -2.47 -44.80
CA ASP A 123 -12.87 -2.99 -45.72
C ASP A 123 -13.53 -1.87 -46.51
N GLU A 124 -13.78 -0.71 -45.86
CA GLU A 124 -14.42 0.39 -46.57
C GLU A 124 -13.52 0.98 -47.65
N GLN A 125 -12.20 0.92 -47.51
CA GLN A 125 -11.35 1.39 -48.60
C GLN A 125 -11.39 0.45 -49.79
N LEU A 126 -11.41 -0.87 -49.54
CA LEU A 126 -11.43 -1.84 -50.62
C LEU A 126 -12.69 -1.74 -51.47
N LYS A 127 -13.76 -1.12 -50.95
CA LYS A 127 -14.94 -0.85 -51.76
C LYS A 127 -14.67 0.15 -52.88
N SER A 128 -13.60 0.95 -52.76
CA SER A 128 -13.35 2.06 -53.67
C SER A 128 -12.20 1.79 -54.64
N GLY A 129 -11.68 0.56 -54.71
CA GLY A 129 -10.71 0.21 -55.73
C GLY A 129 -9.25 0.49 -55.42
N THR A 130 -8.93 1.05 -54.25
CA THR A 130 -7.54 1.24 -53.85
C THR A 130 -7.32 0.57 -52.50
N ALA A 131 -6.06 0.22 -52.23
CA ALA A 131 -5.66 -0.46 -51.00
C ALA A 131 -4.44 0.25 -50.45
N SER A 132 -4.52 0.69 -49.19
CA SER A 132 -3.40 1.35 -48.53
C SER A 132 -2.96 0.51 -47.34
N VAL A 133 -1.66 0.23 -47.27
CA VAL A 133 -1.07 -0.50 -46.15
C VAL A 133 -0.18 0.49 -45.41
N VAL A 134 -0.35 0.57 -44.09
CA VAL A 134 0.31 1.58 -43.27
C VAL A 134 1.19 0.89 -42.24
N CYS A 135 2.46 1.32 -42.18
CA CYS A 135 3.43 0.86 -41.19
C CYS A 135 3.74 2.04 -40.28
N LEU A 136 3.55 1.85 -38.97
CA LEU A 136 3.80 2.89 -37.97
C LEU A 136 5.05 2.57 -37.15
N LEU A 137 6.00 3.50 -37.14
CA LEU A 137 7.17 3.43 -36.26
C LEU A 137 6.98 4.49 -35.18
N ASN A 138 6.85 4.04 -33.93
CA ASN A 138 6.44 4.91 -32.83
C ASN A 138 7.57 5.15 -31.85
N ASN A 139 7.84 6.43 -31.55
CA ASN A 139 8.69 6.89 -30.45
C ASN A 139 10.09 6.26 -30.49
N PHE A 140 10.84 6.64 -31.51
CA PHE A 140 12.23 6.21 -31.64
C PHE A 140 13.17 7.40 -31.67
N TYR A 141 14.45 7.14 -31.40
CA TYR A 141 15.49 8.13 -31.48
C TYR A 141 16.78 7.37 -31.73
N PRO A 142 17.66 7.87 -32.64
CA PRO A 142 17.55 9.12 -33.40
C PRO A 142 16.60 9.03 -34.60
N ARG A 143 16.49 10.14 -35.32
CA ARG A 143 15.48 10.29 -36.35
C ARG A 143 15.69 9.33 -37.52
N GLU A 144 16.94 8.97 -37.81
CA GLU A 144 17.24 8.12 -38.96
C GLU A 144 16.63 6.73 -38.79
N ALA A 145 15.74 6.36 -39.72
CA ALA A 145 15.17 5.02 -39.77
C ALA A 145 14.93 4.64 -41.23
N LYS A 146 15.00 3.36 -41.51
CA LYS A 146 14.80 2.83 -42.85
C LYS A 146 13.61 1.88 -42.83
N VAL A 147 12.73 2.00 -43.81
CA VAL A 147 11.55 1.16 -43.92
C VAL A 147 11.53 0.52 -45.30
N GLN A 148 11.49 -0.81 -45.33
CA GLN A 148 11.37 -1.58 -46.56
C GLN A 148 10.03 -2.31 -46.56
N TRP A 149 9.29 -2.20 -47.66
CA TRP A 149 8.06 -2.94 -47.84
C TRP A 149 8.33 -4.20 -48.65
N LYS A 150 7.67 -5.29 -48.27
CA LYS A 150 7.76 -6.56 -48.98
C LYS A 150 6.35 -7.08 -49.25
N VAL A 151 6.10 -7.47 -50.49
CA VAL A 151 4.84 -8.09 -50.87
C VAL A 151 5.17 -9.48 -51.40
N ASP A 152 4.77 -10.51 -50.64
CA ASP A 152 5.12 -11.91 -50.92
C ASP A 152 6.64 -12.08 -51.02
N ASN A 153 7.36 -11.39 -50.13
CA ASN A 153 8.80 -11.37 -50.00
C ASN A 153 9.51 -10.63 -51.13
N ALA A 154 8.78 -9.95 -52.00
CA ALA A 154 9.38 -9.15 -53.07
C ALA A 154 9.51 -7.70 -52.61
N LEU A 155 10.74 -7.19 -52.59
CA LEU A 155 10.98 -5.80 -52.20
C LEU A 155 10.18 -4.84 -53.09
N GLN A 156 9.47 -3.92 -52.45
CA GLN A 156 8.71 -2.92 -53.17
C GLN A 156 9.58 -1.71 -53.45
N SER A 157 9.14 -0.88 -54.39
CA SER A 157 9.89 0.29 -54.78
C SER A 157 8.98 1.23 -55.55
N GLY A 158 8.98 2.51 -55.19
CA GLY A 158 8.21 3.51 -55.89
C GLY A 158 6.73 3.56 -55.58
N ASN A 159 6.23 2.75 -54.64
CA ASN A 159 4.81 2.74 -54.33
C ASN A 159 4.54 3.04 -52.85
N SER A 160 5.44 3.76 -52.20
CA SER A 160 5.22 4.14 -50.81
C SER A 160 5.63 5.59 -50.62
N GLN A 161 5.00 6.23 -49.63
CA GLN A 161 5.40 7.55 -49.16
C GLN A 161 5.41 7.51 -47.64
N GLU A 162 6.22 8.38 -47.04
CA GLU A 162 6.34 8.39 -45.60
C GLU A 162 6.49 9.83 -45.11
N SER A 163 6.19 10.05 -43.83
CA SER A 163 6.54 11.32 -43.21
C SER A 163 6.77 11.11 -41.71
N VAL A 164 7.49 12.07 -41.13
CA VAL A 164 8.00 12.00 -39.77
C VAL A 164 7.43 13.16 -38.97
N THR A 165 7.09 12.90 -37.71
CA THR A 165 6.66 13.96 -36.81
C THR A 165 7.84 14.86 -36.44
N GLU A 166 7.52 16.05 -35.94
CA GLU A 166 8.53 16.84 -35.26
C GLU A 166 8.99 16.10 -34.01
N GLN A 167 10.09 16.57 -33.41
CA GLN A 167 10.56 15.93 -32.19
C GLN A 167 9.58 16.20 -31.05
N ASP A 168 9.20 15.16 -30.34
CA ASP A 168 8.21 15.27 -29.28
C ASP A 168 8.77 16.11 -28.12
N SER A 169 7.96 17.04 -27.60
CA SER A 169 8.45 17.88 -26.52
C SER A 169 8.53 17.14 -25.19
N LYS A 170 7.76 16.06 -25.02
CA LYS A 170 7.78 15.35 -23.73
C LYS A 170 8.97 14.41 -23.62
N ASP A 171 9.20 13.58 -24.64
CA ASP A 171 10.26 12.59 -24.56
C ASP A 171 11.33 12.69 -25.64
N SER A 172 11.27 13.70 -26.51
CA SER A 172 12.29 13.97 -27.53
C SER A 172 12.40 12.87 -28.59
N THR A 173 11.38 12.06 -28.78
CA THR A 173 11.46 11.01 -29.79
C THR A 173 10.79 11.47 -31.09
N TYR A 174 10.92 10.62 -32.09
CA TYR A 174 10.28 10.80 -33.39
C TYR A 174 9.34 9.62 -33.63
N SER A 175 8.37 9.87 -34.50
CA SER A 175 7.49 8.84 -35.01
C SER A 175 7.43 8.96 -36.53
N LEU A 176 7.20 7.82 -37.19
CA LEU A 176 7.21 7.73 -38.63
C LEU A 176 6.02 6.90 -39.09
N SER A 177 5.39 7.34 -40.16
CA SER A 177 4.28 6.64 -40.81
C SER A 177 4.64 6.44 -42.28
N SER A 178 4.50 5.21 -42.76
CA SER A 178 4.74 4.87 -44.16
C SER A 178 3.50 4.22 -44.73
N THR A 179 3.10 4.64 -45.93
CA THR A 179 1.93 4.10 -46.59
C THR A 179 2.34 3.47 -47.90
N LEU A 180 2.03 2.20 -48.08
CA LEU A 180 2.21 1.50 -49.36
C LEU A 180 0.86 1.46 -50.07
N THR A 181 0.84 1.86 -51.33
CA THR A 181 -0.41 2.01 -52.07
C THR A 181 -0.42 1.07 -53.28
N LEU A 182 -1.50 0.30 -53.41
CA LEU A 182 -1.70 -0.58 -54.55
C LEU A 182 -3.15 -0.51 -54.97
N SER A 183 -3.40 -0.88 -56.21
CA SER A 183 -4.79 -1.05 -56.64
C SER A 183 -5.41 -2.21 -55.86
N LYS A 184 -6.74 -2.21 -55.81
CA LYS A 184 -7.41 -3.33 -55.15
C LYS A 184 -7.08 -4.65 -55.85
N ALA A 185 -7.02 -4.63 -57.19
CA ALA A 185 -6.70 -5.85 -57.92
C ALA A 185 -5.33 -6.40 -57.56
N ASP A 186 -4.30 -5.53 -57.49
CA ASP A 186 -2.96 -6.00 -57.14
C ASP A 186 -2.93 -6.52 -55.70
N TYR A 187 -3.67 -5.89 -54.82
CA TYR A 187 -3.71 -6.30 -53.41
C TYR A 187 -4.34 -7.68 -53.25
N GLU A 188 -5.36 -7.99 -54.05
CA GLU A 188 -6.00 -9.30 -53.96
C GLU A 188 -5.12 -10.43 -54.49
N LYS A 189 -4.09 -10.12 -55.27
CA LYS A 189 -3.23 -11.12 -55.89
C LYS A 189 -2.06 -11.55 -55.01
N HIS A 190 -1.91 -11.00 -53.82
CA HIS A 190 -0.82 -11.36 -52.92
C HIS A 190 -1.36 -11.62 -51.52
N LYS A 191 -0.55 -12.26 -50.68
CA LYS A 191 -1.01 -12.69 -49.37
C LYS A 191 -0.23 -12.07 -48.22
N VAL A 192 1.10 -12.10 -48.27
CA VAL A 192 1.92 -11.64 -47.16
C VAL A 192 2.38 -10.21 -47.42
N TYR A 193 1.96 -9.30 -46.55
CA TYR A 193 2.37 -7.90 -46.57
C TYR A 193 3.22 -7.62 -45.33
N ALA A 194 4.48 -7.29 -45.54
CA ALA A 194 5.41 -7.11 -44.44
C ALA A 194 6.13 -5.77 -44.55
N CYS A 195 6.45 -5.19 -43.40
CA CYS A 195 7.26 -3.98 -43.36
CA CYS A 195 7.22 -3.96 -43.31
C CYS A 195 8.45 -4.25 -42.46
N GLU A 196 9.65 -4.11 -43.04
CA GLU A 196 10.90 -4.37 -42.36
C GLU A 196 11.56 -3.05 -41.98
N VAL A 197 11.86 -2.89 -40.69
CA VAL A 197 12.36 -1.65 -40.12
C VAL A 197 13.83 -1.84 -39.72
N THR A 198 14.68 -0.95 -40.19
CA THR A 198 16.06 -0.86 -39.71
C THR A 198 16.21 0.41 -38.89
N HIS A 199 16.90 0.29 -37.75
CA HIS A 199 17.10 1.44 -36.87
C HIS A 199 18.22 1.13 -35.90
N GLN A 200 18.84 2.20 -35.36
CA GLN A 200 20.04 2.06 -34.56
C GLN A 200 19.78 1.31 -33.25
N GLY A 201 18.58 1.42 -32.70
CA GLY A 201 18.27 0.75 -31.46
C GLY A 201 17.86 -0.70 -31.60
N LEU A 202 17.71 -1.18 -32.84
CA LEU A 202 17.42 -2.57 -33.12
C LEU A 202 18.71 -3.27 -33.51
N SER A 203 19.04 -4.35 -32.80
CA SER A 203 20.25 -5.11 -33.11
C SER A 203 20.16 -5.83 -34.44
N SER A 204 18.96 -5.93 -35.02
CA SER A 204 18.75 -6.54 -36.32
C SER A 204 17.39 -6.10 -36.81
N PRO A 205 17.19 -6.02 -38.14
CA PRO A 205 15.91 -5.55 -38.67
C PRO A 205 14.72 -6.25 -38.05
N VAL A 206 13.67 -5.48 -37.79
CA VAL A 206 12.40 -5.98 -37.27
C VAL A 206 11.41 -6.02 -38.43
N THR A 207 10.60 -7.07 -38.48
CA THR A 207 9.59 -7.23 -39.50
C THR A 207 8.23 -7.41 -38.83
N LYS A 208 7.28 -6.55 -39.19
CA LYS A 208 5.88 -6.75 -38.84
C LYS A 208 5.12 -7.11 -40.11
N SER A 209 4.18 -8.04 -40.00
CA SER A 209 3.53 -8.55 -41.21
C SER A 209 2.14 -9.08 -40.88
N PHE A 210 1.35 -9.27 -41.93
CA PHE A 210 0.04 -9.90 -41.81
C PHE A 210 -0.23 -10.65 -43.10
N ASN A 211 -1.15 -11.62 -43.02
CA ASN A 211 -1.62 -12.35 -44.18
C ASN A 211 -3.00 -11.82 -44.56
N ARG A 212 -3.16 -11.39 -45.81
CA ARG A 212 -4.45 -10.90 -46.27
C ARG A 212 -5.55 -11.94 -46.05
N GLY A 213 -6.63 -11.51 -45.40
CA GLY A 213 -7.75 -12.39 -45.14
C GLY A 213 -7.84 -12.85 -43.70
N GLU A 214 -6.71 -13.24 -43.11
CA GLU A 214 -6.70 -13.84 -41.78
C GLU A 214 -7.08 -12.85 -40.67
N GLN B 1 1.71 49.38 -32.17
CA GLN B 1 2.90 48.56 -32.42
C GLN B 1 2.85 47.93 -33.81
N VAL B 2 4.02 47.61 -34.37
CA VAL B 2 4.11 47.24 -35.78
C VAL B 2 3.54 45.84 -35.98
N GLN B 3 2.64 45.71 -36.95
CA GLN B 3 1.93 44.46 -37.21
C GLN B 3 1.70 44.32 -38.71
N LEU B 4 2.05 43.16 -39.25
CA LEU B 4 1.85 42.86 -40.66
C LEU B 4 0.81 41.76 -40.79
N VAL B 5 -0.32 42.07 -41.42
CA VAL B 5 -1.42 41.13 -41.62
C VAL B 5 -1.54 40.85 -43.11
N GLN B 6 -1.39 39.59 -43.48
CA GLN B 6 -1.41 39.17 -44.88
C GLN B 6 -2.76 38.59 -45.27
N SER B 7 -3.07 38.68 -46.57
CA SER B 7 -4.26 38.08 -47.12
C SER B 7 -4.22 36.55 -46.96
N GLY B 8 -5.34 35.91 -47.32
CA GLY B 8 -5.55 34.51 -47.01
C GLY B 8 -5.00 33.55 -48.05
N ALA B 9 -5.04 32.26 -47.69
CA ALA B 9 -4.53 31.21 -48.56
C ALA B 9 -5.26 31.20 -49.90
N GLU B 10 -4.55 30.77 -50.94
CA GLU B 10 -5.11 30.70 -52.29
C GLU B 10 -4.67 29.41 -52.97
N VAL B 11 -5.58 28.83 -53.75
CA VAL B 11 -5.23 27.82 -54.74
C VAL B 11 -5.26 28.48 -56.11
N LYS B 12 -4.21 28.29 -56.91
CA LYS B 12 -4.13 28.87 -58.23
C LYS B 12 -3.77 27.80 -59.26
N LYS B 13 -4.37 27.90 -60.44
CA LYS B 13 -4.04 27.02 -61.52
C LYS B 13 -2.65 27.36 -62.09
N PRO B 14 -1.92 26.37 -62.58
CA PRO B 14 -0.61 26.65 -63.18
C PRO B 14 -0.74 27.60 -64.37
N GLY B 15 0.19 28.55 -64.46
CA GLY B 15 0.19 29.53 -65.52
C GLY B 15 -0.56 30.81 -65.17
N SER B 16 -1.34 30.82 -64.10
CA SER B 16 -2.08 32.01 -63.71
C SER B 16 -1.20 32.92 -62.86
N SER B 17 -1.80 33.91 -62.24
CA SER B 17 -1.06 34.81 -61.38
C SER B 17 -1.87 35.07 -60.12
N VAL B 18 -1.16 35.43 -59.05
CA VAL B 18 -1.71 35.69 -57.74
C VAL B 18 -1.17 37.00 -57.22
N LYS B 19 -1.99 37.71 -56.45
CA LYS B 19 -1.58 38.94 -55.79
C LYS B 19 -1.80 38.77 -54.29
N VAL B 20 -0.73 38.91 -53.52
CA VAL B 20 -0.76 38.77 -52.07
C VAL B 20 -0.60 40.15 -51.46
N SER B 21 -1.39 40.44 -50.43
CA SER B 21 -1.37 41.74 -49.78
C SER B 21 -0.84 41.60 -48.36
N CYS B 22 -0.26 42.70 -47.87
CA CYS B 22 0.33 42.78 -46.53
C CYS B 22 0.00 44.16 -45.98
N LYS B 23 -0.92 44.23 -45.03
CA LYS B 23 -1.33 45.50 -44.44
C LYS B 23 -0.58 45.74 -43.14
N ALA B 24 0.09 46.89 -43.05
CA ALA B 24 0.90 47.23 -41.88
C ALA B 24 0.16 48.25 -41.03
N SER B 25 0.14 48.01 -39.71
CA SER B 25 -0.47 48.93 -38.78
C SER B 25 0.46 49.15 -37.60
N GLY B 26 0.44 50.38 -37.07
CA GLY B 26 1.18 50.69 -35.86
C GLY B 26 2.59 51.20 -36.07
N GLY B 27 2.92 51.67 -37.27
CA GLY B 27 4.23 52.25 -37.51
C GLY B 27 4.18 53.07 -38.78
N THR B 28 5.28 53.79 -39.01
CA THR B 28 5.39 54.55 -40.24
C THR B 28 5.57 53.61 -41.43
N PHE B 29 4.80 53.84 -42.49
CA PHE B 29 4.85 53.05 -43.72
C PHE B 29 5.41 53.97 -44.81
N SER B 30 6.74 54.02 -44.88
CA SER B 30 7.37 54.92 -45.83
C SER B 30 8.84 54.58 -46.04
N SER B 31 9.65 54.74 -45.00
CA SER B 31 11.10 54.73 -45.12
C SER B 31 11.72 53.43 -44.65
N TYR B 32 10.94 52.36 -44.55
CA TYR B 32 11.47 51.08 -44.10
C TYR B 32 11.05 50.00 -45.10
N ALA B 33 12.03 49.23 -45.53
CA ALA B 33 11.82 48.27 -46.60
C ALA B 33 10.80 47.22 -46.20
N ILE B 34 9.89 46.89 -47.12
CA ILE B 34 9.04 45.72 -47.02
C ILE B 34 9.55 44.71 -48.03
N SER B 35 9.90 43.51 -47.56
CA SER B 35 10.37 42.45 -48.45
C SER B 35 9.39 41.29 -48.44
N TRP B 36 9.55 40.42 -49.43
CA TRP B 36 8.80 39.18 -49.53
C TRP B 36 9.77 38.02 -49.53
N VAL B 37 9.50 37.05 -48.66
CA VAL B 37 10.36 35.89 -48.43
C VAL B 37 9.46 34.67 -48.51
N ARG B 38 9.81 33.72 -49.36
CA ARG B 38 8.99 32.53 -49.51
C ARG B 38 9.73 31.30 -49.00
N GLN B 39 8.93 30.30 -48.64
CA GLN B 39 9.45 29.06 -48.08
C GLN B 39 8.63 27.91 -48.62
N ALA B 40 9.22 27.12 -49.52
CA ALA B 40 8.57 25.91 -50.02
C ALA B 40 8.56 24.85 -48.93
N PRO B 41 7.62 23.91 -48.97
CA PRO B 41 7.49 22.92 -47.88
C PRO B 41 8.77 22.13 -47.66
N GLY B 42 9.28 22.21 -46.42
CA GLY B 42 10.47 21.48 -46.04
C GLY B 42 11.78 22.11 -46.46
N GLN B 43 11.77 23.34 -46.92
CA GLN B 43 12.94 23.99 -47.49
C GLN B 43 13.23 25.30 -46.75
N GLY B 44 14.24 26.02 -47.23
CA GLY B 44 14.75 27.19 -46.54
C GLY B 44 14.02 28.47 -46.92
N LEU B 45 14.51 29.57 -46.37
CA LEU B 45 14.02 30.90 -46.67
C LEU B 45 14.64 31.41 -47.98
N GLU B 46 13.82 31.97 -48.86
CA GLU B 46 14.30 32.54 -50.12
C GLU B 46 13.73 33.94 -50.29
N TRP B 47 14.62 34.94 -50.28
CA TRP B 47 14.24 36.33 -50.54
C TRP B 47 13.77 36.49 -51.97
N MET B 48 12.60 37.09 -52.14
CA MET B 48 12.07 37.36 -53.48
C MET B 48 12.36 38.78 -53.95
N GLY B 49 12.19 39.76 -53.07
CA GLY B 49 12.39 41.14 -53.44
C GLY B 49 11.85 42.04 -52.35
N GLY B 50 12.03 43.34 -52.56
CA GLY B 50 11.56 44.32 -51.59
C GLY B 50 11.36 45.68 -52.21
N ILE B 51 10.75 46.56 -51.42
CA ILE B 51 10.44 47.92 -51.85
C ILE B 51 10.55 48.83 -50.64
N ILE B 52 11.15 50.00 -50.84
CA ILE B 52 11.04 51.11 -49.90
C ILE B 52 9.88 51.98 -50.38
N PRO B 53 8.75 52.01 -49.67
CA PRO B 53 7.56 52.69 -50.24
C PRO B 53 7.78 54.15 -50.57
N ILE B 54 8.51 54.90 -49.74
CA ILE B 54 8.63 56.34 -49.94
C ILE B 54 9.36 56.65 -51.24
N PHE B 55 10.29 55.80 -51.66
CA PHE B 55 11.00 55.95 -52.93
C PHE B 55 10.33 55.23 -54.08
N GLY B 56 9.57 54.18 -53.78
CA GLY B 56 8.88 53.40 -54.80
C GLY B 56 9.75 52.44 -55.57
N THR B 57 11.02 52.30 -55.22
CA THR B 57 11.94 51.49 -56.02
C THR B 57 11.95 50.06 -55.51
N ALA B 58 11.66 49.12 -56.40
CA ALA B 58 11.57 47.70 -56.07
C ALA B 58 12.77 46.96 -56.63
N ASN B 59 13.29 46.02 -55.84
CA ASN B 59 14.33 45.11 -56.29
C ASN B 59 13.87 43.67 -56.19
N TYR B 60 14.47 42.83 -57.01
CA TYR B 60 14.04 41.45 -57.13
C TYR B 60 15.24 40.52 -57.18
N ALA B 61 15.06 39.32 -56.64
CA ALA B 61 16.04 38.27 -56.85
C ALA B 61 16.09 37.92 -58.33
N GLN B 62 17.29 37.60 -58.82
CA GLN B 62 17.47 37.22 -60.22
C GLN B 62 16.47 36.15 -60.63
N LYS B 63 16.29 35.14 -59.78
CA LYS B 63 15.40 34.03 -60.06
C LYS B 63 14.01 34.47 -60.48
N PHE B 64 13.54 35.62 -60.00
CA PHE B 64 12.15 36.05 -60.19
C PHE B 64 12.01 37.28 -61.08
N GLN B 65 13.10 37.88 -61.54
CA GLN B 65 13.00 38.99 -62.48
C GLN B 65 12.19 38.56 -63.68
N GLY B 66 11.13 39.31 -63.97
CA GLY B 66 10.30 39.06 -65.12
C GLY B 66 8.93 38.51 -64.81
N ARG B 67 8.70 37.98 -63.61
CA ARG B 67 7.36 37.50 -63.28
C ARG B 67 6.93 37.84 -61.86
N VAL B 68 7.64 38.72 -61.16
CA VAL B 68 7.20 39.20 -59.87
C VAL B 68 7.15 40.73 -59.91
N THR B 69 6.12 41.31 -59.30
CA THR B 69 5.95 42.76 -59.20
C THR B 69 5.59 43.10 -57.76
N ILE B 70 6.44 43.86 -57.10
CA ILE B 70 6.22 44.30 -55.73
C ILE B 70 5.86 45.79 -55.76
N THR B 71 4.72 46.13 -55.18
CA THR B 71 4.26 47.51 -55.12
C THR B 71 3.87 47.84 -53.69
N ALA B 72 3.71 49.14 -53.41
CA ALA B 72 3.28 49.60 -52.10
C ALA B 72 2.24 50.68 -52.27
N ASP B 73 1.22 50.66 -51.41
CA ASP B 73 0.13 51.63 -51.44
C ASP B 73 0.14 52.40 -50.13
N LYS B 74 0.76 53.58 -50.15
CA LYS B 74 0.85 54.41 -48.95
C LYS B 74 -0.52 54.88 -48.47
N SER B 75 -1.50 54.95 -49.37
CA SER B 75 -2.85 55.38 -48.97
C SER B 75 -3.48 54.41 -47.97
N THR B 76 -3.09 53.13 -48.02
CA THR B 76 -3.64 52.11 -47.14
C THR B 76 -2.55 51.39 -46.35
N SER B 77 -1.30 51.85 -46.43
CA SER B 77 -0.13 51.18 -45.84
C SER B 77 -0.16 49.68 -46.10
N THR B 78 -0.39 49.33 -47.37
CA THR B 78 -0.41 47.94 -47.82
C THR B 78 0.69 47.75 -48.85
N ALA B 79 1.42 46.64 -48.73
CA ALA B 79 2.37 46.23 -49.75
C ALA B 79 1.80 45.03 -50.49
N TYR B 80 2.08 44.94 -51.79
CA TYR B 80 1.56 43.88 -52.62
C TYR B 80 2.70 43.13 -53.30
N MET B 81 2.47 41.85 -53.57
CA MET B 81 3.34 41.06 -54.42
C MET B 81 2.52 40.32 -55.45
N GLU B 82 2.85 40.51 -56.72
CA GLU B 82 2.19 39.79 -57.80
C GLU B 82 3.20 38.85 -58.45
N LEU B 83 2.84 37.57 -58.53
CA LEU B 83 3.67 36.53 -59.12
C LEU B 83 2.86 35.86 -60.23
N SER B 84 3.40 35.86 -61.44
CA SER B 84 2.68 35.43 -62.63
C SER B 84 3.27 34.15 -63.21
N SER B 85 2.54 33.57 -64.16
CA SER B 85 2.81 32.25 -64.73
C SER B 85 3.28 31.27 -63.65
N LEU B 86 2.40 31.06 -62.67
CA LEU B 86 2.70 30.18 -61.56
C LEU B 86 3.02 28.77 -62.06
N ARG B 87 4.00 28.14 -61.42
CA ARG B 87 4.30 26.74 -61.62
C ARG B 87 4.19 26.01 -60.29
N SER B 88 4.19 24.67 -60.37
CA SER B 88 4.05 23.87 -59.15
C SER B 88 5.13 24.20 -58.13
N GLU B 89 6.35 24.50 -58.58
CA GLU B 89 7.46 24.88 -57.73
C GLU B 89 7.24 26.19 -57.01
N ASP B 90 6.14 26.89 -57.29
CA ASP B 90 5.78 28.09 -56.56
C ASP B 90 4.84 27.80 -55.38
N THR B 91 4.47 26.54 -55.16
CA THR B 91 3.75 26.19 -53.94
C THR B 91 4.66 26.46 -52.74
N ALA B 92 4.21 27.34 -51.86
CA ALA B 92 5.05 27.76 -50.73
C ALA B 92 4.23 28.65 -49.81
N VAL B 93 4.83 28.99 -48.68
CA VAL B 93 4.32 30.03 -47.80
C VAL B 93 5.05 31.32 -48.14
N TYR B 94 4.30 32.40 -48.35
CA TYR B 94 4.88 33.68 -48.71
C TYR B 94 4.75 34.61 -47.52
N TYR B 95 5.89 35.08 -47.01
CA TYR B 95 5.92 36.02 -45.89
C TYR B 95 6.25 37.42 -46.36
N CYS B 96 5.61 38.39 -45.73
CA CYS B 96 6.08 39.76 -45.83
CA CYS B 96 6.00 39.78 -45.80
C CYS B 96 6.83 40.11 -44.55
N ALA B 97 7.94 40.80 -44.73
CA ALA B 97 8.80 41.19 -43.63
C ALA B 97 9.16 42.65 -43.79
N ARG B 98 9.20 43.38 -42.68
CA ARG B 98 9.53 44.79 -42.67
C ARG B 98 10.80 45.02 -41.87
N GLU B 99 11.68 45.85 -42.42
CA GLU B 99 12.90 46.23 -41.71
C GLU B 99 12.56 46.91 -40.39
N GLY B 100 13.38 46.66 -39.37
CA GLY B 100 13.21 47.34 -38.11
C GLY B 100 13.93 48.68 -38.07
N GLU B 101 13.66 49.45 -37.02
CA GLU B 101 14.27 50.76 -36.85
C GLU B 101 15.36 50.71 -35.79
N GLY B 102 16.37 51.55 -35.96
CA GLY B 102 17.39 51.72 -34.96
C GLY B 102 16.91 52.56 -33.79
N TRP B 103 17.79 52.67 -32.79
CA TRP B 103 17.46 53.43 -31.58
C TRP B 103 17.22 54.90 -31.93
N PHE B 104 18.29 55.61 -32.26
CA PHE B 104 18.18 56.96 -32.80
C PHE B 104 18.74 57.04 -34.21
N GLY B 105 20.01 56.66 -34.40
CA GLY B 105 20.47 56.29 -35.73
C GLY B 105 19.78 55.02 -36.20
N LYS B 106 19.72 54.85 -37.52
CA LYS B 106 18.71 53.91 -38.00
C LYS B 106 19.26 52.62 -38.62
N PRO B 107 19.03 52.36 -39.93
CA PRO B 107 18.53 51.04 -40.36
C PRO B 107 19.08 49.85 -39.59
N LEU B 108 18.15 49.00 -39.13
CA LEU B 108 18.54 47.75 -38.47
C LEU B 108 19.26 46.82 -39.43
N ARG B 109 18.85 46.82 -40.71
CA ARG B 109 19.36 45.90 -41.72
C ARG B 109 19.07 44.47 -41.29
N ALA B 110 17.79 44.21 -41.01
CA ALA B 110 17.29 42.91 -40.60
C ALA B 110 15.77 43.01 -40.54
N PHE B 111 15.11 41.87 -40.63
CA PHE B 111 13.65 41.79 -40.64
C PHE B 111 13.16 41.63 -39.22
N GLU B 112 12.71 42.73 -38.62
CA GLU B 112 12.23 42.63 -37.26
C GLU B 112 10.79 42.14 -37.19
N PHE B 113 9.97 42.46 -38.19
CA PHE B 113 8.54 42.18 -38.17
C PHE B 113 8.15 41.31 -39.35
N TRP B 114 7.40 40.25 -39.07
CA TRP B 114 6.99 39.29 -40.08
C TRP B 114 5.47 39.17 -40.11
N GLY B 115 4.93 38.95 -41.30
CA GLY B 115 3.54 38.60 -41.40
C GLY B 115 3.31 37.15 -41.04
N GLN B 116 2.04 36.76 -40.93
CA GLN B 116 1.74 35.40 -40.51
C GLN B 116 1.92 34.39 -41.64
N GLY B 117 2.14 34.87 -42.85
CA GLY B 117 2.35 34.03 -44.02
C GLY B 117 1.08 33.82 -44.82
N THR B 118 1.25 33.55 -46.11
CA THR B 118 0.15 33.21 -47.00
C THR B 118 0.53 31.94 -47.73
N VAL B 119 -0.28 30.89 -47.57
CA VAL B 119 -0.06 29.64 -48.28
C VAL B 119 -0.62 29.76 -49.69
N ILE B 120 0.26 29.64 -50.69
CA ILE B 120 -0.13 29.60 -52.10
C ILE B 120 0.08 28.18 -52.61
N THR B 121 -0.99 27.54 -53.04
CA THR B 121 -0.92 26.22 -53.64
C THR B 121 -1.16 26.35 -55.14
N VAL B 122 -0.23 25.85 -55.92
CA VAL B 122 -0.31 25.91 -57.37
C VAL B 122 -0.54 24.49 -57.87
N SER B 123 -1.77 24.25 -58.34
CA SER B 123 -2.19 22.90 -58.66
C SER B 123 -3.37 22.98 -59.61
N SER B 124 -3.53 21.97 -60.45
CA SER B 124 -4.71 21.88 -61.30
C SER B 124 -5.83 21.07 -60.66
N ALA B 125 -5.68 20.66 -59.39
CA ALA B 125 -6.68 19.88 -58.69
C ALA B 125 -7.85 20.75 -58.25
N SER B 126 -8.99 20.10 -58.01
CA SER B 126 -10.18 20.73 -57.49
C SER B 126 -10.35 20.46 -55.99
N THR B 127 -11.13 21.30 -55.33
CA THR B 127 -11.44 21.09 -53.93
C THR B 127 -12.10 19.73 -53.73
N LYS B 128 -11.58 18.95 -52.79
CA LYS B 128 -12.10 17.61 -52.54
C LYS B 128 -12.00 17.30 -51.04
N GLY B 129 -13.14 16.97 -50.44
CA GLY B 129 -13.18 16.56 -49.05
C GLY B 129 -12.52 15.21 -48.84
N PRO B 130 -12.03 14.97 -47.63
CA PRO B 130 -11.26 13.76 -47.37
C PRO B 130 -12.12 12.52 -47.22
N SER B 131 -11.51 11.40 -47.57
CA SER B 131 -12.01 10.10 -47.18
C SER B 131 -11.31 9.68 -45.91
N VAL B 132 -12.06 9.17 -44.94
CA VAL B 132 -11.51 8.84 -43.62
C VAL B 132 -11.70 7.35 -43.39
N PHE B 133 -10.57 6.60 -43.34
CA PHE B 133 -10.50 5.15 -43.21
C PHE B 133 -9.93 4.75 -41.86
N PRO B 134 -10.44 3.69 -41.25
CA PRO B 134 -9.91 3.29 -39.93
C PRO B 134 -8.60 2.51 -40.07
N LEU B 135 -7.69 2.78 -39.14
CA LEU B 135 -6.50 1.96 -38.93
C LEU B 135 -6.77 1.18 -37.64
N ALA B 136 -7.25 -0.05 -37.81
CA ALA B 136 -7.92 -0.76 -36.72
C ALA B 136 -6.90 -1.48 -35.86
N PRO B 137 -7.02 -1.40 -34.53
CA PRO B 137 -6.10 -2.16 -33.67
C PRO B 137 -6.33 -3.64 -33.84
N SER B 138 -5.24 -4.41 -33.86
CA SER B 138 -5.32 -5.85 -33.98
C SER B 138 -5.30 -6.50 -32.60
N SER B 139 -5.43 -7.82 -32.57
CA SER B 139 -5.36 -8.57 -31.30
C SER B 139 -3.93 -8.93 -30.95
N SER B 143 4.90 -3.03 -28.46
CA SER B 143 3.50 -3.43 -28.31
C SER B 143 3.30 -4.45 -27.19
N GLY B 144 3.80 -4.12 -25.99
CA GLY B 144 3.62 -4.98 -24.85
C GLY B 144 2.49 -4.54 -23.96
N GLY B 145 1.28 -5.04 -24.23
CA GLY B 145 0.09 -4.54 -23.59
C GLY B 145 -0.42 -3.22 -24.15
N THR B 146 0.22 -2.68 -25.19
CA THR B 146 -0.15 -1.42 -25.81
C THR B 146 -0.67 -1.71 -27.22
N ALA B 147 -1.82 -1.11 -27.56
CA ALA B 147 -2.35 -1.17 -28.90
C ALA B 147 -2.22 0.19 -29.59
N ALA B 148 -2.11 0.15 -30.91
CA ALA B 148 -2.10 1.35 -31.73
C ALA B 148 -3.30 1.29 -32.68
N LEU B 149 -3.95 2.43 -32.86
CA LEU B 149 -5.03 2.59 -33.82
C LEU B 149 -4.91 3.97 -34.46
N GLY B 150 -5.76 4.24 -35.44
CA GLY B 150 -5.79 5.58 -35.98
C GLY B 150 -6.75 5.72 -37.13
N CYS B 151 -6.59 6.84 -37.85
CA CYS B 151 -7.38 7.16 -39.03
CA CYS B 151 -7.38 7.14 -39.04
C CYS B 151 -6.45 7.52 -40.19
N LEU B 152 -6.87 7.15 -41.39
CA LEU B 152 -6.16 7.46 -42.61
C LEU B 152 -7.04 8.46 -43.34
N VAL B 153 -6.56 9.69 -43.48
CA VAL B 153 -7.34 10.80 -44.03
C VAL B 153 -6.82 11.01 -45.45
N LYS B 154 -7.52 10.45 -46.43
CA LYS B 154 -6.95 10.23 -47.75
C LYS B 154 -7.70 11.01 -48.82
N ASP B 155 -6.93 11.51 -49.80
CA ASP B 155 -7.46 12.02 -51.07
C ASP B 155 -8.26 13.32 -50.89
N TYR B 156 -7.66 14.30 -50.24
CA TYR B 156 -8.30 15.61 -50.07
C TYR B 156 -7.46 16.69 -50.73
N PHE B 157 -8.08 17.85 -50.93
CA PHE B 157 -7.42 19.00 -51.52
C PHE B 157 -8.23 20.27 -51.28
N PRO B 158 -7.58 21.41 -50.98
CA PRO B 158 -6.15 21.54 -50.64
C PRO B 158 -5.87 21.23 -49.17
N GLU B 159 -4.66 21.54 -48.74
CA GLU B 159 -4.37 21.60 -47.31
C GLU B 159 -5.12 22.78 -46.69
N PRO B 160 -5.37 22.76 -45.38
CA PRO B 160 -5.05 21.68 -44.45
C PRO B 160 -6.31 20.94 -43.95
N VAL B 161 -6.07 19.83 -43.24
CA VAL B 161 -7.07 19.16 -42.42
C VAL B 161 -6.57 19.19 -40.98
N THR B 162 -7.50 19.26 -40.04
CA THR B 162 -7.19 19.08 -38.63
C THR B 162 -7.84 17.80 -38.13
N VAL B 163 -7.12 17.08 -37.26
CA VAL B 163 -7.62 15.84 -36.65
C VAL B 163 -7.51 15.96 -35.14
N SER B 164 -8.60 15.64 -34.44
CA SER B 164 -8.57 15.43 -33.01
C SER B 164 -9.19 14.05 -32.72
N TRP B 165 -9.07 13.61 -31.46
CA TRP B 165 -9.59 12.31 -31.04
C TRP B 165 -10.59 12.52 -29.90
N ASN B 166 -11.75 11.87 -30.02
CA ASN B 166 -12.81 11.93 -29.01
C ASN B 166 -13.12 13.37 -28.61
N SER B 167 -13.31 14.21 -29.63
CA SER B 167 -13.67 15.61 -29.46
C SER B 167 -12.65 16.37 -28.62
N GLY B 168 -11.40 15.95 -28.65
CA GLY B 168 -10.34 16.62 -27.93
C GLY B 168 -10.04 16.07 -26.55
N ALA B 169 -10.80 15.09 -26.07
CA ALA B 169 -10.52 14.55 -24.75
C ALA B 169 -9.38 13.55 -24.74
N LEU B 170 -8.98 13.03 -25.90
CA LEU B 170 -7.86 12.10 -26.00
C LEU B 170 -6.72 12.82 -26.72
N THR B 171 -5.63 13.07 -25.98
CA THR B 171 -4.49 13.82 -26.50
C THR B 171 -3.17 13.08 -26.25
N SER B 172 -3.07 12.34 -25.16
CA SER B 172 -1.86 11.58 -24.86
C SER B 172 -1.70 10.43 -25.84
N GLY B 173 -0.49 10.28 -26.37
CA GLY B 173 -0.21 9.24 -27.33
C GLY B 173 -0.62 9.53 -28.75
N VAL B 174 -1.09 10.73 -29.05
CA VAL B 174 -1.58 11.04 -30.38
C VAL B 174 -0.43 11.55 -31.25
N HIS B 175 -0.37 11.04 -32.48
CA HIS B 175 0.58 11.47 -33.49
C HIS B 175 -0.18 11.73 -34.76
N THR B 176 -0.19 12.98 -35.21
CA THR B 176 -0.81 13.33 -36.48
C THR B 176 0.30 13.72 -37.44
N PHE B 177 0.43 12.98 -38.48
CA PHE B 177 1.62 13.15 -39.30
C PHE B 177 1.40 14.23 -40.33
N PRO B 178 2.48 14.90 -40.76
CA PRO B 178 2.36 15.87 -41.84
C PRO B 178 1.82 15.19 -43.10
N ALA B 179 0.95 15.89 -43.82
CA ALA B 179 0.36 15.32 -45.02
C ALA B 179 1.43 15.05 -46.07
N VAL B 180 1.08 14.16 -46.98
CA VAL B 180 1.95 13.75 -48.06
C VAL B 180 1.18 14.01 -49.36
N LEU B 181 1.89 14.50 -50.38
CA LEU B 181 1.28 14.84 -51.66
C LEU B 181 1.42 13.64 -52.59
N GLN B 182 0.29 13.13 -53.04
CA GLN B 182 0.26 11.94 -53.88
C GLN B 182 0.37 12.31 -55.36
N SER B 183 0.73 11.32 -56.19
CA SER B 183 0.88 11.56 -57.62
C SER B 183 -0.42 11.97 -58.27
N SER B 184 -1.54 11.77 -57.59
CA SER B 184 -2.85 12.20 -58.08
C SER B 184 -3.04 13.71 -57.96
N GLY B 185 -2.21 14.40 -57.18
CA GLY B 185 -2.45 15.77 -56.83
C GLY B 185 -3.19 15.95 -55.53
N LEU B 186 -3.73 14.88 -54.95
CA LEU B 186 -4.44 14.95 -53.69
C LEU B 186 -3.49 14.65 -52.53
N TYR B 187 -3.80 15.22 -51.37
CA TYR B 187 -3.03 15.01 -50.16
C TYR B 187 -3.55 13.80 -49.38
N SER B 188 -2.73 13.33 -48.44
CA SER B 188 -3.05 12.17 -47.63
C SER B 188 -2.28 12.25 -46.31
N LEU B 189 -2.95 11.96 -45.20
CA LEU B 189 -2.25 11.91 -43.92
C LEU B 189 -2.86 10.85 -43.01
N SER B 190 -2.11 10.52 -41.96
CA SER B 190 -2.56 9.57 -40.95
CA SER B 190 -2.55 9.56 -40.95
C SER B 190 -2.46 10.19 -39.57
N SER B 191 -3.40 9.83 -38.72
CA SER B 191 -3.35 10.16 -37.30
C SER B 191 -3.47 8.84 -36.56
N VAL B 192 -2.56 8.62 -35.61
CA VAL B 192 -2.54 7.39 -34.83
C VAL B 192 -2.55 7.74 -33.35
N VAL B 193 -3.04 6.80 -32.55
CA VAL B 193 -2.98 6.95 -31.10
C VAL B 193 -2.63 5.61 -30.48
N THR B 194 -1.83 5.67 -29.44
CA THR B 194 -1.39 4.51 -28.69
C THR B 194 -2.23 4.41 -27.42
N VAL B 195 -2.78 3.22 -27.15
CA VAL B 195 -3.71 3.01 -26.05
C VAL B 195 -3.45 1.65 -25.43
N PRO B 196 -3.85 1.47 -24.17
CA PRO B 196 -3.74 0.14 -23.56
C PRO B 196 -4.60 -0.87 -24.28
N SER B 197 -4.03 -2.05 -24.56
CA SER B 197 -4.78 -3.15 -25.15
C SER B 197 -6.06 -3.46 -24.37
N SER B 198 -6.02 -3.33 -23.05
CA SER B 198 -7.17 -3.67 -22.22
C SER B 198 -8.37 -2.77 -22.47
N SER B 199 -8.14 -1.57 -23.00
CA SER B 199 -9.21 -0.60 -23.19
C SER B 199 -9.98 -0.79 -24.49
N LEU B 200 -9.47 -1.62 -25.40
CA LEU B 200 -10.12 -1.76 -26.70
C LEU B 200 -11.55 -2.27 -26.58
N GLY B 201 -11.86 -2.99 -25.51
CA GLY B 201 -13.21 -3.50 -25.34
C GLY B 201 -14.20 -2.54 -24.70
N THR B 202 -13.70 -1.49 -24.04
CA THR B 202 -14.56 -0.64 -23.24
C THR B 202 -14.53 0.83 -23.62
N GLN B 203 -13.54 1.29 -24.38
CA GLN B 203 -13.43 2.69 -24.78
C GLN B 203 -13.79 2.82 -26.25
N THR B 204 -14.48 3.91 -26.60
CA THR B 204 -14.76 4.24 -27.97
C THR B 204 -13.71 5.24 -28.45
N TYR B 205 -13.12 4.99 -29.62
CA TYR B 205 -12.13 5.89 -30.19
C TYR B 205 -12.67 6.46 -31.49
N ILE B 206 -12.88 7.77 -31.50
CA ILE B 206 -13.44 8.48 -32.64
C ILE B 206 -12.47 9.56 -33.07
N CYS B 207 -12.11 9.56 -34.35
CA CYS B 207 -11.25 10.61 -34.90
CA CYS B 207 -11.25 10.57 -34.94
C CYS B 207 -12.13 11.64 -35.58
N ASN B 208 -11.89 12.90 -35.24
CA ASN B 208 -12.70 14.03 -35.70
C ASN B 208 -11.91 14.78 -36.76
N VAL B 209 -12.38 14.71 -38.00
CA VAL B 209 -11.64 15.23 -39.14
C VAL B 209 -12.35 16.49 -39.65
N ASN B 210 -11.59 17.56 -39.78
CA ASN B 210 -12.08 18.84 -40.26
C ASN B 210 -11.31 19.27 -41.50
N HIS B 211 -12.03 19.62 -42.56
CA HIS B 211 -11.44 20.13 -43.81
C HIS B 211 -12.25 21.35 -44.20
N LYS B 212 -11.78 22.54 -43.79
CA LYS B 212 -12.56 23.76 -44.03
C LYS B 212 -12.78 24.08 -45.51
N PRO B 213 -11.83 23.85 -46.42
CA PRO B 213 -12.08 24.23 -47.83
C PRO B 213 -13.28 23.53 -48.44
N SER B 214 -13.59 22.31 -48.02
CA SER B 214 -14.77 21.61 -48.49
C SER B 214 -15.89 21.61 -47.46
N ASN B 215 -15.71 22.31 -46.34
CA ASN B 215 -16.65 22.34 -45.22
C ASN B 215 -16.98 20.93 -44.76
N THR B 216 -15.96 20.09 -44.72
CA THR B 216 -16.09 18.73 -44.23
C THR B 216 -15.83 18.72 -42.73
N LYS B 217 -16.82 18.27 -41.98
CA LYS B 217 -16.67 17.93 -40.56
C LYS B 217 -17.24 16.53 -40.42
N VAL B 218 -16.39 15.60 -40.01
CA VAL B 218 -16.74 14.19 -40.15
C VAL B 218 -16.04 13.43 -39.02
N ASP B 219 -16.76 12.46 -38.44
CA ASP B 219 -16.31 11.70 -37.29
C ASP B 219 -16.33 10.21 -37.61
N LYS B 220 -15.17 9.57 -37.50
CA LYS B 220 -14.98 8.16 -37.83
C LYS B 220 -14.70 7.34 -36.57
N LYS B 221 -15.62 6.41 -36.26
CA LYS B 221 -15.42 5.50 -35.12
C LYS B 221 -14.51 4.35 -35.55
N VAL B 222 -13.42 4.16 -34.84
CA VAL B 222 -12.42 3.15 -35.17
C VAL B 222 -12.65 1.97 -34.23
N GLU B 223 -13.07 0.83 -34.76
CA GLU B 223 -13.33 -0.27 -33.83
C GLU B 223 -12.40 -1.44 -34.07
N PRO B 224 -12.09 -2.21 -33.02
CA PRO B 224 -11.20 -3.36 -33.20
C PRO B 224 -11.81 -4.37 -34.15
N LYS B 225 -11.00 -4.83 -35.12
CA LYS B 225 -11.42 -5.89 -36.02
C LYS B 225 -11.24 -7.24 -35.33
N SER B 226 -12.25 -8.11 -35.44
CA SER B 226 -12.24 -9.39 -34.74
C SER B 226 -11.84 -10.56 -35.64
N ILE C 2 -23.00 -5.11 15.31
CA ILE C 2 -23.08 -5.48 13.91
C ILE C 2 -21.69 -5.43 13.30
N VAL C 3 -21.40 -6.41 12.45
CA VAL C 3 -20.14 -6.48 11.71
C VAL C 3 -20.45 -6.36 10.23
N LEU C 4 -19.86 -5.35 9.58
CA LEU C 4 -20.00 -5.13 8.14
C LEU C 4 -18.72 -5.57 7.45
N THR C 5 -18.80 -6.58 6.61
CA THR C 5 -17.63 -7.11 5.91
C THR C 5 -17.72 -6.71 4.45
N GLN C 6 -16.74 -5.95 3.99
CA GLN C 6 -16.68 -5.51 2.60
C GLN C 6 -15.80 -6.45 1.79
N SER C 7 -16.20 -6.65 0.54
CA SER C 7 -15.52 -7.58 -0.32
C SER C 7 -15.56 -7.02 -1.73
N PRO C 8 -14.47 -7.12 -2.50
CA PRO C 8 -13.17 -7.60 -2.02
C PRO C 8 -12.40 -6.51 -1.28
N GLY C 9 -11.22 -6.82 -0.77
CA GLY C 9 -10.42 -5.84 -0.07
C GLY C 9 -9.73 -4.89 -1.02
N THR C 10 -9.22 -5.43 -2.13
CA THR C 10 -8.65 -4.65 -3.21
C THR C 10 -9.30 -5.12 -4.51
N LEU C 11 -9.75 -4.17 -5.31
CA LEU C 11 -10.35 -4.43 -6.60
C LEU C 11 -9.52 -3.70 -7.66
N SER C 12 -8.98 -4.44 -8.62
CA SER C 12 -8.11 -3.92 -9.67
C SER C 12 -8.82 -4.05 -11.00
N LEU C 13 -9.33 -2.93 -11.51
CA LEU C 13 -10.01 -2.89 -12.80
C LEU C 13 -9.39 -1.80 -13.65
N SER C 14 -9.85 -1.72 -14.90
CA SER C 14 -9.51 -0.72 -15.92
C SER C 14 -10.64 0.27 -16.08
N PRO C 15 -10.35 1.50 -16.51
CA PRO C 15 -11.43 2.44 -16.83
C PRO C 15 -12.34 1.86 -17.90
N GLY C 16 -13.60 2.27 -17.86
CA GLY C 16 -14.63 1.70 -18.69
C GLY C 16 -15.24 0.42 -18.16
N GLU C 17 -14.56 -0.29 -17.27
CA GLU C 17 -15.07 -1.55 -16.75
C GLU C 17 -16.12 -1.29 -15.67
N ARG C 18 -16.65 -2.38 -15.14
CA ARG C 18 -17.73 -2.36 -14.17
C ARG C 18 -17.19 -2.80 -12.83
N ALA C 19 -17.38 -1.98 -11.80
CA ALA C 19 -16.95 -2.30 -10.45
C ALA C 19 -18.17 -2.70 -9.62
N THR C 20 -18.09 -3.87 -9.00
CA THR C 20 -19.13 -4.36 -8.08
C THR C 20 -18.51 -4.55 -6.70
N LEU C 21 -18.98 -3.78 -5.73
CA LEU C 21 -18.48 -3.84 -4.37
C LEU C 21 -19.58 -4.38 -3.47
N SER C 22 -19.24 -5.26 -2.55
CA SER C 22 -20.23 -5.85 -1.67
C SER C 22 -19.95 -5.53 -0.20
N CYS C 23 -21.04 -5.41 0.56
CA CYS C 23 -21.03 -5.23 2.00
C CYS C 23 -21.99 -6.29 2.56
N ARG C 24 -21.48 -7.17 3.43
CA ARG C 24 -22.31 -8.19 4.03
C ARG C 24 -22.33 -8.02 5.54
N ALA C 25 -23.52 -8.09 6.12
CA ALA C 25 -23.72 -7.80 7.53
C ALA C 25 -23.91 -9.09 8.30
N SER C 26 -23.39 -9.09 9.53
CA SER C 26 -23.53 -10.23 10.42
C SER C 26 -24.95 -10.39 10.94
N GLN C 27 -25.79 -9.37 10.76
CA GLN C 27 -27.21 -9.48 11.06
C GLN C 27 -27.96 -8.51 10.17
N SER C 28 -29.29 -8.68 10.12
CA SER C 28 -30.11 -7.87 9.24
C SER C 28 -29.96 -6.38 9.55
N VAL C 29 -29.93 -5.57 8.50
CA VAL C 29 -29.89 -4.12 8.59
C VAL C 29 -31.08 -3.56 7.80
N SER C 30 -31.78 -2.58 8.37
CA SER C 30 -32.81 -1.87 7.62
C SER C 30 -32.20 -1.14 6.44
N SER C 31 -32.78 -1.34 5.26
CA SER C 31 -32.21 -0.79 4.03
C SER C 31 -32.03 0.72 4.14
N SER C 32 -32.97 1.40 4.81
CA SER C 32 -32.93 2.85 4.94
C SER C 32 -31.69 3.36 5.67
N TYR C 33 -30.92 2.48 6.29
CA TYR C 33 -29.77 2.88 7.10
C TYR C 33 -28.43 2.51 6.49
N LEU C 34 -28.40 1.87 5.32
CA LEU C 34 -27.16 1.44 4.71
C LEU C 34 -26.65 2.51 3.75
N ALA C 35 -25.48 3.06 4.02
CA ALA C 35 -24.90 4.15 3.24
C ALA C 35 -23.52 3.76 2.72
N TRP C 36 -23.12 4.39 1.62
CA TRP C 36 -21.81 4.19 1.02
C TRP C 36 -21.08 5.52 0.87
N TYR C 37 -19.77 5.49 1.11
CA TYR C 37 -18.93 6.68 1.05
C TYR C 37 -17.72 6.38 0.19
N GLN C 38 -17.26 7.42 -0.50
CA GLN C 38 -16.00 7.40 -1.24
C GLN C 38 -14.97 8.24 -0.51
N GLN C 39 -13.73 7.79 -0.49
CA GLN C 39 -12.65 8.58 0.09
C GLN C 39 -11.41 8.45 -0.76
N LYS C 40 -10.89 9.61 -1.29
CA LYS C 40 -9.61 9.75 -1.96
C LYS C 40 -8.53 10.15 -0.96
N PRO C 41 -7.28 9.79 -1.24
CA PRO C 41 -6.20 10.07 -0.29
C PRO C 41 -6.12 11.55 0.08
N GLY C 42 -5.99 11.82 1.39
CA GLY C 42 -5.92 13.16 1.91
C GLY C 42 -7.21 13.94 1.91
N GLN C 43 -8.34 13.30 1.66
CA GLN C 43 -9.62 14.01 1.63
C GLN C 43 -10.59 13.38 2.62
N ALA C 44 -11.60 14.17 2.97
CA ALA C 44 -12.67 13.69 3.81
C ALA C 44 -13.57 12.74 3.03
N PRO C 45 -14.30 11.86 3.71
CA PRO C 45 -15.27 11.00 3.02
C PRO C 45 -16.34 11.83 2.32
N ARG C 46 -16.95 11.20 1.31
CA ARG C 46 -17.95 11.82 0.47
C ARG C 46 -19.11 10.85 0.31
N LEU C 47 -20.33 11.29 0.64
CA LEU C 47 -21.50 10.43 0.58
C LEU C 47 -21.87 10.14 -0.87
N LEU C 48 -22.13 8.87 -1.19
CA LEU C 48 -22.55 8.45 -2.53
C LEU C 48 -23.98 7.94 -2.56
N ILE C 49 -24.29 6.98 -1.70
CA ILE C 49 -25.58 6.29 -1.66
C ILE C 49 -26.08 6.33 -0.24
N TYR C 50 -27.35 6.69 -0.05
CA TYR C 50 -28.03 6.55 1.23
C TYR C 50 -29.24 5.67 1.08
N GLY C 51 -29.66 5.05 2.18
CA GLY C 51 -30.82 4.18 2.13
C GLY C 51 -30.68 3.02 1.17
N ALA C 52 -29.45 2.49 1.04
CA ALA C 52 -29.13 1.32 0.23
C ALA C 52 -29.12 1.63 -1.28
N SER C 53 -30.04 2.47 -1.77
CA SER C 53 -30.13 2.65 -3.22
C SER C 53 -30.31 4.08 -3.72
N SER C 54 -30.34 5.08 -2.86
CA SER C 54 -30.56 6.45 -3.32
C SER C 54 -29.25 7.18 -3.54
N ARG C 55 -29.08 7.75 -4.74
CA ARG C 55 -27.94 8.59 -5.04
C ARG C 55 -28.07 9.94 -4.33
N ALA C 56 -26.95 10.40 -3.76
CA ALA C 56 -26.90 11.71 -3.15
C ALA C 56 -26.77 12.79 -4.22
N THR C 57 -27.16 14.02 -3.86
CA THR C 57 -27.10 15.15 -4.79
C THR C 57 -25.74 15.24 -5.46
N GLY C 58 -25.75 15.38 -6.78
CA GLY C 58 -24.54 15.58 -7.55
C GLY C 58 -23.68 14.35 -7.77
N ILE C 59 -24.18 13.17 -7.44
CA ILE C 59 -23.45 11.93 -7.66
C ILE C 59 -23.86 11.38 -9.02
N PRO C 60 -22.93 11.12 -9.93
CA PRO C 60 -23.32 10.66 -11.27
C PRO C 60 -24.05 9.32 -11.23
N ASP C 61 -24.83 9.07 -12.28
CA ASP C 61 -25.73 7.93 -12.34
C ASP C 61 -25.02 6.61 -12.63
N ARG C 62 -23.71 6.63 -12.92
CA ARG C 62 -23.01 5.34 -13.01
C ARG C 62 -22.83 4.68 -11.65
N PHE C 63 -23.07 5.41 -10.55
CA PHE C 63 -23.12 4.83 -9.22
C PHE C 63 -24.54 4.35 -8.93
N SER C 64 -24.64 3.12 -8.43
CA SER C 64 -25.92 2.59 -7.99
C SER C 64 -25.68 1.67 -6.80
N GLY C 65 -26.72 1.53 -6.00
CA GLY C 65 -26.65 0.66 -4.84
C GLY C 65 -27.90 -0.19 -4.76
N SER C 66 -27.76 -1.33 -4.11
CA SER C 66 -28.88 -2.23 -3.95
C SER C 66 -28.61 -3.09 -2.73
N GLY C 67 -29.68 -3.61 -2.15
CA GLY C 67 -29.55 -4.63 -1.12
C GLY C 67 -30.67 -4.58 -0.11
N SER C 68 -30.70 -5.60 0.73
CA SER C 68 -31.59 -5.70 1.87
C SER C 68 -31.09 -6.84 2.74
N GLY C 69 -31.59 -6.90 3.96
CA GLY C 69 -31.17 -7.92 4.90
C GLY C 69 -29.70 -7.79 5.25
N THR C 70 -28.92 -8.78 4.86
CA THR C 70 -27.49 -8.78 5.16
C THR C 70 -26.62 -8.54 3.94
N ASP C 71 -27.19 -8.39 2.75
CA ASP C 71 -26.40 -8.32 1.53
C ASP C 71 -26.67 -7.01 0.82
N PHE C 72 -25.62 -6.22 0.63
CA PHE C 72 -25.71 -4.92 -0.01
C PHE C 72 -24.60 -4.77 -1.04
N THR C 73 -24.91 -4.08 -2.13
CA THR C 73 -23.98 -3.97 -3.23
C THR C 73 -23.92 -2.53 -3.73
N LEU C 74 -22.72 -2.09 -4.05
CA LEU C 74 -22.50 -0.83 -4.74
C LEU C 74 -21.89 -1.14 -6.09
N THR C 75 -22.47 -0.59 -7.15
CA THR C 75 -21.98 -0.80 -8.49
C THR C 75 -21.57 0.53 -9.12
N ILE C 76 -20.42 0.54 -9.77
CA ILE C 76 -19.98 1.63 -10.63
C ILE C 76 -19.93 1.04 -12.02
N SER C 77 -20.84 1.46 -12.89
CA SER C 77 -21.10 0.69 -14.09
C SER C 77 -20.13 0.99 -15.23
N ARG C 78 -19.36 2.07 -15.15
CA ARG C 78 -18.48 2.43 -16.26
C ARG C 78 -17.38 3.32 -15.68
N LEU C 79 -16.31 2.68 -15.17
CA LEU C 79 -15.33 3.38 -14.36
C LEU C 79 -14.62 4.49 -15.13
N GLU C 80 -14.68 5.69 -14.59
CA GLU C 80 -13.92 6.87 -14.96
C GLU C 80 -12.70 6.98 -14.06
N PRO C 81 -11.59 7.57 -14.51
CA PRO C 81 -10.38 7.59 -13.67
C PRO C 81 -10.56 8.23 -12.30
N GLU C 82 -11.56 9.11 -12.14
CA GLU C 82 -11.83 9.73 -10.84
C GLU C 82 -12.53 8.78 -9.87
N ASP C 83 -12.87 7.58 -10.30
CA ASP C 83 -13.63 6.67 -9.45
C ASP C 83 -12.74 5.71 -8.69
N PHE C 84 -11.43 5.70 -8.96
CA PHE C 84 -10.53 4.81 -8.25
C PHE C 84 -10.14 5.45 -6.94
N ALA C 85 -10.58 4.85 -5.84
CA ALA C 85 -10.51 5.40 -4.49
C ALA C 85 -10.86 4.28 -3.52
N VAL C 86 -11.09 4.65 -2.26
CA VAL C 86 -11.53 3.70 -1.24
C VAL C 86 -13.01 3.94 -0.99
N TYR C 87 -13.76 2.85 -0.81
CA TYR C 87 -15.20 2.93 -0.61
C TYR C 87 -15.56 2.24 0.71
N TYR C 88 -16.36 2.91 1.53
CA TYR C 88 -16.83 2.39 2.81
C TYR C 88 -18.35 2.27 2.80
N CYS C 89 -18.85 1.13 3.28
CA CYS C 89 -20.25 1.07 3.69
C CYS C 89 -20.37 1.43 5.17
N GLN C 90 -21.54 1.92 5.53
CA GLN C 90 -21.86 2.29 6.91
C GLN C 90 -23.27 1.87 7.22
N GLN C 91 -23.50 1.30 8.40
CA GLN C 91 -24.85 1.19 8.92
C GLN C 91 -25.09 2.39 9.83
N TYR C 92 -26.03 3.24 9.45
CA TYR C 92 -26.23 4.50 10.14
C TYR C 92 -27.05 4.29 11.40
N GLY C 93 -26.74 5.06 12.43
CA GLY C 93 -27.48 5.08 13.67
C GLY C 93 -26.98 6.21 14.53
N THR C 94 -27.84 6.72 15.40
CA THR C 94 -27.45 7.80 16.31
C THR C 94 -27.00 7.28 17.67
N SER C 95 -27.28 6.02 18.00
CA SER C 95 -26.84 5.39 19.24
C SER C 95 -25.69 4.42 19.02
N GLN C 96 -25.72 3.67 17.93
CA GLN C 96 -24.57 2.88 17.50
C GLN C 96 -24.52 2.92 15.99
N SER C 97 -23.31 2.99 15.44
CA SER C 97 -23.14 3.08 14.00
C SER C 97 -21.79 2.49 13.67
N THR C 98 -21.74 1.63 12.65
CA THR C 98 -20.52 0.92 12.34
C THR C 98 -20.22 1.00 10.84
N PHE C 99 -18.93 1.00 10.51
CA PHE C 99 -18.45 1.09 9.14
C PHE C 99 -17.87 -0.25 8.71
N GLY C 100 -17.99 -0.56 7.43
CA GLY C 100 -17.16 -1.59 6.85
C GLY C 100 -15.70 -1.21 6.86
N GLN C 101 -14.84 -2.22 6.69
CA GLN C 101 -13.39 -2.01 6.72
C GLN C 101 -12.84 -1.41 5.43
N GLY C 102 -13.67 -1.22 4.40
CA GLY C 102 -13.21 -0.51 3.21
C GLY C 102 -12.75 -1.38 2.06
N THR C 103 -13.09 -0.99 0.84
CA THR C 103 -12.58 -1.63 -0.37
C THR C 103 -11.79 -0.61 -1.16
N ARG C 104 -10.54 -0.94 -1.48
CA ARG C 104 -9.72 -0.09 -2.33
C ARG C 104 -9.85 -0.52 -3.78
N LEU C 105 -10.20 0.44 -4.64
CA LEU C 105 -10.37 0.24 -6.07
C LEU C 105 -9.18 0.88 -6.75
N GLU C 106 -8.32 0.06 -7.34
CA GLU C 106 -7.06 0.46 -7.93
C GLU C 106 -7.07 0.16 -9.42
N ILE C 107 -6.29 0.91 -10.20
CA ILE C 107 -6.25 0.75 -11.65
C ILE C 107 -5.38 -0.46 -12.02
N LYS C 108 -5.92 -1.35 -12.86
CA LYS C 108 -5.15 -2.50 -13.31
C LYS C 108 -4.45 -2.20 -14.62
N ARG C 109 -3.16 -2.53 -14.68
CA ARG C 109 -2.35 -2.33 -15.86
C ARG C 109 -1.43 -3.53 -16.01
N THR C 110 -0.58 -3.50 -17.04
CA THR C 110 0.36 -4.59 -17.26
C THR C 110 1.45 -4.58 -16.20
N VAL C 111 2.13 -5.71 -16.06
CA VAL C 111 3.23 -5.83 -15.11
C VAL C 111 4.38 -4.92 -15.53
N ALA C 112 4.96 -4.22 -14.55
CA ALA C 112 6.13 -3.39 -14.75
C ALA C 112 7.13 -3.68 -13.65
N ALA C 113 8.35 -4.00 -14.04
CA ALA C 113 9.39 -4.30 -13.05
C ALA C 113 9.98 -2.99 -12.52
N PRO C 114 10.36 -2.94 -11.24
CA PRO C 114 10.99 -1.72 -10.72
C PRO C 114 12.39 -1.57 -11.26
N SER C 115 12.81 -0.33 -11.43
CA SER C 115 14.22 -0.01 -11.54
C SER C 115 14.71 0.33 -10.14
N VAL C 116 15.82 -0.27 -9.74
CA VAL C 116 16.30 -0.23 -8.36
C VAL C 116 17.54 0.66 -8.30
N PHE C 117 17.57 1.55 -7.31
CA PHE C 117 18.69 2.45 -7.05
C PHE C 117 19.07 2.39 -5.57
N ILE C 118 20.36 2.41 -5.29
CA ILE C 118 20.84 2.37 -3.91
C ILE C 118 21.69 3.61 -3.65
N PHE C 119 21.52 4.20 -2.47
CA PHE C 119 22.21 5.43 -2.09
C PHE C 119 22.99 5.20 -0.80
N PRO C 120 24.31 5.36 -0.79
CA PRO C 120 25.05 5.30 0.46
C PRO C 120 24.67 6.49 1.34
N PRO C 121 24.94 6.41 2.64
CA PRO C 121 24.73 7.58 3.49
C PRO C 121 25.63 8.73 3.05
N SER C 122 25.11 9.94 3.20
CA SER C 122 25.85 11.13 2.82
C SER C 122 26.99 11.40 3.80
N ASP C 123 27.96 12.21 3.37
CA ASP C 123 29.06 12.56 4.26
C ASP C 123 28.59 13.40 5.44
N GLU C 124 27.61 14.29 5.22
CA GLU C 124 27.16 15.13 6.31
C GLU C 124 26.41 14.32 7.37
N GLN C 125 25.67 13.30 6.95
CA GLN C 125 24.98 12.48 7.95
C GLN C 125 25.95 11.59 8.72
N LEU C 126 26.97 11.05 8.03
CA LEU C 126 27.94 10.21 8.71
C LEU C 126 28.69 10.96 9.79
N LYS C 127 28.90 12.27 9.60
CA LYS C 127 29.53 13.08 10.63
C LYS C 127 28.66 13.20 11.87
N SER C 128 27.34 13.10 11.70
CA SER C 128 26.42 13.28 12.82
C SER C 128 26.23 12.01 13.65
N GLY C 129 26.83 10.89 13.25
CA GLY C 129 26.81 9.66 14.02
C GLY C 129 25.88 8.58 13.50
N THR C 130 24.97 8.91 12.61
CA THR C 130 23.99 7.96 12.11
C THR C 130 24.20 7.76 10.60
N ALA C 131 23.89 6.57 10.12
CA ALA C 131 24.08 6.22 8.72
C ALA C 131 22.78 5.63 8.19
N SER C 132 22.20 6.28 7.18
CA SER C 132 20.96 5.81 6.55
C SER C 132 21.26 5.37 5.12
N VAL C 133 21.01 4.10 4.82
CA VAL C 133 21.13 3.56 3.47
C VAL C 133 19.74 3.46 2.87
N VAL C 134 19.56 4.06 1.68
CA VAL C 134 18.25 4.18 1.05
C VAL C 134 18.22 3.34 -0.23
N CYS C 135 17.16 2.55 -0.39
CA CYS C 135 16.92 1.74 -1.58
C CYS C 135 15.64 2.22 -2.23
N LEU C 136 15.69 2.51 -3.52
CA LEU C 136 14.56 3.05 -4.25
C LEU C 136 14.05 2.02 -5.27
N LEU C 137 12.77 1.68 -5.16
CA LEU C 137 12.07 0.85 -6.15
C LEU C 137 11.14 1.76 -6.93
N ASN C 138 11.40 1.93 -8.22
CA ASN C 138 10.81 3.02 -8.98
C ASN C 138 9.88 2.48 -10.06
N ASN C 139 8.61 2.89 -10.00
CA ASN C 139 7.62 2.75 -11.08
C ASN C 139 7.41 1.29 -11.48
N PHE C 140 6.70 0.57 -10.61
CA PHE C 140 6.43 -0.85 -10.79
C PHE C 140 4.95 -1.16 -10.62
N TYR C 141 4.53 -2.34 -11.08
CA TYR C 141 3.16 -2.83 -10.91
C TYR C 141 3.16 -4.34 -11.01
N PRO C 142 2.41 -5.06 -10.18
CA PRO C 142 1.52 -4.57 -9.11
C PRO C 142 2.27 -4.08 -7.88
N ARG C 143 1.52 -3.65 -6.87
CA ARG C 143 2.07 -2.96 -5.70
C ARG C 143 2.94 -3.85 -4.82
N GLU C 144 2.76 -5.17 -4.87
CA GLU C 144 3.47 -6.04 -3.93
C GLU C 144 4.93 -6.20 -4.35
N ALA C 145 5.82 -5.93 -3.40
CA ALA C 145 7.26 -6.04 -3.63
C ALA C 145 7.96 -6.32 -2.30
N LYS C 146 8.95 -7.20 -2.34
CA LYS C 146 9.79 -7.50 -1.18
C LYS C 146 11.15 -6.84 -1.35
N VAL C 147 11.56 -6.09 -0.34
CA VAL C 147 12.91 -5.52 -0.26
C VAL C 147 13.67 -6.25 0.84
N GLN C 148 14.91 -6.63 0.55
CA GLN C 148 15.72 -7.47 1.43
C GLN C 148 17.05 -6.78 1.63
N TRP C 149 17.34 -6.36 2.86
CA TRP C 149 18.62 -5.75 3.18
C TRP C 149 19.62 -6.82 3.60
N LYS C 150 20.80 -6.81 2.98
CA LYS C 150 21.90 -7.70 3.34
C LYS C 150 23.16 -6.87 3.56
N VAL C 151 23.79 -7.07 4.71
CA VAL C 151 25.03 -6.40 5.06
C VAL C 151 26.09 -7.46 5.23
N ASP C 152 27.09 -7.46 4.35
CA ASP C 152 28.11 -8.52 4.28
C ASP C 152 27.46 -9.89 4.13
N ASN C 153 26.44 -9.96 3.28
CA ASN C 153 25.63 -11.15 3.02
C ASN C 153 24.87 -11.64 4.25
N ALA C 154 24.77 -10.83 5.29
CA ALA C 154 23.93 -11.13 6.44
C ALA C 154 22.59 -10.43 6.26
N LEU C 155 21.51 -11.21 6.19
CA LEU C 155 20.19 -10.65 6.04
C LEU C 155 19.81 -9.90 7.31
N GLN C 156 19.16 -8.74 7.13
CA GLN C 156 18.86 -7.81 8.22
C GLN C 156 17.40 -7.90 8.62
N SER C 157 17.15 -7.59 9.90
CA SER C 157 15.80 -7.57 10.45
C SER C 157 15.70 -6.46 11.47
N GLY C 158 14.54 -5.79 11.49
CA GLY C 158 14.21 -4.82 12.51
C GLY C 158 14.88 -3.46 12.39
N ASN C 159 15.68 -3.22 11.36
CA ASN C 159 16.44 -1.98 11.29
C ASN C 159 16.20 -1.25 9.98
N SER C 160 15.02 -1.45 9.37
CA SER C 160 14.65 -0.74 8.16
C SER C 160 13.17 -0.38 8.23
N GLN C 161 12.80 0.67 7.50
CA GLN C 161 11.42 1.06 7.32
C GLN C 161 11.21 1.45 5.87
N GLU C 162 9.97 1.34 5.39
CA GLU C 162 9.69 1.66 3.99
C GLU C 162 8.32 2.31 3.88
N SER C 163 8.14 3.06 2.80
CA SER C 163 6.83 3.56 2.44
C SER C 163 6.67 3.49 0.93
N VAL C 164 5.40 3.46 0.49
CA VAL C 164 5.03 3.30 -0.90
C VAL C 164 4.15 4.48 -1.29
N THR C 165 4.27 4.92 -2.53
CA THR C 165 3.47 6.02 -3.01
C THR C 165 2.03 5.58 -3.32
N GLU C 166 1.13 6.55 -3.39
CA GLU C 166 -0.14 6.31 -4.04
C GLU C 166 0.10 5.95 -5.51
N GLN C 167 -0.87 5.23 -6.10
CA GLN C 167 -0.76 4.86 -7.50
C GLN C 167 -0.67 6.11 -8.37
N ASP C 168 0.28 6.11 -9.30
CA ASP C 168 0.53 7.30 -10.09
C ASP C 168 -0.64 7.62 -11.02
N SER C 169 -0.99 8.90 -11.12
CA SER C 169 -2.14 9.29 -11.93
C SER C 169 -1.89 9.11 -13.42
N LYS C 170 -0.63 9.13 -13.87
CA LYS C 170 -0.31 9.07 -15.29
C LYS C 170 -0.03 7.66 -15.79
N ASP C 171 0.82 6.88 -15.10
CA ASP C 171 1.18 5.55 -15.59
C ASP C 171 0.69 4.41 -14.71
N SER C 172 -0.03 4.71 -13.63
CA SER C 172 -0.66 3.69 -12.78
C SER C 172 0.35 2.77 -12.10
N THR C 173 1.59 3.22 -11.90
CA THR C 173 2.58 2.44 -11.18
C THR C 173 2.70 2.90 -9.73
N TYR C 174 3.52 2.16 -8.99
CA TYR C 174 3.86 2.45 -7.60
C TYR C 174 5.37 2.62 -7.47
N SER C 175 5.77 3.30 -6.41
CA SER C 175 7.19 3.43 -6.06
C SER C 175 7.35 3.17 -4.56
N LEU C 176 8.56 2.81 -4.17
CA LEU C 176 8.81 2.37 -2.82
C LEU C 176 10.22 2.79 -2.41
N SER C 177 10.35 3.24 -1.18
CA SER C 177 11.61 3.71 -0.62
C SER C 177 11.83 2.98 0.69
N SER C 178 12.94 2.27 0.81
CA SER C 178 13.31 1.58 2.04
C SER C 178 14.59 2.17 2.58
N THR C 179 14.59 2.49 3.88
CA THR C 179 15.73 3.09 4.56
C THR C 179 16.23 2.10 5.60
N LEU C 180 17.51 1.73 5.49
CA LEU C 180 18.21 0.95 6.51
C LEU C 180 19.03 1.90 7.35
N THR C 181 18.85 1.85 8.67
CA THR C 181 19.49 2.78 9.58
C THR C 181 20.43 2.04 10.52
N LEU C 182 21.70 2.43 10.51
CA LEU C 182 22.71 1.91 11.41
C LEU C 182 23.35 3.08 12.13
N SER C 183 24.12 2.78 13.16
CA SER C 183 25.01 3.80 13.71
C SER C 183 26.28 3.85 12.88
N LYS C 184 26.98 5.00 12.96
CA LYS C 184 28.25 5.13 12.27
C LYS C 184 29.21 4.02 12.68
N ALA C 185 29.20 3.65 13.97
CA ALA C 185 30.05 2.56 14.45
C ALA C 185 29.73 1.26 13.72
N ASP C 186 28.45 0.87 13.71
CA ASP C 186 28.09 -0.39 13.06
C ASP C 186 28.30 -0.30 11.55
N TYR C 187 27.97 0.84 10.95
CA TYR C 187 28.13 0.99 9.51
C TYR C 187 29.57 0.79 9.07
N GLU C 188 30.53 1.21 9.88
CA GLU C 188 31.94 1.11 9.49
C GLU C 188 32.56 -0.23 9.84
N LYS C 189 31.81 -1.15 10.43
CA LYS C 189 32.31 -2.50 10.67
C LYS C 189 32.19 -3.39 9.43
N HIS C 190 31.36 -3.00 8.47
CA HIS C 190 31.01 -3.86 7.35
C HIS C 190 31.33 -3.17 6.03
N LYS C 191 31.54 -3.99 5.00
CA LYS C 191 32.03 -3.54 3.70
C LYS C 191 30.94 -3.43 2.64
N VAL C 192 30.16 -4.49 2.44
CA VAL C 192 29.22 -4.56 1.33
C VAL C 192 27.81 -4.33 1.85
N TYR C 193 27.12 -3.37 1.24
CA TYR C 193 25.72 -3.06 1.56
C TYR C 193 24.88 -3.32 0.33
N ALA C 194 23.88 -4.17 0.46
CA ALA C 194 23.08 -4.62 -0.67
C ALA C 194 21.61 -4.57 -0.34
N CYS C 195 20.81 -4.27 -1.36
CA CYS C 195 19.34 -4.37 -1.24
CA CYS C 195 19.35 -4.32 -1.27
C CYS C 195 18.84 -5.24 -2.38
N GLU C 196 18.15 -6.32 -2.02
CA GLU C 196 17.70 -7.34 -2.95
C GLU C 196 16.20 -7.23 -3.13
N VAL C 197 15.75 -7.14 -4.38
CA VAL C 197 14.37 -6.83 -4.72
C VAL C 197 13.71 -8.03 -5.36
N THR C 198 12.58 -8.46 -4.80
CA THR C 198 11.75 -9.50 -5.38
C THR C 198 10.45 -8.86 -5.89
N HIS C 199 10.08 -9.18 -7.13
CA HIS C 199 8.87 -8.62 -7.69
C HIS C 199 8.43 -9.46 -8.90
N GLN C 200 7.14 -9.75 -8.96
CA GLN C 200 6.56 -10.30 -10.18
C GLN C 200 6.85 -9.36 -11.34
N GLY C 201 7.63 -9.84 -12.31
CA GLY C 201 8.16 -8.96 -13.34
C GLY C 201 9.67 -8.90 -13.34
N LEU C 202 10.32 -9.47 -12.34
CA LEU C 202 11.73 -9.82 -12.38
C LEU C 202 11.84 -11.33 -12.41
N SER C 203 12.62 -11.86 -13.35
CA SER C 203 12.78 -13.30 -13.45
C SER C 203 13.41 -13.86 -12.18
N SER C 204 14.45 -13.19 -11.69
CA SER C 204 15.12 -13.53 -10.45
C SER C 204 15.33 -12.24 -9.68
N PRO C 205 15.53 -12.33 -8.36
CA PRO C 205 15.69 -11.10 -7.56
C PRO C 205 16.89 -10.26 -8.00
N VAL C 206 16.63 -8.99 -8.24
CA VAL C 206 17.67 -8.01 -8.56
C VAL C 206 18.34 -7.55 -7.27
N THR C 207 19.67 -7.46 -7.30
CA THR C 207 20.45 -6.91 -6.19
C THR C 207 21.16 -5.66 -6.66
N LYS C 208 21.15 -4.62 -5.82
CA LYS C 208 21.96 -3.43 -6.01
C LYS C 208 22.80 -3.23 -4.75
N SER C 209 24.08 -2.95 -4.93
CA SER C 209 24.98 -2.90 -3.80
C SER C 209 26.14 -1.95 -4.07
N PHE C 210 26.79 -1.54 -2.99
CA PHE C 210 27.99 -0.72 -3.05
C PHE C 210 28.95 -1.17 -1.96
N ASN C 211 30.21 -0.79 -2.12
CA ASN C 211 31.24 -1.02 -1.10
C ASN C 211 31.47 0.28 -0.35
N ARG C 212 31.44 0.20 0.98
CA ARG C 212 31.61 1.38 1.80
C ARG C 212 32.93 2.06 1.50
N GLY C 213 32.87 3.36 1.16
CA GLY C 213 34.04 4.10 0.76
C GLY C 213 34.65 3.59 -0.53
N GLU C 214 33.90 3.65 -1.62
CA GLU C 214 34.36 3.16 -2.91
C GLU C 214 34.18 4.21 -4.00
N GLN D 1 -24.23 23.75 0.59
CA GLN D 1 -24.80 24.93 1.24
C GLN D 1 -24.53 24.88 2.74
N VAL D 2 -24.53 23.68 3.30
CA VAL D 2 -24.11 23.46 4.68
C VAL D 2 -22.61 23.21 4.68
N GLN D 3 -21.87 24.06 5.38
CA GLN D 3 -20.43 23.97 5.45
C GLN D 3 -20.02 23.70 6.90
N LEU D 4 -19.01 22.85 7.09
CA LEU D 4 -18.47 22.56 8.41
C LEU D 4 -16.99 22.90 8.43
N VAL D 5 -16.59 23.72 9.41
CA VAL D 5 -15.20 24.14 9.56
C VAL D 5 -14.70 23.68 10.93
N GLN D 6 -13.60 22.95 10.94
CA GLN D 6 -13.06 22.38 12.16
C GLN D 6 -11.85 23.16 12.64
N SER D 7 -11.61 23.13 13.95
CA SER D 7 -10.41 23.73 14.53
C SER D 7 -9.16 23.03 14.02
N GLY D 8 -8.01 23.67 14.24
CA GLY D 8 -6.78 23.28 13.60
C GLY D 8 -6.08 22.12 14.27
N ALA D 9 -4.98 21.69 13.63
CA ALA D 9 -4.18 20.57 14.11
C ALA D 9 -3.67 20.82 15.52
N GLU D 10 -3.51 19.74 16.28
CA GLU D 10 -2.98 19.81 17.63
C GLU D 10 -1.95 18.72 17.86
N VAL D 11 -1.03 19.01 18.77
CA VAL D 11 -0.05 18.04 19.28
C VAL D 11 -0.24 17.98 20.78
N LYS D 12 -0.51 16.78 21.29
CA LYS D 12 -0.76 16.61 22.71
C LYS D 12 0.18 15.55 23.26
N LYS D 13 0.54 15.70 24.53
CA LYS D 13 1.34 14.69 25.21
C LYS D 13 0.44 13.60 25.77
N PRO D 14 0.96 12.38 25.88
CA PRO D 14 0.15 11.29 26.46
C PRO D 14 -0.38 11.67 27.83
N GLY D 15 -1.65 11.36 28.07
CA GLY D 15 -2.31 11.68 29.32
C GLY D 15 -3.09 12.98 29.32
N SER D 16 -2.89 13.85 28.34
CA SER D 16 -3.57 15.13 28.31
C SER D 16 -4.94 15.00 27.67
N SER D 17 -5.63 16.14 27.55
CA SER D 17 -6.94 16.21 26.93
C SER D 17 -6.91 17.14 25.73
N VAL D 18 -7.81 16.89 24.77
CA VAL D 18 -7.95 17.78 23.63
C VAL D 18 -9.44 17.99 23.39
N LYS D 19 -9.81 19.22 23.08
CA LYS D 19 -11.15 19.57 22.65
C LYS D 19 -11.07 20.08 21.22
N VAL D 20 -11.88 19.51 20.34
CA VAL D 20 -11.94 19.87 18.94
C VAL D 20 -13.30 20.48 18.66
N SER D 21 -13.33 21.56 17.89
CA SER D 21 -14.59 22.21 17.54
C SER D 21 -14.92 22.01 16.06
N CYS D 22 -16.18 22.25 15.74
CA CYS D 22 -16.72 22.10 14.39
C CYS D 22 -17.81 23.15 14.26
N LYS D 23 -17.59 24.17 13.43
CA LYS D 23 -18.56 25.24 13.24
C LYS D 23 -19.35 25.00 11.96
N ALA D 24 -20.67 25.14 12.05
CA ALA D 24 -21.60 24.83 10.98
C ALA D 24 -22.31 26.09 10.53
N SER D 25 -22.31 26.34 9.22
CA SER D 25 -22.99 27.49 8.64
C SER D 25 -23.85 27.03 7.49
N GLY D 26 -25.01 27.65 7.34
CA GLY D 26 -25.99 27.14 6.40
C GLY D 26 -26.88 26.09 7.04
N GLY D 27 -28.13 26.04 6.56
CA GLY D 27 -29.07 25.07 7.07
C GLY D 27 -29.36 25.16 8.56
N THR D 28 -30.32 24.38 9.04
CA THR D 28 -30.63 24.38 10.46
C THR D 28 -29.58 23.60 11.23
N PHE D 29 -29.34 24.01 12.48
CA PHE D 29 -28.29 23.40 13.29
C PHE D 29 -28.81 22.47 14.39
N SER D 30 -29.97 22.76 14.98
CA SER D 30 -30.32 22.10 16.24
C SER D 30 -30.99 20.74 16.04
N SER D 31 -31.64 20.51 14.91
CA SER D 31 -32.44 19.31 14.74
C SER D 31 -31.76 18.24 13.90
N TYR D 32 -30.46 18.35 13.65
CA TYR D 32 -29.77 17.36 12.83
C TYR D 32 -28.56 16.83 13.58
N ALA D 33 -28.37 15.52 13.47
CA ALA D 33 -27.32 14.84 14.23
C ALA D 33 -25.96 15.24 13.72
N ILE D 34 -25.05 15.55 14.64
CA ILE D 34 -23.65 15.80 14.35
C ILE D 34 -22.84 14.72 15.01
N SER D 35 -22.02 14.02 14.24
CA SER D 35 -21.19 12.96 14.75
C SER D 35 -19.71 13.30 14.63
N TRP D 36 -18.90 12.52 15.31
CA TRP D 36 -17.45 12.55 15.20
C TRP D 36 -16.97 11.18 14.73
N VAL D 37 -16.09 11.19 13.74
CA VAL D 37 -15.59 9.98 13.09
C VAL D 37 -14.08 10.16 12.96
N ARG D 38 -13.31 9.18 13.41
CA ARG D 38 -11.87 9.32 13.37
C ARG D 38 -11.26 8.26 12.47
N GLN D 39 -10.02 8.54 12.04
CA GLN D 39 -9.33 7.67 11.10
C GLN D 39 -7.83 7.72 11.42
N ALA D 40 -7.30 6.63 11.95
CA ALA D 40 -5.88 6.53 12.21
C ALA D 40 -5.11 6.36 10.89
N PRO D 41 -3.83 6.71 10.86
CA PRO D 41 -3.07 6.63 9.61
C PRO D 41 -3.15 5.25 8.95
N GLY D 42 -3.54 5.26 7.68
CA GLY D 42 -3.66 4.03 6.91
C GLY D 42 -4.72 3.07 7.39
N GLN D 43 -5.77 3.57 8.02
CA GLN D 43 -6.80 2.72 8.62
C GLN D 43 -8.17 3.25 8.23
N GLY D 44 -9.22 2.58 8.71
CA GLY D 44 -10.57 2.86 8.28
C GLY D 44 -11.26 3.91 9.12
N LEU D 45 -12.52 4.18 8.75
CA LEU D 45 -13.37 5.10 9.50
C LEU D 45 -13.92 4.42 10.73
N GLU D 46 -14.09 5.19 11.82
CA GLU D 46 -14.60 4.67 13.07
C GLU D 46 -15.45 5.73 13.76
N TRP D 47 -16.71 5.40 14.02
CA TRP D 47 -17.64 6.32 14.67
C TRP D 47 -17.35 6.38 16.17
N MET D 48 -17.24 7.59 16.70
CA MET D 48 -16.99 7.80 18.12
C MET D 48 -18.25 8.09 18.91
N GLY D 49 -19.17 8.83 18.32
CA GLY D 49 -20.37 9.28 18.99
C GLY D 49 -20.97 10.44 18.23
N GLY D 50 -22.13 10.87 18.69
CA GLY D 50 -22.82 11.95 18.02
C GLY D 50 -23.85 12.58 18.93
N ILE D 51 -24.45 13.66 18.46
CA ILE D 51 -25.43 14.39 19.26
C ILE D 51 -26.44 15.06 18.33
N ILE D 52 -27.69 15.06 18.75
CA ILE D 52 -28.73 15.89 18.16
C ILE D 52 -28.95 17.07 19.11
N PRO D 53 -28.61 18.30 18.71
CA PRO D 53 -28.56 19.41 19.69
C PRO D 53 -29.86 19.68 20.44
N ILE D 54 -31.03 19.46 19.82
CA ILE D 54 -32.28 19.71 20.55
C ILE D 54 -32.39 18.82 21.79
N PHE D 55 -31.73 17.66 21.80
CA PHE D 55 -31.84 16.72 22.91
C PHE D 55 -30.74 16.88 23.96
N GLY D 56 -29.62 17.49 23.63
CA GLY D 56 -28.63 17.89 24.61
C GLY D 56 -27.75 16.79 25.19
N THR D 57 -28.13 15.52 25.05
CA THR D 57 -27.31 14.41 25.51
C THR D 57 -26.79 13.65 24.30
N ALA D 58 -25.49 13.34 24.31
CA ALA D 58 -24.86 12.65 23.21
C ALA D 58 -24.87 11.14 23.43
N ASN D 59 -24.63 10.41 22.35
CA ASN D 59 -24.43 8.97 22.36
C ASN D 59 -22.99 8.67 21.96
N TYR D 60 -22.45 7.58 22.49
CA TYR D 60 -21.05 7.25 22.30
C TYR D 60 -20.91 5.78 21.94
N ALA D 61 -19.94 5.49 21.07
CA ALA D 61 -19.51 4.11 20.89
C ALA D 61 -18.96 3.55 22.19
N GLN D 62 -19.14 2.24 22.38
CA GLN D 62 -18.69 1.63 23.63
C GLN D 62 -17.20 1.86 23.86
N LYS D 63 -16.40 1.79 22.79
CA LYS D 63 -14.95 1.96 22.89
C LYS D 63 -14.54 3.30 23.51
N PHE D 64 -15.39 4.33 23.42
CA PHE D 64 -15.02 5.65 23.91
C PHE D 64 -15.85 6.12 25.10
N GLN D 65 -16.77 5.28 25.59
CA GLN D 65 -17.54 5.64 26.77
C GLN D 65 -16.61 5.99 27.92
N GLY D 66 -16.82 7.17 28.53
CA GLY D 66 -16.02 7.60 29.65
C GLY D 66 -14.78 8.38 29.31
N ARG D 67 -14.34 8.35 28.05
CA ARG D 67 -13.16 9.08 27.62
C ARG D 67 -13.46 10.25 26.71
N VAL D 68 -14.65 10.29 26.11
CA VAL D 68 -15.00 11.32 25.15
C VAL D 68 -16.29 11.99 25.61
N THR D 69 -16.38 13.30 25.36
CA THR D 69 -17.54 14.11 25.69
C THR D 69 -17.87 14.96 24.47
N ILE D 70 -19.11 14.84 23.99
CA ILE D 70 -19.58 15.52 22.78
C ILE D 70 -20.68 16.50 23.18
N THR D 71 -20.53 17.75 22.78
CA THR D 71 -21.46 18.81 23.16
C THR D 71 -21.75 19.70 21.96
N ALA D 72 -22.80 20.50 22.08
CA ALA D 72 -23.21 21.39 21.01
C ALA D 72 -23.65 22.72 21.58
N ASP D 73 -23.25 23.80 20.92
CA ASP D 73 -23.55 25.18 21.34
C ASP D 73 -24.52 25.75 20.32
N LYS D 74 -25.79 25.83 20.70
CA LYS D 74 -26.83 26.24 19.77
C LYS D 74 -26.59 27.67 19.26
N SER D 75 -26.16 28.57 20.14
CA SER D 75 -26.06 29.98 19.78
C SER D 75 -25.01 30.23 18.71
N THR D 76 -23.99 29.39 18.63
CA THR D 76 -22.89 29.59 17.68
C THR D 76 -22.84 28.50 16.62
N SER D 77 -23.74 27.53 16.67
CA SER D 77 -23.74 26.40 15.75
C SER D 77 -22.38 25.69 15.75
N THR D 78 -21.90 25.38 16.95
CA THR D 78 -20.62 24.70 17.09
C THR D 78 -20.80 23.42 17.88
N ALA D 79 -20.31 22.32 17.32
CA ALA D 79 -20.23 21.05 18.00
C ALA D 79 -18.82 20.86 18.53
N TYR D 80 -18.70 20.21 19.67
CA TYR D 80 -17.40 19.99 20.27
C TYR D 80 -17.22 18.51 20.55
N MET D 81 -15.98 18.07 20.49
CA MET D 81 -15.65 16.74 20.96
C MET D 81 -14.36 16.85 21.77
N GLU D 82 -14.36 16.28 22.96
CA GLU D 82 -13.25 16.40 23.90
C GLU D 82 -12.82 15.00 24.29
N LEU D 83 -11.59 14.64 23.96
CA LEU D 83 -11.06 13.32 24.23
C LEU D 83 -9.97 13.43 25.30
N SER D 84 -10.05 12.59 26.32
CA SER D 84 -9.18 12.71 27.49
C SER D 84 -8.29 11.49 27.64
N SER D 85 -7.33 11.62 28.55
CA SER D 85 -6.22 10.67 28.75
C SER D 85 -5.75 10.08 27.43
N LEU D 86 -5.24 10.98 26.59
CA LEU D 86 -4.82 10.60 25.24
C LEU D 86 -3.65 9.62 25.27
N ARG D 87 -3.69 8.65 24.37
CA ARG D 87 -2.63 7.69 24.15
C ARG D 87 -2.20 7.79 22.69
N SER D 88 -1.05 7.19 22.37
CA SER D 88 -0.48 7.37 21.04
C SER D 88 -1.40 6.79 19.96
N GLU D 89 -2.20 5.79 20.31
CA GLU D 89 -3.14 5.21 19.36
C GLU D 89 -4.31 6.13 19.06
N ASP D 90 -4.44 7.25 19.76
CA ASP D 90 -5.41 8.28 19.44
C ASP D 90 -4.92 9.24 18.35
N THR D 91 -3.68 9.09 17.92
CA THR D 91 -3.19 9.83 16.76
C THR D 91 -4.05 9.49 15.55
N ALA D 92 -4.73 10.49 15.01
CA ALA D 92 -5.67 10.26 13.91
C ALA D 92 -6.14 11.60 13.37
N VAL D 93 -6.86 11.55 12.26
CA VAL D 93 -7.64 12.69 11.78
C VAL D 93 -9.05 12.53 12.35
N TYR D 94 -9.61 13.62 12.87
CA TYR D 94 -10.92 13.62 13.50
C TYR D 94 -11.86 14.44 12.62
N TYR D 95 -12.90 13.78 12.10
CA TYR D 95 -13.88 14.44 11.26
C TYR D 95 -15.18 14.66 12.03
N CYS D 96 -15.81 15.78 11.77
CA CYS D 96 -17.18 15.98 12.18
CA CYS D 96 -17.18 16.07 12.17
C CYS D 96 -18.08 15.80 10.97
N ALA D 97 -19.20 15.12 11.18
CA ALA D 97 -20.10 14.80 10.09
C ALA D 97 -21.52 15.09 10.52
N ARG D 98 -22.30 15.70 9.62
CA ARG D 98 -23.68 16.07 9.88
C ARG D 98 -24.58 15.25 8.97
N GLU D 99 -25.61 14.64 9.54
CA GLU D 99 -26.57 13.91 8.73
C GLU D 99 -27.35 14.89 7.86
N GLY D 100 -27.65 14.47 6.65
CA GLY D 100 -28.34 15.35 5.73
C GLY D 100 -29.82 15.40 5.98
N GLU D 101 -30.46 16.35 5.31
CA GLU D 101 -31.90 16.51 5.36
C GLU D 101 -32.50 15.81 4.15
N GLY D 102 -33.67 15.21 4.34
CA GLY D 102 -34.30 14.48 3.26
C GLY D 102 -35.05 15.38 2.29
N TRP D 103 -35.49 14.76 1.18
CA TRP D 103 -36.29 15.48 0.20
C TRP D 103 -37.61 15.90 0.85
N PHE D 104 -37.65 17.09 1.43
CA PHE D 104 -38.84 17.71 2.02
C PHE D 104 -39.38 16.85 3.18
N GLY D 105 -38.57 16.79 4.24
CA GLY D 105 -39.01 16.17 5.47
C GLY D 105 -38.06 15.18 6.12
N LYS D 106 -38.39 13.88 5.99
CA LYS D 106 -37.75 12.71 6.59
C LYS D 106 -36.23 12.85 6.72
N PRO D 107 -35.63 12.35 7.80
CA PRO D 107 -34.16 12.38 7.91
C PRO D 107 -33.51 11.48 6.87
N LEU D 108 -32.23 11.77 6.61
CA LEU D 108 -31.50 11.11 5.54
C LEU D 108 -30.82 9.81 5.96
N ARG D 109 -30.41 9.71 7.21
CA ARG D 109 -29.74 8.51 7.73
C ARG D 109 -28.40 8.28 7.03
N ALA D 110 -27.65 9.36 6.82
CA ALA D 110 -26.33 9.28 6.24
C ALA D 110 -25.63 10.60 6.51
N PHE D 111 -24.31 10.57 6.56
CA PHE D 111 -23.52 11.79 6.73
C PHE D 111 -23.35 12.46 5.38
N GLU D 112 -24.19 13.47 5.11
CA GLU D 112 -24.06 14.19 3.85
C GLU D 112 -22.92 15.20 3.86
N PHE D 113 -22.65 15.81 5.01
CA PHE D 113 -21.68 16.89 5.10
C PHE D 113 -20.58 16.51 6.08
N TRP D 114 -19.35 16.82 5.70
CA TRP D 114 -18.16 16.49 6.46
C TRP D 114 -17.30 17.74 6.62
N GLY D 115 -16.66 17.87 7.77
CA GLY D 115 -15.63 18.87 7.94
C GLY D 115 -14.36 18.46 7.21
N GLN D 116 -13.36 19.35 7.29
CA GLN D 116 -12.11 19.09 6.60
C GLN D 116 -11.18 18.19 7.40
N GLY D 117 -11.53 17.88 8.64
CA GLY D 117 -10.67 17.03 9.44
C GLY D 117 -9.72 17.83 10.31
N THR D 118 -9.36 17.23 11.45
CA THR D 118 -8.44 17.81 12.40
C THR D 118 -7.42 16.73 12.75
N VAL D 119 -6.15 17.01 12.49
CA VAL D 119 -5.09 16.08 12.83
C VAL D 119 -4.70 16.29 14.29
N ILE D 120 -4.90 15.26 15.11
CA ILE D 120 -4.43 15.25 16.50
C ILE D 120 -3.27 14.27 16.56
N THR D 121 -2.12 14.74 17.01
CA THR D 121 -0.95 13.88 17.20
C THR D 121 -0.68 13.76 18.69
N VAL D 122 -0.63 12.52 19.18
CA VAL D 122 -0.34 12.26 20.58
C VAL D 122 1.05 11.67 20.66
N SER D 123 1.97 12.39 21.30
CA SER D 123 3.38 12.01 21.32
C SER D 123 4.07 12.75 22.45
N SER D 124 5.21 12.21 22.88
CA SER D 124 6.08 12.91 23.82
C SER D 124 7.12 13.79 23.13
N ALA D 125 7.30 13.65 21.82
CA ALA D 125 8.34 14.40 21.12
C ALA D 125 8.06 15.90 21.18
N SER D 126 9.13 16.68 20.99
CA SER D 126 9.05 18.13 20.90
C SER D 126 9.24 18.57 19.47
N THR D 127 8.76 19.77 19.15
CA THR D 127 8.86 20.28 17.80
C THR D 127 10.31 20.38 17.36
N LYS D 128 10.59 19.84 16.19
CA LYS D 128 11.95 19.79 15.67
C LYS D 128 11.90 19.91 14.16
N GLY D 129 12.63 20.87 13.61
CA GLY D 129 12.73 21.02 12.17
C GLY D 129 13.60 19.96 11.55
N PRO D 130 13.37 19.67 10.27
CA PRO D 130 14.08 18.57 9.61
C PRO D 130 15.54 18.88 9.33
N SER D 131 16.36 17.84 9.40
CA SER D 131 17.67 17.82 8.76
C SER D 131 17.50 17.27 7.35
N VAL D 132 18.19 17.86 6.38
CA VAL D 132 18.01 17.50 4.98
C VAL D 132 19.34 17.00 4.43
N PHE D 133 19.38 15.72 4.04
CA PHE D 133 20.59 15.10 3.55
C PHE D 133 20.46 14.74 2.08
N PRO D 134 21.53 14.85 1.30
CA PRO D 134 21.43 14.51 -0.13
C PRO D 134 21.47 13.02 -0.38
N LEU D 135 20.61 12.58 -1.29
CA LEU D 135 20.75 11.27 -1.93
C LEU D 135 21.41 11.55 -3.29
N ALA D 136 22.72 11.40 -3.35
CA ALA D 136 23.50 11.83 -4.50
C ALA D 136 23.35 10.87 -5.67
N PRO D 137 23.40 11.38 -6.90
CA PRO D 137 23.33 10.49 -8.07
C PRO D 137 24.65 9.76 -8.29
N SER D 138 24.55 8.46 -8.57
CA SER D 138 25.72 7.62 -8.82
C SER D 138 26.10 7.62 -10.31
N SER D 143 21.24 3.91 -14.69
CA SER D 143 20.16 3.05 -15.14
C SER D 143 19.64 3.41 -16.53
N GLY D 144 20.28 2.87 -17.57
CA GLY D 144 19.84 3.06 -18.94
C GLY D 144 19.72 4.51 -19.35
N GLY D 145 20.76 5.31 -19.09
CA GLY D 145 20.72 6.72 -19.37
C GLY D 145 19.87 7.55 -18.43
N THR D 146 19.35 6.95 -17.34
CA THR D 146 18.51 7.63 -16.37
C THR D 146 19.19 7.61 -15.01
N ALA D 147 19.20 8.75 -14.34
CA ALA D 147 19.79 8.87 -13.02
C ALA D 147 18.73 9.24 -11.99
N ALA D 148 18.88 8.75 -10.77
CA ALA D 148 17.98 9.07 -9.66
C ALA D 148 18.73 9.83 -8.59
N LEU D 149 18.09 10.85 -8.03
CA LEU D 149 18.68 11.64 -6.96
C LEU D 149 17.56 12.10 -6.04
N GLY D 150 17.92 12.58 -4.86
CA GLY D 150 16.88 12.97 -3.94
C GLY D 150 17.42 13.58 -2.67
N CYS D 151 16.48 13.78 -1.73
CA CYS D 151 16.76 14.35 -0.41
CA CYS D 151 16.80 14.32 -0.42
C CYS D 151 16.15 13.45 0.65
N LEU D 152 16.90 13.21 1.72
CA LEU D 152 16.40 12.49 2.89
C LEU D 152 16.08 13.54 3.95
N VAL D 153 14.80 13.67 4.27
CA VAL D 153 14.29 14.67 5.19
C VAL D 153 14.08 13.94 6.51
N LYS D 154 15.03 14.08 7.44
CA LYS D 154 15.14 13.18 8.57
C LYS D 154 14.94 13.91 9.89
N ASP D 155 14.21 13.26 10.80
CA ASP D 155 14.18 13.62 12.23
C ASP D 155 13.47 14.94 12.50
N TYR D 156 12.22 15.06 12.05
CA TYR D 156 11.40 16.24 12.31
C TYR D 156 10.14 15.82 13.05
N PHE D 157 9.48 16.81 13.66
CA PHE D 157 8.24 16.56 14.38
C PHE D 157 7.51 17.87 14.59
N PRO D 158 6.19 17.93 14.41
CA PRO D 158 5.36 16.82 13.91
C PRO D 158 5.22 16.85 12.39
N GLU D 159 4.30 16.06 11.85
CA GLU D 159 3.92 16.19 10.46
C GLU D 159 3.21 17.52 10.26
N PRO D 160 3.14 18.02 9.01
CA PRO D 160 3.73 17.51 7.77
C PRO D 160 4.95 18.30 7.25
N VAL D 161 5.68 17.73 6.30
CA VAL D 161 6.65 18.48 5.51
C VAL D 161 6.24 18.42 4.05
N THR D 162 6.30 19.56 3.39
CA THR D 162 6.12 19.62 1.94
C THR D 162 7.49 19.73 1.28
N VAL D 163 7.67 18.96 0.19
CA VAL D 163 8.89 19.01 -0.61
C VAL D 163 8.52 19.44 -2.02
N SER D 164 9.39 20.25 -2.62
CA SER D 164 9.33 20.53 -4.05
C SER D 164 10.77 20.56 -4.57
N TRP D 165 10.89 20.62 -5.89
CA TRP D 165 12.20 20.55 -6.54
C TRP D 165 12.38 21.75 -7.48
N ASN D 166 13.51 22.44 -7.35
CA ASN D 166 13.84 23.61 -8.17
C ASN D 166 12.71 24.62 -8.16
N SER D 167 12.21 24.90 -6.96
CA SER D 167 11.16 25.90 -6.74
C SER D 167 9.89 25.60 -7.53
N GLY D 168 9.64 24.32 -7.84
CA GLY D 168 8.46 23.92 -8.56
C GLY D 168 8.65 23.73 -10.04
N ALA D 169 9.79 24.13 -10.59
CA ALA D 169 10.03 23.92 -12.02
C ALA D 169 10.16 22.43 -12.36
N LEU D 170 10.56 21.61 -11.40
CA LEU D 170 10.82 20.19 -11.63
C LEU D 170 9.72 19.39 -10.94
N THR D 171 8.83 18.81 -11.74
CA THR D 171 7.75 17.98 -11.19
C THR D 171 7.71 16.59 -11.83
N SER D 172 8.19 16.48 -13.06
CA SER D 172 8.19 15.18 -13.73
C SER D 172 9.26 14.27 -13.14
N GLY D 173 8.89 13.02 -12.91
CA GLY D 173 9.77 12.09 -12.26
C GLY D 173 9.87 12.21 -10.76
N VAL D 174 9.13 13.13 -10.13
CA VAL D 174 9.25 13.37 -8.70
C VAL D 174 8.32 12.43 -7.93
N HIS D 175 8.87 11.72 -6.95
CA HIS D 175 8.11 10.97 -5.96
C HIS D 175 8.49 11.46 -4.57
N THR D 176 7.53 11.99 -3.83
CA THR D 176 7.71 12.31 -2.43
C THR D 176 6.90 11.30 -1.62
N PHE D 177 7.59 10.56 -0.77
CA PHE D 177 7.10 9.37 -0.09
C PHE D 177 6.43 9.72 1.24
N PRO D 178 5.41 8.96 1.61
CA PRO D 178 4.81 9.11 2.94
C PRO D 178 5.88 9.03 4.02
N ALA D 179 5.84 9.97 4.95
CA ALA D 179 6.81 9.94 6.04
C ALA D 179 6.66 8.65 6.82
N VAL D 180 7.75 8.27 7.47
CA VAL D 180 7.82 7.09 8.31
C VAL D 180 8.13 7.55 9.73
N LEU D 181 7.50 6.91 10.72
CA LEU D 181 7.67 7.28 12.12
C LEU D 181 8.69 6.35 12.76
N GLN D 182 9.82 6.91 13.18
CA GLN D 182 10.93 6.12 13.70
C GLN D 182 10.78 5.87 15.20
N SER D 183 11.64 4.99 15.71
CA SER D 183 11.60 4.63 17.13
C SER D 183 11.86 5.83 18.02
N SER D 184 12.56 6.84 17.52
CA SER D 184 12.84 8.04 18.30
C SER D 184 11.60 8.90 18.54
N GLY D 185 10.49 8.60 17.87
CA GLY D 185 9.34 9.48 17.87
C GLY D 185 9.42 10.62 16.88
N LEU D 186 10.47 10.67 16.05
CA LEU D 186 10.58 11.65 15.00
C LEU D 186 10.25 11.02 13.65
N TYR D 187 9.86 11.86 12.70
CA TYR D 187 9.51 11.39 11.37
C TYR D 187 10.67 11.53 10.41
N SER D 188 10.56 10.83 9.28
CA SER D 188 11.58 10.82 8.26
C SER D 188 10.90 10.48 6.94
N LEU D 189 11.21 11.24 5.89
CA LEU D 189 10.73 10.90 4.55
C LEU D 189 11.82 11.14 3.53
N SER D 190 11.62 10.57 2.36
CA SER D 190 12.54 10.77 1.26
C SER D 190 11.78 11.30 0.05
N SER D 191 12.44 12.17 -0.70
CA SER D 191 11.92 12.70 -1.96
C SER D 191 12.98 12.41 -3.01
N VAL D 192 12.58 11.72 -4.07
CA VAL D 192 13.48 11.37 -5.15
C VAL D 192 12.96 11.96 -6.45
N VAL D 193 13.84 12.05 -7.42
CA VAL D 193 13.46 12.43 -8.77
C VAL D 193 14.38 11.67 -9.72
N THR D 194 13.84 11.27 -10.87
CA THR D 194 14.64 10.67 -11.92
C THR D 194 14.82 11.68 -13.05
N VAL D 195 16.06 11.83 -13.50
CA VAL D 195 16.44 12.79 -14.53
C VAL D 195 17.38 12.11 -15.51
N PRO D 196 17.55 12.68 -16.70
CA PRO D 196 18.58 12.15 -17.62
C PRO D 196 19.96 12.28 -17.02
N SER D 197 20.72 11.18 -17.07
CA SER D 197 22.08 11.21 -16.54
C SER D 197 22.99 12.16 -17.31
N SER D 198 22.63 12.52 -18.55
CA SER D 198 23.38 13.53 -19.29
C SER D 198 23.14 14.95 -18.76
N SER D 199 22.19 15.15 -17.85
CA SER D 199 21.86 16.46 -17.32
C SER D 199 22.58 16.78 -16.02
N LEU D 200 23.34 15.82 -15.45
CA LEU D 200 23.97 16.06 -14.16
C LEU D 200 25.05 17.12 -14.25
N GLY D 201 25.74 17.21 -15.39
CA GLY D 201 26.79 18.20 -15.52
C GLY D 201 26.30 19.61 -15.71
N THR D 202 25.11 19.78 -16.29
CA THR D 202 24.61 21.10 -16.67
C THR D 202 23.47 21.60 -15.79
N GLN D 203 22.58 20.73 -15.33
CA GLN D 203 21.41 21.16 -14.59
C GLN D 203 21.65 21.04 -13.08
N THR D 204 21.19 22.05 -12.34
CA THR D 204 21.27 22.07 -10.88
C THR D 204 19.96 21.60 -10.27
N TYR D 205 20.05 20.69 -9.30
CA TYR D 205 18.89 20.10 -8.66
C TYR D 205 18.87 20.47 -7.18
N ILE D 206 17.86 21.23 -6.79
CA ILE D 206 17.69 21.71 -5.43
C ILE D 206 16.35 21.21 -4.92
N CYS D 207 16.35 20.62 -3.74
CA CYS D 207 15.10 20.20 -3.10
CA CYS D 207 15.14 20.18 -3.07
C CYS D 207 14.71 21.23 -2.04
N ASN D 208 13.46 21.66 -2.11
CA ASN D 208 12.94 22.71 -1.23
C ASN D 208 12.04 22.06 -0.19
N VAL D 209 12.45 22.14 1.07
CA VAL D 209 11.77 21.47 2.18
C VAL D 209 11.10 22.51 3.04
N ASN D 210 9.81 22.30 3.31
CA ASN D 210 9.00 23.20 4.12
C ASN D 210 8.47 22.45 5.33
N HIS D 211 8.50 23.10 6.49
CA HIS D 211 8.01 22.52 7.75
C HIS D 211 7.42 23.69 8.56
N LYS D 212 6.14 23.97 8.32
CA LYS D 212 5.47 25.05 9.03
C LYS D 212 5.54 24.95 10.55
N PRO D 213 5.34 23.80 11.20
CA PRO D 213 5.34 23.77 12.67
C PRO D 213 6.62 24.33 13.30
N SER D 214 7.75 24.26 12.61
CA SER D 214 8.99 24.86 13.08
C SER D 214 9.43 26.03 12.21
N ASN D 215 8.58 26.46 11.28
CA ASN D 215 8.88 27.55 10.34
C ASN D 215 10.23 27.31 9.66
N THR D 216 10.41 26.09 9.17
CA THR D 216 11.60 25.72 8.42
C THR D 216 11.28 25.86 6.94
N LYS D 217 12.12 26.62 6.24
CA LYS D 217 12.10 26.75 4.79
C LYS D 217 13.55 26.60 4.37
N VAL D 218 13.89 25.46 3.77
CA VAL D 218 15.28 25.07 3.60
C VAL D 218 15.45 24.50 2.19
N ASP D 219 16.58 24.84 1.56
CA ASP D 219 16.88 24.42 0.19
C ASP D 219 18.21 23.67 0.19
N LYS D 220 18.20 22.46 -0.36
CA LYS D 220 19.37 21.59 -0.38
C LYS D 220 19.76 21.30 -1.81
N LYS D 221 20.95 21.75 -2.21
CA LYS D 221 21.53 21.42 -3.51
C LYS D 221 22.07 20.00 -3.47
N VAL D 222 21.61 19.16 -4.38
CA VAL D 222 22.08 17.79 -4.49
C VAL D 222 23.09 17.71 -5.63
N GLU D 223 24.37 17.41 -5.30
CA GLU D 223 25.43 17.34 -6.28
C GLU D 223 25.78 15.90 -6.60
N PRO D 224 26.28 15.63 -7.82
CA PRO D 224 26.78 14.29 -8.12
C PRO D 224 28.06 14.00 -7.33
N LYS D 225 28.29 12.73 -7.04
CA LYS D 225 29.46 12.29 -6.31
C LYS D 225 30.55 11.84 -7.27
N SER D 226 31.80 11.94 -6.81
CA SER D 226 32.94 11.42 -7.56
C SER D 226 34.15 11.23 -6.65
N ILE E 2 -12.04 -51.07 59.77
CA ILE E 2 -10.59 -51.02 59.86
C ILE E 2 -10.08 -49.64 59.49
N VAL E 3 -9.11 -49.15 60.26
CA VAL E 3 -8.35 -47.96 59.91
C VAL E 3 -6.91 -48.38 59.66
N LEU E 4 -6.41 -48.11 58.45
CA LEU E 4 -5.01 -48.33 58.14
C LEU E 4 -4.29 -46.99 58.23
N THR E 5 -3.35 -46.89 59.16
CA THR E 5 -2.63 -45.66 59.40
C THR E 5 -1.21 -45.82 58.88
N GLN E 6 -0.85 -45.00 57.91
CA GLN E 6 0.48 -45.03 57.34
C GLN E 6 1.36 -43.97 57.99
N SER E 7 2.63 -44.31 58.16
CA SER E 7 3.60 -43.38 58.70
C SER E 7 4.94 -43.68 58.05
N PRO E 8 5.78 -42.67 57.83
CA PRO E 8 5.41 -41.27 58.07
C PRO E 8 4.54 -40.73 56.96
N GLY E 9 3.91 -39.58 57.15
CA GLY E 9 3.14 -38.97 56.07
C GLY E 9 4.02 -38.61 54.88
N THR E 10 5.18 -38.03 55.15
CA THR E 10 6.18 -37.71 54.13
C THR E 10 7.52 -38.26 54.58
N LEU E 11 8.22 -38.92 53.66
CA LEU E 11 9.53 -39.50 53.94
C LEU E 11 10.54 -38.88 52.98
N SER E 12 11.53 -38.18 53.53
CA SER E 12 12.55 -37.48 52.73
C SER E 12 13.87 -38.22 52.85
N LEU E 13 14.25 -38.92 51.78
CA LEU E 13 15.50 -39.67 51.73
C LEU E 13 16.23 -39.38 50.44
N SER E 14 17.50 -39.64 50.45
CA SER E 14 18.30 -39.46 49.25
C SER E 14 18.47 -40.77 48.51
N PRO E 15 18.61 -40.74 47.19
CA PRO E 15 18.82 -41.98 46.44
C PRO E 15 20.03 -42.74 46.98
N GLY E 16 19.93 -44.07 46.98
CA GLY E 16 20.91 -44.92 47.61
C GLY E 16 20.58 -45.31 49.04
N GLU E 17 19.75 -44.52 49.73
CA GLU E 17 19.40 -44.81 51.11
C GLU E 17 18.32 -45.90 51.19
N ARG E 18 18.05 -46.33 52.42
CA ARG E 18 17.08 -47.39 52.71
C ARG E 18 15.80 -46.77 53.24
N ALA E 19 14.67 -47.13 52.64
CA ALA E 19 13.37 -46.58 53.01
C ALA E 19 12.56 -47.64 53.74
N THR E 20 11.95 -47.25 54.87
CA THR E 20 11.08 -48.10 55.66
C THR E 20 9.72 -47.41 55.80
N LEU E 21 8.72 -47.91 55.09
CA LEU E 21 7.37 -47.38 55.21
C LEU E 21 6.57 -48.29 56.14
N SER E 22 5.76 -47.68 57.00
CA SER E 22 4.98 -48.45 57.95
C SER E 22 3.49 -48.35 57.63
N CYS E 23 2.77 -49.44 57.93
CA CYS E 23 1.32 -49.51 57.81
C CYS E 23 0.81 -50.20 59.07
N ARG E 24 0.08 -49.47 59.90
CA ARG E 24 -0.51 -50.03 61.11
C ARG E 24 -2.01 -50.12 60.96
N ALA E 25 -2.57 -51.25 61.39
CA ALA E 25 -4.00 -51.50 61.31
C ALA E 25 -4.62 -51.35 62.69
N SER E 26 -5.84 -50.83 62.72
CA SER E 26 -6.54 -50.63 63.99
C SER E 26 -6.99 -51.94 64.61
N GLN E 27 -7.11 -53.01 63.83
CA GLN E 27 -7.38 -54.36 64.30
C GLN E 27 -6.61 -55.33 63.41
N SER E 28 -6.57 -56.60 63.84
CA SER E 28 -5.72 -57.57 63.14
C SER E 28 -6.24 -57.88 61.75
N VAL E 29 -5.32 -58.00 60.80
CA VAL E 29 -5.63 -58.31 59.41
C VAL E 29 -4.80 -59.52 59.00
N SER E 30 -5.45 -60.47 58.32
CA SER E 30 -4.70 -61.56 57.71
C SER E 30 -3.67 -61.00 56.74
N SER E 31 -2.43 -61.48 56.85
CA SER E 31 -1.37 -60.90 56.01
C SER E 31 -1.61 -61.17 54.53
N SER E 32 -2.42 -62.18 54.19
CA SER E 32 -2.73 -62.45 52.79
C SER E 32 -3.65 -61.41 52.18
N TYR E 33 -4.19 -60.50 52.98
CA TYR E 33 -5.04 -59.43 52.49
C TYR E 33 -4.35 -58.07 52.46
N LEU E 34 -3.07 -58.01 52.76
CA LEU E 34 -2.34 -56.74 52.86
C LEU E 34 -1.53 -56.51 51.59
N ALA E 35 -1.81 -55.40 50.90
CA ALA E 35 -1.18 -55.11 49.62
C ALA E 35 -0.55 -53.72 49.65
N TRP E 36 0.48 -53.52 48.83
CA TRP E 36 1.14 -52.22 48.68
C TRP E 36 1.12 -51.78 47.23
N TYR E 37 0.76 -50.51 47.00
CA TYR E 37 0.72 -49.90 45.68
C TYR E 37 1.63 -48.68 45.63
N GLN E 38 2.12 -48.39 44.43
CA GLN E 38 2.92 -47.22 44.13
C GLN E 38 2.16 -46.33 43.14
N GLN E 39 2.15 -45.03 43.39
CA GLN E 39 1.47 -44.10 42.48
C GLN E 39 2.36 -42.88 42.26
N LYS E 40 2.71 -42.65 41.04
CA LYS E 40 3.41 -41.52 40.48
C LYS E 40 2.40 -40.50 39.96
N PRO E 41 2.75 -39.21 40.04
CA PRO E 41 1.79 -38.17 39.67
C PRO E 41 1.24 -38.36 38.27
N GLY E 42 -0.08 -38.25 38.15
CA GLY E 42 -0.75 -38.39 36.88
C GLY E 42 -1.00 -39.81 36.42
N GLN E 43 -0.57 -40.82 37.17
CA GLN E 43 -0.66 -42.20 36.73
C GLN E 43 -1.55 -43.00 37.67
N ALA E 44 -2.00 -44.15 37.19
CA ALA E 44 -2.78 -45.06 38.02
C ALA E 44 -1.87 -45.76 39.02
N PRO E 45 -2.43 -46.26 40.12
CA PRO E 45 -1.61 -47.06 41.05
C PRO E 45 -1.07 -48.30 40.37
N ARG E 46 0.08 -48.76 40.89
CA ARG E 46 0.79 -49.92 40.38
C ARG E 46 1.06 -50.86 41.54
N LEU E 47 0.71 -52.13 41.39
CA LEU E 47 0.83 -53.11 42.45
C LEU E 47 2.29 -53.52 42.64
N LEU E 48 2.79 -53.40 43.86
CA LEU E 48 4.14 -53.86 44.21
C LEU E 48 4.13 -55.19 44.93
N ILE E 49 3.37 -55.28 46.00
CA ILE E 49 3.44 -56.39 46.95
C ILE E 49 2.03 -56.79 47.31
N TYR E 50 1.76 -58.10 47.26
CA TYR E 50 0.50 -58.68 47.70
C TYR E 50 0.79 -59.69 48.81
N GLY E 51 -0.24 -59.98 49.61
CA GLY E 51 -0.06 -60.94 50.70
C GLY E 51 1.08 -60.57 51.63
N ALA E 52 1.25 -59.28 51.87
CA ALA E 52 2.22 -58.72 52.81
C ALA E 52 3.67 -58.87 52.36
N SER E 53 4.03 -59.98 51.70
CA SER E 53 5.43 -60.22 51.40
C SER E 53 5.74 -60.66 49.96
N SER E 54 4.76 -60.94 49.12
CA SER E 54 5.02 -61.42 47.77
C SER E 54 5.15 -60.26 46.79
N ARG E 55 6.27 -60.18 46.09
CA ARG E 55 6.44 -59.16 45.07
C ARG E 55 5.59 -59.47 43.85
N ALA E 56 4.97 -58.42 43.29
CA ALA E 56 4.22 -58.58 42.05
C ALA E 56 5.18 -58.85 40.89
N THR E 57 4.64 -59.44 39.82
CA THR E 57 5.48 -59.78 38.68
C THR E 57 6.03 -58.51 38.03
N GLY E 58 7.33 -58.50 37.76
CA GLY E 58 7.99 -57.34 37.22
C GLY E 58 8.35 -56.26 38.21
N ILE E 59 8.50 -56.60 39.49
CA ILE E 59 8.88 -55.65 40.53
C ILE E 59 10.29 -55.98 41.00
N PRO E 60 11.20 -55.00 41.07
CA PRO E 60 12.59 -55.29 41.45
C PRO E 60 12.68 -55.80 42.89
N ASP E 61 13.76 -56.53 43.16
CA ASP E 61 13.91 -57.18 44.46
C ASP E 61 14.36 -56.25 45.57
N ARG E 62 14.68 -54.99 45.27
CA ARG E 62 14.95 -54.06 46.35
C ARG E 62 13.68 -53.72 47.14
N PHE E 63 12.50 -54.08 46.62
CA PHE E 63 11.24 -53.97 47.36
C PHE E 63 11.00 -55.25 48.14
N SER E 64 10.76 -55.13 49.44
CA SER E 64 10.38 -56.27 50.25
C SER E 64 9.31 -55.84 51.23
N GLY E 65 8.39 -56.76 51.52
CA GLY E 65 7.34 -56.53 52.48
C GLY E 65 7.41 -57.57 53.59
N SER E 66 7.09 -57.14 54.80
CA SER E 66 7.01 -58.03 55.95
C SER E 66 5.86 -57.58 56.85
N GLY E 67 5.58 -58.39 57.86
CA GLY E 67 4.57 -58.03 58.83
C GLY E 67 3.41 -58.99 58.96
N SER E 68 2.69 -58.89 60.08
CA SER E 68 1.49 -59.65 60.33
C SER E 68 0.76 -58.97 61.48
N GLY E 69 -0.46 -59.44 61.77
CA GLY E 69 -1.27 -58.84 62.80
C GLY E 69 -1.75 -57.46 62.45
N THR E 70 -1.17 -56.43 63.08
CA THR E 70 -1.50 -55.05 62.78
C THR E 70 -0.33 -54.25 62.24
N ASP E 71 0.88 -54.82 62.19
CA ASP E 71 2.07 -54.06 61.83
C ASP E 71 2.66 -54.60 60.54
N PHE E 72 2.69 -53.75 59.51
CA PHE E 72 3.19 -54.15 58.20
C PHE E 72 4.21 -53.11 57.73
N THR E 73 5.13 -53.54 56.88
CA THR E 73 6.27 -52.71 56.53
C THR E 73 6.66 -52.93 55.08
N LEU E 74 6.84 -51.83 54.35
CA LEU E 74 7.41 -51.83 53.02
C LEU E 74 8.83 -51.32 53.12
N THR E 75 9.79 -52.11 52.65
CA THR E 75 11.20 -51.75 52.72
C THR E 75 11.76 -51.61 51.31
N ILE E 76 12.42 -50.50 51.03
CA ILE E 76 13.15 -50.29 49.79
C ILE E 76 14.62 -50.18 50.18
N SER E 77 15.42 -51.17 49.81
CA SER E 77 16.75 -51.30 50.37
C SER E 77 17.76 -50.34 49.75
N ARG E 78 17.52 -49.90 48.51
CA ARG E 78 18.50 -49.09 47.79
C ARG E 78 17.72 -48.19 46.84
N LEU E 79 17.39 -46.99 47.31
CA LEU E 79 16.49 -46.12 46.57
C LEU E 79 17.08 -45.74 45.22
N GLU E 80 16.38 -46.11 44.17
CA GLU E 80 16.62 -45.58 42.84
C GLU E 80 15.72 -44.38 42.60
N PRO E 81 16.16 -43.39 41.83
CA PRO E 81 15.37 -42.15 41.71
C PRO E 81 13.95 -42.37 41.20
N GLU E 82 13.69 -43.48 40.51
CA GLU E 82 12.33 -43.76 40.07
C GLU E 82 11.45 -44.33 41.17
N ASP E 83 11.99 -44.55 42.38
CA ASP E 83 11.20 -45.07 43.49
C ASP E 83 10.48 -43.98 44.28
N PHE E 84 10.70 -42.71 43.94
CA PHE E 84 10.13 -41.60 44.69
C PHE E 84 8.72 -41.32 44.17
N ALA E 85 7.73 -41.66 44.98
CA ALA E 85 6.32 -41.64 44.59
C ALA E 85 5.49 -41.69 45.85
N VAL E 86 4.19 -41.90 45.70
CA VAL E 86 3.29 -42.07 46.83
C VAL E 86 2.97 -43.55 46.97
N TYR E 87 2.98 -44.04 48.21
CA TYR E 87 2.80 -45.46 48.50
C TYR E 87 1.56 -45.67 49.36
N TYR E 88 0.71 -46.60 48.94
CA TYR E 88 -0.53 -46.90 49.63
C TYR E 88 -0.53 -48.36 50.05
N CYS E 89 -0.85 -48.62 51.31
CA CYS E 89 -1.21 -49.98 51.70
C CYS E 89 -2.72 -50.17 51.59
N GLN E 90 -3.13 -51.43 51.47
CA GLN E 90 -4.54 -51.77 51.32
C GLN E 90 -4.88 -53.05 52.06
N GLN E 91 -6.04 -53.04 52.72
CA GLN E 91 -6.68 -54.27 53.20
C GLN E 91 -7.64 -54.72 52.11
N TYR E 92 -7.29 -55.79 51.41
CA TYR E 92 -8.15 -56.24 50.32
C TYR E 92 -9.38 -56.91 50.89
N GLY E 93 -10.50 -56.74 50.20
CA GLY E 93 -11.72 -57.42 50.58
C GLY E 93 -12.73 -57.32 49.46
N THR E 94 -13.63 -58.29 49.39
CA THR E 94 -14.60 -58.26 48.31
C THR E 94 -15.84 -57.46 48.67
N SER E 95 -16.23 -57.41 49.94
CA SER E 95 -17.39 -56.62 50.34
C SER E 95 -17.03 -55.38 51.13
N GLN E 96 -15.80 -55.28 51.62
CA GLN E 96 -15.30 -54.07 52.27
C GLN E 96 -13.80 -54.04 52.10
N SER E 97 -13.26 -52.86 51.80
CA SER E 97 -11.84 -52.75 51.52
C SER E 97 -11.39 -51.33 51.84
N THR E 98 -10.23 -51.21 52.47
CA THR E 98 -9.76 -49.94 53.01
C THR E 98 -8.35 -49.66 52.53
N PHE E 99 -8.09 -48.42 52.16
CA PHE E 99 -6.75 -47.96 51.83
C PHE E 99 -6.18 -47.15 52.98
N GLY E 100 -4.86 -47.24 53.16
CA GLY E 100 -4.17 -46.29 54.01
C GLY E 100 -4.20 -44.90 53.39
N GLN E 101 -3.78 -43.90 54.17
CA GLN E 101 -3.90 -42.53 53.67
C GLN E 101 -2.74 -42.12 52.77
N GLY E 102 -1.73 -42.97 52.61
CA GLY E 102 -0.62 -42.70 51.72
C GLY E 102 0.61 -42.11 52.38
N THR E 103 1.78 -42.60 52.00
CA THR E 103 3.06 -41.99 52.34
C THR E 103 3.72 -41.46 51.07
N ARG E 104 4.12 -40.20 51.07
CA ARG E 104 4.84 -39.61 49.96
C ARG E 104 6.33 -39.69 50.24
N LEU E 105 7.05 -40.36 49.36
CA LEU E 105 8.50 -40.52 49.45
C LEU E 105 9.14 -39.50 48.51
N GLU E 106 9.84 -38.54 49.09
CA GLU E 106 10.39 -37.39 48.41
C GLU E 106 11.90 -37.45 48.50
N ILE E 107 12.58 -36.79 47.55
CA ILE E 107 14.03 -36.78 47.55
C ILE E 107 14.53 -35.72 48.52
N LYS E 108 15.49 -36.08 49.36
CA LYS E 108 16.15 -35.15 50.26
C LYS E 108 17.41 -34.62 49.58
N ARG E 109 17.58 -33.31 49.59
CA ARG E 109 18.77 -32.67 49.04
C ARG E 109 19.15 -31.49 49.94
N THR E 110 20.21 -30.78 49.55
CA THR E 110 20.60 -29.60 50.31
C THR E 110 19.51 -28.54 50.25
N VAL E 111 19.57 -27.61 51.21
CA VAL E 111 18.61 -26.51 51.23
C VAL E 111 18.91 -25.56 50.07
N ALA E 112 17.87 -25.11 49.39
CA ALA E 112 18.02 -24.15 48.30
C ALA E 112 16.98 -23.05 48.49
N ALA E 113 17.44 -21.82 48.69
CA ALA E 113 16.56 -20.67 48.78
C ALA E 113 15.85 -20.42 47.44
N PRO E 114 14.62 -19.93 47.46
CA PRO E 114 13.94 -19.60 46.21
C PRO E 114 14.38 -18.27 45.63
N SER E 115 14.42 -18.21 44.29
CA SER E 115 14.45 -16.94 43.59
C SER E 115 13.03 -16.42 43.47
N VAL E 116 12.82 -15.16 43.85
CA VAL E 116 11.48 -14.59 43.95
C VAL E 116 11.30 -13.53 42.88
N PHE E 117 10.19 -13.61 42.15
CA PHE E 117 9.80 -12.63 41.15
C PHE E 117 8.36 -12.22 41.38
N ILE E 118 8.05 -10.95 41.14
CA ILE E 118 6.68 -10.44 41.17
C ILE E 118 6.33 -9.87 39.81
N PHE E 119 5.07 -10.06 39.39
CA PHE E 119 4.59 -9.62 38.08
C PHE E 119 3.35 -8.76 38.26
N PRO E 120 3.37 -7.49 37.87
CA PRO E 120 2.16 -6.68 37.91
C PRO E 120 1.14 -7.19 36.91
N PRO E 121 -0.12 -6.85 37.07
CA PRO E 121 -1.12 -7.26 36.08
C PRO E 121 -0.80 -6.66 34.74
N SER E 122 -1.08 -7.42 33.69
CA SER E 122 -0.76 -6.98 32.34
C SER E 122 -1.72 -5.86 31.91
N ASP E 123 -1.22 -4.99 31.01
CA ASP E 123 -2.07 -3.93 30.49
C ASP E 123 -3.30 -4.49 29.78
N GLU E 124 -3.15 -5.64 29.10
CA GLU E 124 -4.33 -6.21 28.44
C GLU E 124 -5.33 -6.76 29.45
N GLN E 125 -4.88 -7.28 30.59
CA GLN E 125 -5.85 -7.76 31.57
C GLN E 125 -6.61 -6.60 32.20
N LEU E 126 -5.94 -5.47 32.42
CA LEU E 126 -6.63 -4.31 32.98
C LEU E 126 -7.76 -3.80 32.10
N LYS E 127 -7.86 -4.28 30.86
CA LYS E 127 -9.01 -3.96 30.03
C LYS E 127 -10.25 -4.75 30.41
N SER E 128 -10.11 -5.77 31.26
CA SER E 128 -11.19 -6.70 31.56
C SER E 128 -11.87 -6.44 32.90
N GLY E 129 -11.35 -5.53 33.71
CA GLY E 129 -11.94 -5.26 35.01
C GLY E 129 -11.42 -6.10 36.16
N THR E 130 -10.49 -7.03 35.90
CA THR E 130 -9.82 -7.78 36.96
C THR E 130 -8.31 -7.57 36.86
N ALA E 131 -7.65 -7.58 38.02
CA ALA E 131 -6.20 -7.43 38.11
C ALA E 131 -5.62 -8.64 38.85
N SER E 132 -4.73 -9.38 38.19
CA SER E 132 -4.03 -10.50 38.80
C SER E 132 -2.58 -10.12 38.98
N VAL E 133 -2.10 -10.18 40.22
CA VAL E 133 -0.70 -9.98 40.58
C VAL E 133 -0.13 -11.36 40.91
N VAL E 134 0.98 -11.72 40.28
CA VAL E 134 1.55 -13.05 40.43
C VAL E 134 2.92 -12.94 41.08
N CYS E 135 3.18 -13.82 42.05
CA CYS E 135 4.48 -13.93 42.72
C CYS E 135 5.02 -15.33 42.53
N LEU E 136 6.21 -15.43 41.96
CA LEU E 136 6.84 -16.71 41.62
C LEU E 136 7.99 -17.03 42.58
N LEU E 137 7.92 -18.20 43.22
CA LEU E 137 9.02 -18.74 44.03
C LEU E 137 9.67 -19.87 43.23
N ASN E 138 10.90 -19.66 42.79
CA ASN E 138 11.52 -20.58 41.83
C ASN E 138 12.62 -21.42 42.47
N ASN E 139 12.49 -22.74 42.32
CA ASN E 139 13.57 -23.72 42.57
C ASN E 139 14.08 -23.65 44.01
N PHE E 140 13.22 -24.03 44.94
CA PHE E 140 13.60 -24.07 46.34
C PHE E 140 13.44 -25.48 46.90
N TYR E 141 14.14 -25.73 48.01
CA TYR E 141 14.04 -26.96 48.79
C TYR E 141 14.36 -26.60 50.24
N PRO E 142 13.60 -27.11 51.21
CA PRO E 142 12.46 -28.04 51.06
C PRO E 142 11.17 -27.37 50.59
N ARG E 143 10.09 -28.16 50.56
CA ARG E 143 8.83 -27.71 49.96
C ARG E 143 8.15 -26.61 50.77
N GLU E 144 8.35 -26.58 52.08
CA GLU E 144 7.57 -25.68 52.92
C GLU E 144 8.05 -24.24 52.72
N ALA E 145 7.11 -23.36 52.39
CA ALA E 145 7.40 -21.96 52.11
C ALA E 145 6.15 -21.14 52.38
N LYS E 146 6.34 -19.94 52.92
CA LYS E 146 5.23 -19.03 53.22
C LYS E 146 5.27 -17.83 52.28
N VAL E 147 4.13 -17.52 51.67
CA VAL E 147 3.96 -16.33 50.84
C VAL E 147 2.95 -15.42 51.53
N GLN E 148 3.33 -14.17 51.72
CA GLN E 148 2.47 -13.16 52.33
C GLN E 148 2.34 -12.00 51.36
N TRP E 149 1.09 -11.68 50.99
CA TRP E 149 0.85 -10.51 50.15
C TRP E 149 0.60 -9.27 51.00
N LYS E 150 1.09 -8.13 50.53
CA LYS E 150 0.86 -6.84 51.16
C LYS E 150 0.49 -5.81 50.11
N VAL E 151 -0.57 -5.06 50.38
CA VAL E 151 -1.02 -3.98 49.52
C VAL E 151 -0.94 -2.70 50.35
N ASP E 152 -0.06 -1.77 49.95
CA ASP E 152 0.24 -0.58 50.73
C ASP E 152 0.61 -0.93 52.17
N ASN E 153 1.39 -1.99 52.32
CA ASN E 153 1.92 -2.56 53.57
C ASN E 153 0.87 -3.25 54.43
N ALA E 154 -0.37 -3.38 53.98
CA ALA E 154 -1.39 -4.09 54.75
C ALA E 154 -1.44 -5.56 54.31
N LEU E 155 -1.41 -6.46 55.28
CA LEU E 155 -1.43 -7.90 55.01
C LEU E 155 -2.74 -8.33 54.36
N GLN E 156 -2.65 -9.06 53.25
CA GLN E 156 -3.83 -9.57 52.59
C GLN E 156 -4.29 -10.89 53.19
N SER E 157 -5.57 -11.21 52.98
CA SER E 157 -6.16 -12.43 53.51
C SER E 157 -7.38 -12.79 52.66
N GLY E 158 -7.40 -13.99 52.10
CA GLY E 158 -8.57 -14.48 51.41
C GLY E 158 -8.71 -14.08 49.95
N ASN E 159 -7.71 -13.42 49.36
CA ASN E 159 -7.79 -13.03 47.96
C ASN E 159 -6.61 -13.54 47.16
N SER E 160 -6.00 -14.64 47.60
CA SER E 160 -4.90 -15.24 46.85
C SER E 160 -5.06 -16.77 46.84
N GLN E 161 -4.57 -17.38 45.77
CA GLN E 161 -4.42 -18.82 45.67
C GLN E 161 -3.03 -19.13 45.14
N GLU E 162 -2.52 -20.31 45.49
CA GLU E 162 -1.19 -20.71 45.08
C GLU E 162 -1.21 -22.18 44.68
N SER E 163 -0.23 -22.57 43.88
CA SER E 163 -0.01 -24.00 43.64
C SER E 163 1.48 -24.24 43.48
N VAL E 164 1.86 -25.50 43.70
CA VAL E 164 3.25 -25.93 43.78
C VAL E 164 3.48 -27.04 42.77
N THR E 165 4.63 -26.97 42.09
CA THR E 165 5.00 -28.03 41.16
C THR E 165 5.38 -29.30 41.91
N GLU E 166 5.35 -30.43 41.18
CA GLU E 166 5.95 -31.65 41.68
C GLU E 166 7.46 -31.48 41.81
N GLN E 167 8.09 -32.36 42.57
CA GLN E 167 9.54 -32.25 42.73
C GLN E 167 10.21 -32.45 41.38
N ASP E 168 11.13 -31.56 41.05
CA ASP E 168 11.74 -31.55 39.73
C ASP E 168 12.73 -32.70 39.59
N SER E 169 12.62 -33.44 38.48
CA SER E 169 13.44 -34.63 38.32
C SER E 169 14.93 -34.33 38.16
N LYS E 170 15.29 -33.13 37.72
CA LYS E 170 16.71 -32.81 37.51
C LYS E 170 17.37 -32.33 38.81
N ASP E 171 16.83 -31.28 39.42
CA ASP E 171 17.47 -30.66 40.58
C ASP E 171 16.70 -30.87 41.89
N SER E 172 15.64 -31.68 41.87
CA SER E 172 14.89 -32.07 43.08
C SER E 172 14.37 -30.86 43.86
N THR E 173 14.08 -29.74 43.19
CA THR E 173 13.54 -28.58 43.86
C THR E 173 12.04 -28.47 43.59
N TYR E 174 11.44 -27.46 44.22
CA TYR E 174 10.04 -27.12 44.04
C TYR E 174 9.93 -25.68 43.58
N SER E 175 8.84 -25.37 42.90
CA SER E 175 8.50 -23.99 42.56
C SER E 175 7.05 -23.71 42.97
N LEU E 176 6.80 -22.46 43.32
CA LEU E 176 5.50 -22.04 43.81
C LEU E 176 5.06 -20.78 43.09
N SER E 177 3.79 -20.75 42.72
CA SER E 177 3.15 -19.62 42.05
C SER E 177 1.96 -19.17 42.86
N SER E 178 1.93 -17.88 43.21
CA SER E 178 0.84 -17.30 43.99
C SER E 178 0.20 -16.17 43.22
N THR E 179 -1.12 -16.24 43.05
CA THR E 179 -1.88 -15.19 42.39
C THR E 179 -2.70 -14.43 43.40
N LEU E 180 -2.57 -13.10 43.40
CA LEU E 180 -3.44 -12.21 44.14
C LEU E 180 -4.42 -11.60 43.14
N THR E 181 -5.72 -11.68 43.45
CA THR E 181 -6.75 -11.25 42.50
C THR E 181 -7.59 -10.16 43.12
N LEU E 182 -7.67 -9.00 42.46
CA LEU E 182 -8.49 -7.89 42.88
C LEU E 182 -9.25 -7.35 41.68
N SER E 183 -10.31 -6.60 41.96
CA SER E 183 -10.97 -5.85 40.90
C SER E 183 -10.05 -4.73 40.42
N LYS E 184 -10.23 -4.32 39.16
CA LYS E 184 -9.49 -3.17 38.67
C LYS E 184 -9.73 -1.94 39.54
N ALA E 185 -10.96 -1.76 40.03
CA ALA E 185 -11.26 -0.60 40.86
C ALA E 185 -10.47 -0.63 42.16
N ASP E 186 -10.40 -1.79 42.81
CA ASP E 186 -9.61 -1.90 44.04
C ASP E 186 -8.12 -1.80 43.75
N TYR E 187 -7.67 -2.40 42.65
CA TYR E 187 -6.25 -2.37 42.30
C TYR E 187 -5.76 -0.95 42.12
N GLU E 188 -6.58 -0.07 41.54
CA GLU E 188 -6.18 1.31 41.29
C GLU E 188 -6.31 2.20 42.54
N LYS E 189 -6.81 1.68 43.65
CA LYS E 189 -6.87 2.47 44.88
C LYS E 189 -5.59 2.39 45.70
N HIS E 190 -4.64 1.56 45.30
CA HIS E 190 -3.43 1.32 46.06
C HIS E 190 -2.22 1.44 45.15
N LYS E 191 -1.04 1.58 45.75
CA LYS E 191 0.16 1.85 44.98
C LYS E 191 1.20 0.75 45.09
N VAL E 192 1.53 0.29 46.30
CA VAL E 192 2.63 -0.66 46.47
C VAL E 192 2.06 -2.06 46.62
N TYR E 193 2.54 -2.96 45.78
CA TYR E 193 2.16 -4.36 45.81
C TYR E 193 3.40 -5.19 46.06
N ALA E 194 3.35 -6.04 47.09
CA ALA E 194 4.53 -6.75 47.54
C ALA E 194 4.20 -8.20 47.92
N CYS E 195 5.17 -9.07 47.67
CA CYS E 195 5.08 -10.45 48.11
CA CYS E 195 5.11 -10.47 48.05
C CYS E 195 6.29 -10.76 48.98
N GLU E 196 6.01 -11.16 50.22
CA GLU E 196 7.01 -11.45 51.24
C GLU E 196 7.12 -12.96 51.44
N VAL E 197 8.34 -13.49 51.34
CA VAL E 197 8.57 -14.91 51.22
C VAL E 197 9.44 -15.37 52.38
N THR E 198 9.03 -16.46 53.02
CA THR E 198 9.74 -17.04 54.15
C THR E 198 10.16 -18.46 53.79
N HIS E 199 11.43 -18.77 54.02
CA HIS E 199 11.92 -20.10 53.69
C HIS E 199 13.14 -20.41 54.53
N GLN E 200 13.40 -21.72 54.67
CA GLN E 200 14.48 -22.19 55.51
C GLN E 200 15.84 -21.70 55.03
N GLY E 201 15.97 -21.47 53.72
CA GLY E 201 17.20 -21.04 53.10
C GLY E 201 17.40 -19.55 53.03
N LEU E 202 16.48 -18.77 53.60
CA LEU E 202 16.60 -17.32 53.69
C LEU E 202 16.78 -16.95 55.16
N SER E 203 17.80 -16.14 55.45
CA SER E 203 18.01 -15.70 56.83
C SER E 203 16.87 -14.85 57.34
N SER E 204 16.24 -14.08 56.45
CA SER E 204 15.13 -13.22 56.81
C SER E 204 14.16 -13.21 55.63
N PRO E 205 12.89 -12.84 55.86
CA PRO E 205 11.93 -12.83 54.75
C PRO E 205 12.36 -11.90 53.63
N VAL E 206 12.20 -12.37 52.40
CA VAL E 206 12.52 -11.61 51.20
C VAL E 206 11.24 -11.00 50.64
N THR E 207 11.34 -9.75 50.20
CA THR E 207 10.19 -8.99 49.71
C THR E 207 10.50 -8.47 48.32
N LYS E 208 9.67 -8.84 47.34
CA LYS E 208 9.68 -8.26 46.02
C LYS E 208 8.43 -7.39 45.88
N SER E 209 8.57 -6.23 45.24
CA SER E 209 7.45 -5.31 45.15
C SER E 209 7.56 -4.43 43.91
N PHE E 210 6.44 -3.81 43.57
CA PHE E 210 6.41 -2.78 42.55
C PHE E 210 5.43 -1.70 42.97
N ASN E 211 5.62 -0.50 42.43
CA ASN E 211 4.65 0.59 42.53
C ASN E 211 3.81 0.59 41.27
N ARG E 212 2.48 0.49 41.44
CA ARG E 212 1.58 0.48 40.29
C ARG E 212 1.74 1.75 39.48
N GLY E 213 1.89 1.58 38.17
CA GLY E 213 2.05 2.70 37.28
C GLY E 213 3.45 2.83 36.72
N GLU E 214 4.46 2.55 37.54
CA GLU E 214 5.85 2.64 37.09
C GLU E 214 6.21 1.49 36.16
N GLN F 1 -1.08 -58.45 30.32
CA GLN F 1 -1.91 -59.52 29.77
C GLN F 1 -3.37 -59.09 29.73
N VAL F 2 -3.89 -58.70 30.89
CA VAL F 2 -5.23 -58.13 30.99
C VAL F 2 -5.12 -56.62 30.82
N GLN F 3 -6.02 -56.06 30.02
CA GLN F 3 -6.05 -54.63 29.74
C GLN F 3 -7.42 -54.09 30.12
N LEU F 4 -7.43 -53.04 30.94
CA LEU F 4 -8.67 -52.36 31.33
C LEU F 4 -8.70 -51.00 30.66
N VAL F 5 -9.68 -50.77 29.79
CA VAL F 5 -9.82 -49.52 29.06
C VAL F 5 -11.11 -48.85 29.47
N GLN F 6 -11.02 -47.61 29.92
CA GLN F 6 -12.14 -46.86 30.46
C GLN F 6 -12.61 -45.80 29.46
N SER F 7 -13.85 -45.35 29.68
CA SER F 7 -14.43 -44.28 28.88
C SER F 7 -13.78 -42.94 29.23
N GLY F 8 -14.02 -41.96 28.37
CA GLY F 8 -13.36 -40.67 28.46
C GLY F 8 -13.91 -39.79 29.57
N ALA F 9 -13.29 -38.62 29.71
CA ALA F 9 -13.65 -37.67 30.74
C ALA F 9 -15.05 -37.11 30.50
N GLU F 10 -15.70 -36.67 31.57
CA GLU F 10 -17.04 -36.12 31.48
C GLU F 10 -17.19 -34.98 32.47
N VAL F 11 -17.95 -33.98 32.06
CA VAL F 11 -18.39 -32.89 32.93
C VAL F 11 -19.88 -33.08 33.16
N LYS F 12 -20.31 -32.99 34.41
CA LYS F 12 -21.72 -33.20 34.73
C LYS F 12 -22.21 -32.07 35.63
N LYS F 13 -23.45 -31.66 35.41
CA LYS F 13 -24.12 -30.74 36.32
C LYS F 13 -24.37 -31.43 37.65
N PRO F 14 -24.45 -30.67 38.75
CA PRO F 14 -24.83 -31.28 40.03
C PRO F 14 -26.24 -31.84 39.98
N GLY F 15 -26.49 -32.85 40.80
CA GLY F 15 -27.78 -33.51 40.84
C GLY F 15 -28.02 -34.56 39.78
N SER F 16 -27.17 -34.66 38.77
CA SER F 16 -27.37 -35.59 37.68
C SER F 16 -26.66 -36.91 37.99
N SER F 17 -26.50 -37.75 36.97
CA SER F 17 -25.85 -39.05 37.11
C SER F 17 -24.88 -39.24 35.96
N VAL F 18 -23.95 -40.18 36.15
CA VAL F 18 -22.93 -40.49 35.16
C VAL F 18 -22.70 -42.00 35.12
N LYS F 19 -22.45 -42.51 33.92
CA LYS F 19 -22.06 -43.90 33.71
C LYS F 19 -20.63 -43.94 33.19
N VAL F 20 -19.77 -44.69 33.89
CA VAL F 20 -18.39 -44.89 33.47
C VAL F 20 -18.21 -46.34 33.05
N SER F 21 -17.47 -46.53 31.96
CA SER F 21 -17.31 -47.83 31.33
C SER F 21 -15.88 -48.35 31.51
N CYS F 22 -15.74 -49.67 31.54
CA CYS F 22 -14.43 -50.31 31.72
C CYS F 22 -14.45 -51.64 30.97
N LYS F 23 -13.75 -51.70 29.84
CA LYS F 23 -13.71 -52.91 29.03
C LYS F 23 -12.47 -53.71 29.37
N ALA F 24 -12.65 -54.99 29.67
CA ALA F 24 -11.56 -55.89 29.98
C ALA F 24 -11.19 -56.71 28.76
N SER F 25 -9.89 -56.98 28.59
CA SER F 25 -9.42 -57.85 27.53
C SER F 25 -8.29 -58.71 28.10
N GLY F 26 -8.54 -60.00 28.24
CA GLY F 26 -7.54 -60.89 28.78
C GLY F 26 -8.21 -62.07 29.47
N GLY F 27 -7.48 -62.64 30.43
CA GLY F 27 -7.84 -63.89 31.08
C GLY F 27 -9.20 -63.95 31.75
N THR F 28 -10.12 -64.67 31.14
CA THR F 28 -11.50 -64.79 31.61
C THR F 28 -12.12 -63.42 31.79
N PHE F 29 -13.18 -63.33 32.60
CA PHE F 29 -13.84 -62.07 32.91
C PHE F 29 -14.85 -62.33 34.01
N SER F 30 -15.57 -63.43 33.88
CA SER F 30 -16.70 -63.69 34.76
C SER F 30 -16.28 -64.09 36.16
N SER F 31 -15.04 -64.55 36.34
CA SER F 31 -14.68 -65.17 37.61
C SER F 31 -14.04 -64.20 38.61
N TYR F 32 -13.22 -63.26 38.14
CA TYR F 32 -12.42 -62.44 39.05
C TYR F 32 -13.03 -61.06 39.24
N ALA F 33 -12.79 -60.50 40.42
CA ALA F 33 -13.52 -59.32 40.86
C ALA F 33 -13.03 -58.06 40.16
N ILE F 34 -13.97 -57.20 39.78
CA ILE F 34 -13.68 -55.88 39.24
C ILE F 34 -14.18 -54.85 40.23
N SER F 35 -13.32 -53.90 40.59
CA SER F 35 -13.66 -52.87 41.57
C SER F 35 -13.47 -51.48 40.97
N TRP F 36 -14.18 -50.53 41.57
CA TRP F 36 -14.05 -49.12 41.21
C TRP F 36 -13.44 -48.38 42.38
N VAL F 37 -12.30 -47.72 42.14
CA VAL F 37 -11.60 -46.92 43.13
C VAL F 37 -11.50 -45.49 42.62
N ARG F 38 -11.88 -44.53 43.45
CA ARG F 38 -11.80 -43.14 43.06
C ARG F 38 -10.79 -42.37 43.90
N GLN F 39 -10.38 -41.22 43.37
CA GLN F 39 -9.34 -40.40 43.99
C GLN F 39 -9.65 -38.95 43.67
N ALA F 40 -10.09 -38.20 44.67
CA ALA F 40 -10.35 -36.78 44.54
C ALA F 40 -9.03 -36.04 44.38
N PRO F 41 -9.06 -34.80 43.86
CA PRO F 41 -7.80 -34.12 43.55
C PRO F 41 -6.97 -33.88 44.80
N GLY F 42 -5.70 -34.29 44.75
CA GLY F 42 -4.78 -34.13 45.86
C GLY F 42 -5.04 -35.05 47.03
N GLN F 43 -5.84 -36.10 46.85
CA GLN F 43 -6.25 -36.93 47.97
C GLN F 43 -5.95 -38.41 47.73
N GLY F 44 -6.43 -39.27 48.63
CA GLY F 44 -6.06 -40.67 48.61
C GLY F 44 -6.97 -41.53 47.75
N LEU F 45 -6.70 -42.84 47.79
CA LEU F 45 -7.53 -43.84 47.12
C LEU F 45 -8.68 -44.25 48.02
N GLU F 46 -9.83 -44.49 47.42
CA GLU F 46 -11.03 -44.88 48.16
C GLU F 46 -11.79 -45.93 47.38
N TRP F 47 -11.98 -47.09 48.00
CA TRP F 47 -12.73 -48.16 47.38
C TRP F 47 -14.21 -47.83 47.41
N MET F 48 -14.86 -47.90 46.25
CA MET F 48 -16.29 -47.64 46.11
C MET F 48 -17.12 -48.90 46.13
N GLY F 49 -16.64 -49.98 45.53
CA GLY F 49 -17.38 -51.20 45.43
C GLY F 49 -16.84 -52.06 44.31
N GLY F 50 -17.45 -53.24 44.17
CA GLY F 50 -16.99 -54.19 43.18
C GLY F 50 -18.00 -55.28 42.94
N ILE F 51 -17.83 -55.96 41.80
CA ILE F 51 -18.74 -57.00 41.37
C ILE F 51 -17.93 -58.16 40.80
N ILE F 52 -18.49 -59.36 40.91
CA ILE F 52 -17.96 -60.56 40.28
C ILE F 52 -18.91 -60.93 39.13
N PRO F 53 -18.45 -60.90 37.88
CA PRO F 53 -19.38 -61.03 36.75
C PRO F 53 -19.90 -62.45 36.52
N ILE F 54 -19.99 -63.25 37.58
CA ILE F 54 -20.71 -64.51 37.54
C ILE F 54 -21.79 -64.46 38.62
N PHE F 55 -21.43 -63.90 39.77
CA PHE F 55 -22.41 -63.71 40.84
C PHE F 55 -23.44 -62.66 40.47
N GLY F 56 -23.01 -61.60 39.78
CA GLY F 56 -23.93 -60.57 39.34
C GLY F 56 -24.43 -59.64 40.42
N THR F 57 -24.07 -59.87 41.68
CA THR F 57 -24.41 -58.96 42.76
C THR F 57 -23.16 -58.20 43.17
N ALA F 58 -23.34 -56.92 43.47
CA ALA F 58 -22.25 -56.03 43.78
C ALA F 58 -22.25 -55.72 45.27
N ASN F 59 -21.06 -55.41 45.78
CA ASN F 59 -20.87 -54.93 47.14
C ASN F 59 -20.42 -53.49 47.09
N TYR F 60 -20.89 -52.69 48.05
CA TYR F 60 -20.62 -51.27 48.05
C TYR F 60 -20.09 -50.83 49.40
N ALA F 61 -19.19 -49.85 49.37
CA ALA F 61 -18.82 -49.14 50.58
C ALA F 61 -20.05 -48.44 51.16
N GLN F 62 -20.00 -48.19 52.47
CA GLN F 62 -21.18 -47.66 53.15
C GLN F 62 -21.56 -46.28 52.62
N LYS F 63 -20.57 -45.41 52.41
CA LYS F 63 -20.88 -44.03 52.04
C LYS F 63 -21.38 -43.90 50.61
N PHE F 64 -21.33 -44.96 49.82
CA PHE F 64 -21.82 -44.95 48.45
C PHE F 64 -23.07 -45.79 48.26
N GLN F 65 -23.56 -46.43 49.32
CA GLN F 65 -24.71 -47.32 49.23
C GLN F 65 -25.96 -46.56 48.79
N GLY F 66 -26.65 -47.10 47.80
CA GLY F 66 -27.84 -46.48 47.25
C GLY F 66 -27.57 -45.40 46.22
N ARG F 67 -26.39 -44.79 46.25
CA ARG F 67 -26.02 -43.79 45.25
C ARG F 67 -25.26 -44.41 44.08
N VAL F 68 -24.50 -45.47 44.32
CA VAL F 68 -23.72 -46.14 43.30
C VAL F 68 -24.41 -47.43 42.90
N THR F 69 -24.38 -47.75 41.60
CA THR F 69 -24.79 -49.04 41.09
C THR F 69 -23.67 -49.56 40.20
N ILE F 70 -23.12 -50.72 40.54
CA ILE F 70 -22.06 -51.35 39.76
C ILE F 70 -22.65 -52.58 39.08
N THR F 71 -22.42 -52.69 37.78
CA THR F 71 -22.97 -53.77 36.98
C THR F 71 -21.89 -54.33 36.07
N ALA F 72 -22.14 -55.54 35.55
CA ALA F 72 -21.21 -56.21 34.66
C ALA F 72 -21.97 -56.79 33.47
N ASP F 73 -21.23 -56.99 32.38
CA ASP F 73 -21.80 -57.36 31.09
C ASP F 73 -20.88 -58.39 30.44
N LYS F 74 -21.24 -59.67 30.57
CA LYS F 74 -20.43 -60.74 30.01
C LYS F 74 -20.37 -60.68 28.48
N SER F 75 -21.34 -60.02 27.84
CA SER F 75 -21.42 -60.01 26.38
C SER F 75 -20.26 -59.23 25.77
N THR F 76 -19.82 -58.14 26.42
CA THR F 76 -18.75 -57.31 25.90
C THR F 76 -17.55 -57.25 26.82
N SER F 77 -17.55 -58.04 27.90
CA SER F 77 -16.47 -58.01 28.90
C SER F 77 -16.27 -56.59 29.43
N THR F 78 -17.37 -55.92 29.73
CA THR F 78 -17.35 -54.52 30.13
C THR F 78 -18.00 -54.38 31.50
N ALA F 79 -17.30 -53.70 32.41
CA ALA F 79 -17.85 -53.33 33.71
C ALA F 79 -18.29 -51.88 33.68
N TYR F 80 -19.50 -51.62 34.14
CA TYR F 80 -20.03 -50.28 34.24
C TYR F 80 -20.12 -49.88 35.71
N MET F 81 -20.21 -48.57 35.94
CA MET F 81 -20.44 -48.08 37.28
C MET F 81 -21.12 -46.73 37.16
N GLU F 82 -22.18 -46.55 37.93
CA GLU F 82 -23.11 -45.45 37.74
C GLU F 82 -23.34 -44.76 39.09
N LEU F 83 -22.93 -43.51 39.18
CA LEU F 83 -23.08 -42.70 40.38
C LEU F 83 -24.14 -41.64 40.13
N SER F 84 -25.13 -41.56 41.01
CA SER F 84 -26.23 -40.62 40.87
C SER F 84 -26.16 -39.57 41.96
N SER F 85 -27.07 -38.59 41.86
CA SER F 85 -27.12 -37.44 42.77
C SER F 85 -25.75 -36.77 42.92
N LEU F 86 -25.12 -36.52 41.77
CA LEU F 86 -23.76 -35.97 41.76
C LEU F 86 -23.71 -34.61 42.45
N ARG F 87 -22.65 -34.41 43.22
CA ARG F 87 -22.34 -33.13 43.82
C ARG F 87 -20.86 -32.86 43.58
N SER F 88 -20.45 -31.60 43.80
CA SER F 88 -19.11 -31.18 43.42
C SER F 88 -18.03 -32.02 44.09
N GLU F 89 -18.30 -32.53 45.29
CA GLU F 89 -17.32 -33.38 45.97
C GLU F 89 -17.16 -34.74 45.30
N ASP F 90 -17.88 -35.01 44.22
CA ASP F 90 -17.65 -36.21 43.43
C ASP F 90 -16.64 -35.98 42.33
N THR F 91 -16.13 -34.76 42.18
CA THR F 91 -15.05 -34.49 41.25
C THR F 91 -13.83 -35.32 41.61
N ALA F 92 -13.48 -36.28 40.75
CA ALA F 92 -12.40 -37.20 41.06
C ALA F 92 -11.98 -37.92 39.79
N VAL F 93 -10.85 -38.61 39.85
CA VAL F 93 -10.47 -39.59 38.85
C VAL F 93 -11.01 -40.93 39.31
N TYR F 94 -11.79 -41.58 38.46
CA TYR F 94 -12.36 -42.88 38.77
C TYR F 94 -11.59 -43.95 38.01
N TYR F 95 -11.01 -44.90 38.76
CA TYR F 95 -10.28 -46.02 38.20
C TYR F 95 -11.07 -47.31 38.37
N CYS F 96 -11.06 -48.14 37.33
CA CYS F 96 -11.53 -49.51 37.47
CA CYS F 96 -11.53 -49.52 37.39
C CYS F 96 -10.33 -50.41 37.71
N ALA F 97 -10.52 -51.38 38.59
CA ALA F 97 -9.42 -52.25 38.98
C ALA F 97 -9.91 -53.69 39.08
N ARG F 98 -9.01 -54.61 38.73
CA ARG F 98 -9.35 -56.02 38.64
C ARG F 98 -8.43 -56.83 39.54
N GLU F 99 -9.03 -57.76 40.29
CA GLU F 99 -8.26 -58.64 41.16
C GLU F 99 -7.37 -59.55 40.30
N GLY F 100 -6.11 -59.66 40.69
CA GLY F 100 -5.19 -60.48 39.93
C GLY F 100 -5.50 -61.96 40.07
N GLU F 101 -5.02 -62.73 39.11
CA GLU F 101 -5.21 -64.17 39.12
C GLU F 101 -3.96 -64.81 39.71
N GLY F 102 -4.16 -65.81 40.56
CA GLY F 102 -3.05 -66.41 41.27
C GLY F 102 -2.38 -67.56 40.55
N TRP F 103 -2.42 -68.75 41.16
CA TRP F 103 -1.80 -69.92 40.55
C TRP F 103 -2.63 -71.16 40.87
N PHE F 104 -3.93 -71.08 40.57
CA PHE F 104 -4.87 -72.20 40.69
C PHE F 104 -4.82 -72.81 42.09
N GLY F 105 -5.29 -72.02 43.06
CA GLY F 105 -5.27 -72.44 44.44
C GLY F 105 -4.99 -71.29 45.37
N LYS F 106 -3.91 -70.54 45.10
CA LYS F 106 -3.57 -69.34 45.84
C LYS F 106 -3.94 -68.13 45.00
N PRO F 107 -5.13 -67.54 45.20
CA PRO F 107 -5.51 -66.38 44.39
C PRO F 107 -4.78 -65.13 44.84
N LEU F 108 -4.94 -64.08 44.04
CA LEU F 108 -4.17 -62.85 44.20
C LEU F 108 -5.06 -61.81 44.88
N ARG F 109 -4.81 -61.56 46.16
CA ARG F 109 -5.70 -60.68 46.93
C ARG F 109 -5.24 -59.22 46.82
N ALA F 110 -5.22 -58.74 45.58
CA ALA F 110 -4.71 -57.40 45.29
C ALA F 110 -5.13 -57.01 43.88
N PHE F 111 -5.17 -55.70 43.63
CA PHE F 111 -5.55 -55.17 42.33
C PHE F 111 -4.34 -55.17 41.42
N GLU F 112 -4.21 -56.22 40.60
CA GLU F 112 -3.05 -56.32 39.73
C GLU F 112 -3.15 -55.45 38.48
N PHE F 113 -4.36 -55.17 38.00
CA PHE F 113 -4.52 -54.42 36.76
C PHE F 113 -5.49 -53.26 36.98
N TRP F 114 -5.12 -52.11 36.42
CA TRP F 114 -5.85 -50.87 36.61
C TRP F 114 -6.14 -50.23 35.27
N GLY F 115 -7.31 -49.62 35.15
CA GLY F 115 -7.60 -48.80 33.99
C GLY F 115 -6.80 -47.52 34.01
N GLN F 116 -6.90 -46.75 32.92
CA GLN F 116 -6.20 -45.49 32.87
C GLN F 116 -6.86 -44.40 33.72
N GLY F 117 -8.08 -44.63 34.16
CA GLY F 117 -8.80 -43.64 34.93
C GLY F 117 -9.75 -42.84 34.06
N THR F 118 -10.80 -42.31 34.69
CA THR F 118 -11.79 -41.48 34.02
C THR F 118 -12.02 -40.25 34.89
N VAL F 119 -11.77 -39.08 34.32
CA VAL F 119 -11.89 -37.82 35.04
C VAL F 119 -13.35 -37.38 34.99
N ILE F 120 -13.95 -37.19 36.16
CA ILE F 120 -15.32 -36.73 36.27
C ILE F 120 -15.31 -35.39 37.00
N THR F 121 -15.80 -34.35 36.32
CA THR F 121 -15.91 -33.03 36.89
C THR F 121 -17.38 -32.71 37.11
N VAL F 122 -17.72 -32.32 38.32
CA VAL F 122 -19.10 -31.99 38.69
C VAL F 122 -19.14 -30.51 39.02
N SER F 123 -19.95 -29.78 38.27
CA SER F 123 -19.92 -28.32 38.29
C SER F 123 -21.06 -27.79 37.43
N SER F 124 -21.59 -26.65 37.81
CA SER F 124 -22.60 -25.97 37.04
C SER F 124 -22.01 -25.04 35.98
N ALA F 125 -20.69 -25.08 35.78
CA ALA F 125 -20.05 -24.15 34.86
C ALA F 125 -20.20 -24.62 33.42
N SER F 126 -20.09 -23.67 32.50
CA SER F 126 -20.15 -23.91 31.07
C SER F 126 -18.76 -23.78 30.45
N THR F 127 -18.54 -24.54 29.39
CA THR F 127 -17.27 -24.52 28.67
C THR F 127 -16.85 -23.09 28.35
N LYS F 128 -15.60 -22.75 28.68
CA LYS F 128 -15.06 -21.43 28.40
C LYS F 128 -13.59 -21.58 28.06
N GLY F 129 -13.18 -21.01 26.93
CA GLY F 129 -11.80 -21.00 26.54
C GLY F 129 -11.03 -19.96 27.33
N PRO F 130 -9.74 -20.19 27.52
CA PRO F 130 -8.96 -19.34 28.43
C PRO F 130 -8.57 -18.00 27.82
N SER F 131 -8.42 -17.02 28.69
CA SER F 131 -7.70 -15.79 28.38
C SER F 131 -6.23 -16.01 28.71
N VAL F 132 -5.35 -15.43 27.90
CA VAL F 132 -3.92 -15.62 28.06
C VAL F 132 -3.28 -14.25 28.20
N PHE F 133 -2.69 -13.99 29.37
CA PHE F 133 -2.03 -12.72 29.63
C PHE F 133 -0.53 -12.91 29.83
N PRO F 134 0.29 -11.97 29.39
CA PRO F 134 1.74 -12.12 29.58
C PRO F 134 2.16 -11.80 31.00
N LEU F 135 3.15 -12.56 31.49
CA LEU F 135 3.92 -12.18 32.68
C LEU F 135 5.26 -11.65 32.16
N ALA F 136 5.37 -10.33 32.04
CA ALA F 136 6.49 -9.72 31.34
C ALA F 136 7.74 -9.73 32.21
N PRO F 137 8.91 -9.88 31.59
CA PRO F 137 10.17 -9.79 32.34
C PRO F 137 10.37 -8.40 32.92
N SER F 138 10.86 -8.36 34.16
CA SER F 138 11.08 -7.10 34.86
C SER F 138 12.43 -6.51 34.47
N SER F 139 12.84 -5.47 35.19
CA SER F 139 14.08 -4.76 34.90
C SER F 139 15.16 -5.07 35.94
N SER F 143 15.99 -8.90 35.37
CA SER F 143 16.64 -8.82 36.67
C SER F 143 18.16 -8.69 36.53
N GLY F 144 18.90 -9.53 37.24
CA GLY F 144 20.36 -9.52 37.17
C GLY F 144 20.92 -10.29 36.00
N GLY F 145 21.12 -11.59 36.18
CA GLY F 145 21.63 -12.45 35.12
C GLY F 145 20.57 -13.38 34.56
N THR F 146 19.59 -13.73 35.39
CA THR F 146 18.47 -14.57 34.99
C THR F 146 17.17 -13.79 35.09
N ALA F 147 16.33 -13.91 34.07
CA ALA F 147 15.03 -13.26 34.03
C ALA F 147 13.92 -14.31 34.02
N ALA F 148 12.78 -13.94 34.58
CA ALA F 148 11.61 -14.81 34.60
C ALA F 148 10.49 -14.14 33.82
N LEU F 149 9.85 -14.90 32.94
CA LEU F 149 8.69 -14.44 32.18
C LEU F 149 7.70 -15.60 32.12
N GLY F 150 6.47 -15.30 31.69
CA GLY F 150 5.50 -16.37 31.62
C GLY F 150 4.18 -15.93 31.04
N CYS F 151 3.21 -16.83 31.17
CA CYS F 151 1.85 -16.62 30.70
CA CYS F 151 1.84 -16.60 30.71
C CYS F 151 0.87 -17.01 31.81
N LEU F 152 -0.14 -16.17 32.01
CA LEU F 152 -1.24 -16.44 32.91
C LEU F 152 -2.43 -16.89 32.08
N VAL F 153 -2.83 -18.15 32.24
CA VAL F 153 -3.92 -18.76 31.47
C VAL F 153 -5.14 -18.81 32.37
N LYS F 154 -6.07 -17.88 32.17
CA LYS F 154 -7.05 -17.53 33.19
C LYS F 154 -8.48 -17.75 32.70
N ASP F 155 -9.32 -18.28 33.61
CA ASP F 155 -10.77 -18.32 33.46
C ASP F 155 -11.23 -19.25 32.35
N TYR F 156 -10.87 -20.54 32.44
CA TYR F 156 -11.29 -21.54 31.47
C TYR F 156 -11.95 -22.69 32.19
N PHE F 157 -12.77 -23.44 31.46
CA PHE F 157 -13.48 -24.61 31.98
C PHE F 157 -13.85 -25.50 30.82
N PRO F 158 -13.74 -26.82 30.96
CA PRO F 158 -13.16 -27.49 32.12
C PRO F 158 -11.66 -27.67 31.94
N GLU F 159 -11.05 -28.49 32.81
CA GLU F 159 -9.69 -28.93 32.58
C GLU F 159 -9.65 -29.91 31.41
N PRO F 160 -8.49 -30.07 30.76
CA PRO F 160 -7.21 -29.39 31.00
C PRO F 160 -6.77 -28.46 29.87
N VAL F 161 -5.84 -27.56 30.16
CA VAL F 161 -5.11 -26.84 29.14
C VAL F 161 -3.70 -27.39 29.10
N THR F 162 -3.12 -27.44 27.92
CA THR F 162 -1.71 -27.73 27.75
C THR F 162 -0.97 -26.45 27.36
N VAL F 163 0.27 -26.33 27.80
CA VAL F 163 1.08 -25.16 27.53
C VAL F 163 2.46 -25.63 27.10
N SER F 164 2.95 -25.08 26.00
CA SER F 164 4.34 -25.23 25.59
C SER F 164 4.89 -23.85 25.28
N TRP F 165 6.20 -23.80 25.08
CA TRP F 165 6.91 -22.55 24.82
C TRP F 165 7.68 -22.67 23.52
N ASN F 166 7.48 -21.70 22.63
CA ASN F 166 8.15 -21.67 21.33
C ASN F 166 7.95 -22.99 20.58
N SER F 167 6.70 -23.44 20.56
CA SER F 167 6.29 -24.63 19.80
C SER F 167 7.05 -25.88 20.23
N GLY F 168 7.62 -25.89 21.44
CA GLY F 168 8.34 -27.03 21.95
C GLY F 168 9.84 -26.87 21.92
N ALA F 169 10.37 -25.83 21.28
CA ALA F 169 11.81 -25.61 21.22
C ALA F 169 12.38 -25.17 22.57
N LEU F 170 11.53 -24.74 23.49
CA LEU F 170 11.99 -24.23 24.78
C LEU F 170 11.36 -25.08 25.87
N THR F 171 12.16 -25.93 26.50
CA THR F 171 11.72 -26.74 27.63
C THR F 171 12.55 -26.53 28.88
N SER F 172 13.84 -26.26 28.74
CA SER F 172 14.70 -26.00 29.88
C SER F 172 14.18 -24.81 30.69
N GLY F 173 14.00 -25.01 31.99
CA GLY F 173 13.58 -23.95 32.87
C GLY F 173 12.09 -23.69 32.92
N VAL F 174 11.27 -24.48 32.23
CA VAL F 174 9.83 -24.25 32.22
C VAL F 174 9.20 -24.90 33.44
N HIS F 175 8.28 -24.18 34.09
CA HIS F 175 7.39 -24.74 35.10
C HIS F 175 5.97 -24.34 34.73
N THR F 176 5.17 -25.32 34.32
CA THR F 176 3.73 -25.12 34.19
C THR F 176 3.07 -25.74 35.43
N PHE F 177 2.41 -24.92 36.18
CA PHE F 177 1.88 -25.14 37.52
C PHE F 177 0.51 -25.80 37.48
N PRO F 178 0.19 -26.63 38.48
CA PRO F 178 -1.17 -27.17 38.56
C PRO F 178 -2.19 -26.06 38.60
N ALA F 179 -3.30 -26.29 37.90
CA ALA F 179 -4.33 -25.27 37.85
C ALA F 179 -4.99 -25.11 39.22
N VAL F 180 -5.71 -24.02 39.35
CA VAL F 180 -6.36 -23.63 40.59
C VAL F 180 -7.82 -23.32 40.26
N LEU F 181 -8.74 -23.79 41.11
CA LEU F 181 -10.16 -23.58 40.87
C LEU F 181 -10.60 -22.32 41.60
N GLN F 182 -11.02 -21.30 40.84
CA GLN F 182 -11.41 -20.04 41.45
C GLN F 182 -12.86 -20.13 41.90
N SER F 183 -13.24 -19.21 42.80
CA SER F 183 -14.60 -19.25 43.32
C SER F 183 -15.64 -18.99 42.24
N SER F 184 -15.22 -18.52 41.06
CA SER F 184 -16.15 -18.36 39.94
C SER F 184 -16.53 -19.69 39.30
N GLY F 185 -15.84 -20.77 39.65
CA GLY F 185 -16.02 -22.04 38.99
C GLY F 185 -15.13 -22.26 37.79
N LEU F 186 -14.32 -21.27 37.42
CA LEU F 186 -13.36 -21.40 36.33
C LEU F 186 -11.96 -21.66 36.88
N TYR F 187 -11.14 -22.29 36.05
CA TYR F 187 -9.77 -22.63 36.41
C TYR F 187 -8.80 -21.53 35.98
N SER F 188 -7.60 -21.60 36.54
CA SER F 188 -6.55 -20.66 36.17
C SER F 188 -5.20 -21.29 36.50
N LEU F 189 -4.25 -21.14 35.58
CA LEU F 189 -2.89 -21.58 35.85
C LEU F 189 -1.89 -20.59 35.26
N SER F 190 -0.65 -20.70 35.71
CA SER F 190 0.45 -19.99 35.09
C SER F 190 1.49 -20.98 34.57
N SER F 191 2.26 -20.52 33.59
CA SER F 191 3.42 -21.20 33.07
C SER F 191 4.55 -20.18 33.04
N VAL F 192 5.68 -20.52 33.64
CA VAL F 192 6.81 -19.60 33.66
C VAL F 192 8.01 -20.28 33.03
N VAL F 193 8.99 -19.46 32.64
CA VAL F 193 10.24 -19.95 32.11
C VAL F 193 11.35 -19.02 32.59
N THR F 194 12.54 -19.59 32.76
CA THR F 194 13.71 -18.89 33.25
C THR F 194 14.71 -18.81 32.11
N VAL F 195 15.11 -17.59 31.76
CA VAL F 195 15.98 -17.36 30.60
C VAL F 195 17.08 -16.38 30.99
N PRO F 196 18.18 -16.37 30.22
CA PRO F 196 19.19 -15.33 30.43
C PRO F 196 18.64 -13.94 30.14
N SER F 197 18.97 -12.99 31.03
CA SER F 197 18.64 -11.59 30.79
C SER F 197 19.11 -11.12 29.41
N SER F 198 20.29 -11.59 28.98
CA SER F 198 20.92 -11.11 27.75
C SER F 198 20.18 -11.51 26.48
N SER F 199 19.25 -12.45 26.55
CA SER F 199 18.51 -12.86 25.37
C SER F 199 17.16 -12.17 25.22
N LEU F 200 16.77 -11.32 26.17
CA LEU F 200 15.43 -10.74 26.18
C LEU F 200 15.16 -9.95 24.90
N GLY F 201 16.08 -9.07 24.52
CA GLY F 201 15.87 -8.26 23.34
C GLY F 201 16.18 -8.91 22.02
N THR F 202 16.66 -10.16 22.02
CA THR F 202 17.06 -10.82 20.78
C THR F 202 16.41 -12.19 20.57
N GLN F 203 15.77 -12.75 21.58
CA GLN F 203 15.04 -14.01 21.45
C GLN F 203 13.56 -13.74 21.65
N THR F 204 12.73 -14.35 20.81
CA THR F 204 11.28 -14.24 20.93
C THR F 204 10.75 -15.36 21.83
N TYR F 205 9.83 -15.02 22.72
CA TYR F 205 9.24 -15.98 23.65
C TYR F 205 7.72 -16.01 23.47
N ILE F 206 7.21 -17.16 23.03
CA ILE F 206 5.81 -17.34 22.71
C ILE F 206 5.30 -18.55 23.48
N CYS F 207 4.25 -18.36 24.25
CA CYS F 207 3.61 -19.46 24.97
CA CYS F 207 3.59 -19.43 24.99
C CYS F 207 2.43 -19.96 24.15
N ASN F 208 2.39 -21.28 23.95
CA ASN F 208 1.38 -21.93 23.12
C ASN F 208 0.36 -22.60 24.03
N VAL F 209 -0.90 -22.16 23.96
CA VAL F 209 -1.95 -22.61 24.87
C VAL F 209 -2.99 -23.38 24.08
N ASN F 210 -3.30 -24.59 24.54
CA ASN F 210 -4.28 -25.47 23.91
C ASN F 210 -5.35 -25.83 24.93
N HIS F 211 -6.61 -25.57 24.59
CA HIS F 211 -7.75 -25.94 25.41
C HIS F 211 -8.73 -26.69 24.50
N LYS F 212 -8.59 -28.01 24.44
CA LYS F 212 -9.40 -28.79 23.51
C LYS F 212 -10.91 -28.70 23.76
N PRO F 213 -11.43 -28.68 25.00
CA PRO F 213 -12.89 -28.65 25.14
C PRO F 213 -13.54 -27.45 24.46
N SER F 214 -12.88 -26.29 24.45
CA SER F 214 -13.40 -25.13 23.75
C SER F 214 -12.79 -24.94 22.37
N ASN F 215 -11.89 -25.82 21.95
CA ASN F 215 -11.17 -25.70 20.68
C ASN F 215 -10.38 -24.41 20.61
N THR F 216 -9.73 -24.05 21.71
CA THR F 216 -8.87 -22.89 21.74
C THR F 216 -7.44 -23.32 21.46
N LYS F 217 -6.87 -22.76 20.40
CA LYS F 217 -5.45 -22.92 20.08
C LYS F 217 -4.92 -21.51 19.85
N VAL F 218 -4.14 -21.02 20.81
CA VAL F 218 -3.83 -19.60 20.89
C VAL F 218 -2.37 -19.43 21.32
N ASP F 219 -1.67 -18.50 20.68
CA ASP F 219 -0.23 -18.30 20.89
C ASP F 219 0.01 -16.86 21.32
N LYS F 220 0.61 -16.69 22.50
CA LYS F 220 0.81 -15.39 23.11
C LYS F 220 2.30 -15.08 23.18
N LYS F 221 2.70 -14.00 22.53
CA LYS F 221 4.09 -13.55 22.53
C LYS F 221 4.31 -12.63 23.72
N VAL F 222 5.35 -12.90 24.51
CA VAL F 222 5.58 -12.22 25.79
C VAL F 222 6.75 -11.28 25.61
N GLU F 223 6.48 -9.98 25.63
CA GLU F 223 7.51 -9.00 25.34
C GLU F 223 7.92 -8.27 26.62
N PRO F 224 9.17 -7.81 26.69
CA PRO F 224 9.60 -7.03 27.86
C PRO F 224 8.76 -5.77 28.02
N LYS F 225 8.72 -5.27 29.25
CA LYS F 225 8.00 -4.05 29.55
C LYS F 225 8.90 -2.82 29.37
N VAL G 5 -21.44 28.16 -57.48
CA VAL G 5 -22.60 28.49 -58.30
C VAL G 5 -23.88 28.26 -57.50
N THR G 6 -23.90 27.14 -56.76
CA THR G 6 -24.83 26.92 -55.66
C THR G 6 -24.29 25.78 -54.82
N THR G 7 -24.25 25.98 -53.50
CA THR G 7 -23.63 25.03 -52.59
C THR G 7 -24.66 24.02 -52.09
N TYR G 8 -24.35 22.73 -52.25
CA TYR G 8 -25.15 21.63 -51.75
C TYR G 8 -24.43 20.96 -50.59
N LYS G 9 -25.20 20.33 -49.72
CA LYS G 9 -24.70 19.74 -48.50
C LYS G 9 -25.06 18.26 -48.45
N LEU G 10 -24.17 17.48 -47.83
CA LEU G 10 -24.37 16.06 -47.59
C LEU G 10 -24.20 15.79 -46.10
N VAL G 11 -25.24 15.27 -45.47
CA VAL G 11 -25.14 14.79 -44.09
C VAL G 11 -25.06 13.28 -44.12
N ILE G 12 -24.04 12.74 -43.45
CA ILE G 12 -23.72 11.33 -43.48
C ILE G 12 -24.14 10.74 -42.14
N ASN G 13 -25.00 9.75 -42.18
CA ASN G 13 -25.52 9.07 -40.99
C ASN G 13 -25.17 7.59 -41.08
N GLY G 14 -23.89 7.28 -40.94
CA GLY G 14 -23.42 5.90 -41.03
C GLY G 14 -23.19 5.30 -39.65
N LYS G 15 -22.93 3.99 -39.67
CA LYS G 15 -22.64 3.28 -38.43
C LYS G 15 -21.38 3.83 -37.77
N THR G 16 -20.31 3.99 -38.56
CA THR G 16 -19.05 4.48 -38.02
C THR G 16 -18.66 5.85 -38.52
N LEU G 17 -19.24 6.31 -39.63
CA LEU G 17 -18.93 7.63 -40.18
C LEU G 17 -20.15 8.53 -40.08
N LYS G 18 -20.02 9.61 -39.30
CA LYS G 18 -21.07 10.61 -39.16
C LYS G 18 -20.48 12.00 -39.43
N GLY G 19 -21.28 12.86 -40.03
CA GLY G 19 -20.86 14.24 -40.20
C GLY G 19 -21.46 14.85 -41.47
N GLU G 20 -20.74 15.83 -42.00
CA GLU G 20 -21.23 16.55 -43.17
C GLU G 20 -20.06 16.97 -44.06
N THR G 21 -20.40 17.22 -45.33
CA THR G 21 -19.48 17.79 -46.29
C THR G 21 -20.33 18.50 -47.32
N THR G 22 -19.70 19.34 -48.14
CA THR G 22 -20.42 20.10 -49.15
C THR G 22 -19.76 19.94 -50.51
N THR G 23 -20.41 20.51 -51.51
CA THR G 23 -19.90 20.56 -52.88
C THR G 23 -20.61 21.69 -53.61
N LYS G 24 -19.97 22.18 -54.66
CA LYS G 24 -20.53 23.22 -55.52
C LYS G 24 -20.87 22.62 -56.87
N ALA G 25 -22.15 22.68 -57.25
CA ALA G 25 -22.60 22.18 -58.54
C ALA G 25 -23.62 23.14 -59.10
N VAL G 26 -23.91 23.00 -60.39
CA VAL G 26 -25.04 23.70 -60.98
C VAL G 26 -26.33 22.94 -60.73
N ASP G 27 -26.29 21.61 -60.86
CA ASP G 27 -27.45 20.75 -60.74
C ASP G 27 -27.48 20.05 -59.38
N ALA G 28 -28.69 19.74 -58.93
CA ALA G 28 -28.83 18.76 -57.85
C ALA G 28 -28.37 17.38 -58.32
N GLU G 29 -28.54 17.08 -59.60
CA GLU G 29 -28.05 15.83 -60.17
C GLU G 29 -26.53 15.79 -60.24
N THR G 30 -25.88 16.94 -60.44
CA THR G 30 -24.42 16.96 -60.43
C THR G 30 -23.89 16.81 -59.01
N ALA G 31 -24.59 17.40 -58.03
CA ALA G 31 -24.20 17.22 -56.63
C ALA G 31 -24.46 15.79 -56.17
N GLU G 32 -25.61 15.22 -56.53
CA GLU G 32 -25.89 13.83 -56.19
C GLU G 32 -24.78 12.90 -56.69
N LYS G 33 -24.33 13.10 -57.93
CA LYS G 33 -23.28 12.24 -58.47
C LYS G 33 -21.96 12.44 -57.73
N ALA G 34 -21.67 13.66 -57.27
CA ALA G 34 -20.47 13.87 -56.47
C ALA G 34 -20.60 13.24 -55.10
N PHE G 35 -21.77 13.37 -54.46
CA PHE G 35 -21.96 12.84 -53.11
C PHE G 35 -22.02 11.33 -53.09
N LYS G 36 -22.62 10.71 -54.10
CA LYS G 36 -22.72 9.26 -54.08
C LYS G 36 -21.36 8.61 -54.27
N GLN G 37 -20.48 9.23 -55.07
CA GLN G 37 -19.12 8.75 -55.17
C GLN G 37 -18.38 8.89 -53.84
N TYR G 38 -18.46 10.09 -53.23
CA TYR G 38 -17.82 10.30 -51.93
C TYR G 38 -18.29 9.27 -50.90
N ALA G 39 -19.60 9.04 -50.83
CA ALA G 39 -20.13 8.09 -49.86
C ALA G 39 -19.60 6.68 -50.13
N ASN G 40 -19.48 6.29 -51.40
CA ASN G 40 -18.91 4.99 -51.69
C ASN G 40 -17.42 4.95 -51.37
N ASP G 41 -16.70 6.02 -51.71
CA ASP G 41 -15.27 6.10 -51.38
C ASP G 41 -15.03 5.86 -49.91
N ASN G 42 -15.90 6.38 -49.06
CA ASN G 42 -15.85 6.14 -47.62
C ASN G 42 -16.59 4.89 -47.19
N GLY G 43 -16.96 4.02 -48.13
CA GLY G 43 -17.65 2.79 -47.77
C GLY G 43 -18.93 2.99 -47.00
N VAL G 44 -19.75 3.97 -47.38
CA VAL G 44 -21.07 4.18 -46.82
C VAL G 44 -22.10 3.67 -47.81
N ASP G 45 -23.05 2.88 -47.32
CA ASP G 45 -24.14 2.36 -48.14
C ASP G 45 -25.42 2.52 -47.34
N GLY G 46 -26.37 3.26 -47.88
CA GLY G 46 -27.53 3.59 -47.10
C GLY G 46 -28.65 4.13 -47.95
N VAL G 47 -29.64 4.73 -47.27
CA VAL G 47 -30.86 5.24 -47.88
C VAL G 47 -30.67 6.73 -48.14
N TRP G 48 -31.02 7.17 -49.35
CA TRP G 48 -30.79 8.55 -49.76
C TRP G 48 -32.09 9.36 -49.67
N THR G 49 -31.99 10.55 -49.09
CA THR G 49 -33.09 11.52 -49.09
C THR G 49 -32.55 12.89 -49.48
N TYR G 50 -33.46 13.74 -49.96
CA TYR G 50 -33.08 15.05 -50.48
C TYR G 50 -34.13 16.08 -50.08
N ASP G 51 -33.65 17.24 -49.63
CA ASP G 51 -34.51 18.38 -49.29
C ASP G 51 -34.08 19.57 -50.15
N ASP G 52 -34.90 19.91 -51.14
CA ASP G 52 -34.50 20.99 -52.05
C ASP G 52 -34.53 22.36 -51.37
N ALA G 53 -35.36 22.52 -50.35
CA ALA G 53 -35.40 23.81 -49.65
C ALA G 53 -34.02 24.18 -49.09
N THR G 54 -33.26 23.18 -48.65
CA THR G 54 -31.96 23.40 -48.01
C THR G 54 -30.81 22.90 -48.86
N LYS G 55 -31.08 22.36 -50.05
CA LYS G 55 -30.04 21.81 -50.92
C LYS G 55 -29.20 20.77 -50.19
N THR G 56 -29.88 19.87 -49.46
CA THR G 56 -29.21 18.93 -48.58
C THR G 56 -29.59 17.50 -48.92
N PHE G 57 -28.60 16.69 -49.29
CA PHE G 57 -28.74 15.25 -49.36
C PHE G 57 -28.47 14.64 -48.00
N THR G 58 -29.10 13.51 -47.74
CA THR G 58 -28.83 12.72 -46.54
C THR G 58 -28.69 11.26 -46.95
N VAL G 59 -27.63 10.62 -46.48
CA VAL G 59 -27.48 9.18 -46.62
C VAL G 59 -27.48 8.58 -45.21
N THR G 60 -28.29 7.55 -45.01
CA THR G 60 -28.49 6.95 -43.69
C THR G 60 -28.36 5.44 -43.81
N GLU G 61 -27.35 4.89 -43.14
CA GLU G 61 -27.21 3.45 -43.10
C GLU G 61 -28.22 2.85 -42.12
N HIS G 62 -28.64 1.62 -42.42
CA HIS G 62 -29.59 0.95 -41.53
C HIS G 62 -28.93 0.71 -40.18
N HIS G 63 -29.65 1.09 -39.11
CA HIS G 63 -29.14 1.09 -37.74
C HIS G 63 -28.00 2.09 -37.58
N HIS G 64 -28.25 3.17 -36.83
CA HIS G 64 -27.32 4.29 -36.69
C HIS G 64 -26.99 4.90 -38.04
N VAL H 5 -26.61 -23.09 20.31
CA VAL H 5 -27.00 -24.23 19.51
C VAL H 5 -26.09 -24.38 18.30
N THR H 6 -25.43 -23.29 17.90
CA THR H 6 -24.52 -23.29 16.75
C THR H 6 -23.11 -22.94 17.21
N THR H 7 -22.12 -23.55 16.57
CA THR H 7 -20.72 -23.30 16.91
C THR H 7 -20.16 -22.22 15.99
N TYR H 8 -19.83 -21.07 16.57
CA TYR H 8 -19.14 -20.01 15.86
C TYR H 8 -17.67 -20.03 16.23
N LYS H 9 -16.84 -19.53 15.32
CA LYS H 9 -15.40 -19.55 15.46
C LYS H 9 -14.84 -18.14 15.36
N LEU H 10 -13.83 -17.85 16.17
CA LEU H 10 -13.10 -16.59 16.15
C LEU H 10 -11.64 -16.86 15.85
N VAL H 11 -11.09 -16.20 14.83
CA VAL H 11 -9.65 -16.22 14.63
C VAL H 11 -9.11 -14.84 14.97
N ILE H 12 -7.97 -14.83 15.66
CA ILE H 12 -7.35 -13.62 16.19
C ILE H 12 -5.97 -13.47 15.53
N ASN H 13 -5.76 -12.35 14.85
N ASN H 13 -5.75 -12.34 14.87
CA ASN H 13 -4.43 -11.94 14.40
CA ASN H 13 -4.41 -11.97 14.42
C ASN H 13 -4.13 -10.63 15.10
C ASN H 13 -4.08 -10.64 15.08
N GLY H 14 -3.63 -10.72 16.34
CA GLY H 14 -3.17 -9.56 17.07
C GLY H 14 -1.67 -9.40 16.93
N LYS H 15 -1.17 -8.31 17.51
CA LYS H 15 0.28 -8.10 17.52
C LYS H 15 0.97 -9.20 18.33
N THR H 16 0.42 -9.56 19.48
CA THR H 16 1.01 -10.55 20.36
C THR H 16 0.16 -11.81 20.53
N LEU H 17 -1.15 -11.71 20.42
CA LEU H 17 -2.06 -12.84 20.56
C LEU H 17 -2.53 -13.29 19.18
N LYS H 18 -2.24 -14.53 18.83
CA LYS H 18 -2.69 -15.12 17.57
C LYS H 18 -3.24 -16.51 17.85
N GLY H 19 -4.36 -16.83 17.23
CA GLY H 19 -4.91 -18.17 17.36
C GLY H 19 -6.38 -18.22 16.97
N GLU H 20 -7.08 -19.18 17.58
CA GLU H 20 -8.49 -19.40 17.30
C GLU H 20 -9.17 -19.92 18.55
N THR H 21 -10.47 -19.62 18.66
CA THR H 21 -11.31 -20.19 19.69
C THR H 21 -12.74 -20.25 19.15
N THR H 22 -13.60 -20.97 19.86
CA THR H 22 -14.97 -21.14 19.43
C THR H 22 -15.92 -20.75 20.56
N THR H 23 -17.21 -20.74 20.22
CA THR H 23 -18.27 -20.39 21.14
C THR H 23 -19.56 -20.95 20.57
N LYS H 24 -20.56 -21.09 21.44
CA LYS H 24 -21.85 -21.60 21.04
C LYS H 24 -22.90 -20.53 21.27
N ALA H 25 -23.75 -20.30 20.27
CA ALA H 25 -24.74 -19.24 20.36
C ALA H 25 -25.91 -19.57 19.43
N VAL H 26 -27.04 -18.92 19.69
CA VAL H 26 -28.22 -19.09 18.84
C VAL H 26 -28.00 -18.41 17.49
N ASP H 27 -27.43 -17.19 17.50
CA ASP H 27 -27.28 -16.39 16.31
C ASP H 27 -25.94 -15.69 16.31
N ALA H 28 -25.56 -15.16 15.14
CA ALA H 28 -24.27 -14.48 15.02
C ALA H 28 -24.18 -13.28 15.97
N GLU H 29 -25.29 -12.57 16.17
CA GLU H 29 -25.27 -11.42 17.07
C GLU H 29 -24.83 -11.82 18.48
N THR H 30 -25.34 -12.95 18.99
CA THR H 30 -24.95 -13.39 20.32
C THR H 30 -23.49 -13.81 20.35
N ALA H 31 -23.04 -14.56 19.34
CA ALA H 31 -21.63 -14.93 19.25
C ALA H 31 -20.75 -13.69 19.13
N GLU H 32 -21.21 -12.67 18.41
CA GLU H 32 -20.40 -11.46 18.25
C GLU H 32 -20.22 -10.74 19.58
N LYS H 33 -21.26 -10.69 20.41
CA LYS H 33 -21.13 -10.13 21.75
C LYS H 33 -20.11 -10.91 22.56
N ALA H 34 -20.24 -12.25 22.56
CA ALA H 34 -19.28 -13.11 23.25
C ALA H 34 -17.86 -12.90 22.74
N PHE H 35 -17.68 -12.86 21.42
CA PHE H 35 -16.35 -12.77 20.86
C PHE H 35 -15.73 -11.39 21.09
N LYS H 36 -16.54 -10.33 21.02
CA LYS H 36 -15.99 -8.99 21.25
C LYS H 36 -15.64 -8.78 22.70
N GLN H 37 -16.36 -9.42 23.63
CA GLN H 37 -15.96 -9.42 25.03
C GLN H 37 -14.63 -10.14 25.23
N TYR H 38 -14.50 -11.34 24.67
CA TYR H 38 -13.25 -12.08 24.78
C TYR H 38 -12.08 -11.29 24.22
N ALA H 39 -12.24 -10.73 23.02
CA ALA H 39 -11.14 -9.99 22.40
C ALA H 39 -10.78 -8.76 23.22
N ASN H 40 -11.77 -8.08 23.79
CA ASN H 40 -11.47 -6.91 24.62
C ASN H 40 -10.76 -7.32 25.92
N ASP H 41 -11.21 -8.40 26.55
CA ASP H 41 -10.58 -8.85 27.79
C ASP H 41 -9.14 -9.31 27.58
N ASN H 42 -8.79 -9.72 26.36
CA ASN H 42 -7.44 -10.13 26.04
C ASN H 42 -6.61 -9.01 25.44
N GLY H 43 -7.12 -7.77 25.48
CA GLY H 43 -6.37 -6.62 25.00
C GLY H 43 -6.20 -6.58 23.50
N VAL H 44 -7.11 -7.18 22.75
CA VAL H 44 -7.07 -7.16 21.28
C VAL H 44 -8.07 -6.13 20.80
N ASP H 45 -7.58 -5.14 20.05
CA ASP H 45 -8.39 -4.07 19.49
C ASP H 45 -8.06 -4.02 18.00
N GLY H 46 -9.02 -4.36 17.16
CA GLY H 46 -8.74 -4.47 15.75
C GLY H 46 -9.99 -4.36 14.90
N VAL H 47 -9.84 -4.79 13.66
CA VAL H 47 -10.92 -4.74 12.67
C VAL H 47 -11.63 -6.08 12.66
N TRP H 48 -12.96 -6.05 12.65
CA TRP H 48 -13.80 -7.25 12.69
C TRP H 48 -14.37 -7.55 11.31
N THR H 49 -14.26 -8.80 10.88
CA THR H 49 -14.92 -9.29 9.69
C THR H 49 -15.63 -10.60 10.02
N TYR H 50 -16.59 -10.97 9.17
CA TYR H 50 -17.41 -12.15 9.43
C TYR H 50 -17.74 -12.84 8.12
N ASP H 51 -17.68 -14.17 8.14
CA ASP H 51 -18.01 -15.02 7.01
C ASP H 51 -19.14 -15.96 7.42
N ASP H 52 -20.31 -15.80 6.84
CA ASP H 52 -21.44 -16.62 7.25
C ASP H 52 -21.29 -18.07 6.81
N ALA H 53 -20.59 -18.31 5.71
CA ALA H 53 -20.43 -19.68 5.22
C ALA H 53 -19.68 -20.55 6.23
N THR H 54 -18.61 -20.02 6.81
CA THR H 54 -17.84 -20.77 7.80
C THR H 54 -18.19 -20.36 9.22
N LYS H 55 -19.21 -19.52 9.40
CA LYS H 55 -19.62 -19.08 10.73
C LYS H 55 -18.44 -18.54 11.53
N THR H 56 -17.53 -17.83 10.86
CA THR H 56 -16.25 -17.45 11.46
C THR H 56 -16.09 -15.94 11.49
N PHE H 57 -15.85 -15.41 12.69
CA PHE H 57 -15.43 -14.04 12.90
C PHE H 57 -13.89 -13.97 12.91
N THR H 58 -13.37 -12.84 12.46
CA THR H 58 -11.94 -12.57 12.47
C THR H 58 -11.73 -11.16 13.03
N VAL H 59 -10.83 -11.03 14.01
CA VAL H 59 -10.43 -9.73 14.51
C VAL H 59 -8.94 -9.57 14.24
N THR H 60 -8.59 -8.48 13.57
CA THR H 60 -7.24 -8.25 13.06
C THR H 60 -6.73 -6.91 13.58
N GLU H 61 -5.66 -6.95 14.35
CA GLU H 61 -5.01 -5.71 14.80
C GLU H 61 -4.14 -5.16 13.68
N HIS H 62 -4.03 -3.83 13.63
CA HIS H 62 -3.24 -3.17 12.60
C HIS H 62 -1.76 -3.52 12.76
N HIS H 63 -1.15 -4.00 11.67
CA HIS H 63 0.22 -4.52 11.64
C HIS H 63 0.31 -5.82 12.44
N HIS H 64 0.24 -6.95 11.74
CA HIS H 64 0.28 -8.28 12.33
C HIS H 64 -0.88 -8.47 13.30
N VAL I 5 10.26 29.60 25.69
CA VAL I 5 9.35 30.67 26.09
C VAL I 5 9.49 31.85 25.12
N THR I 6 10.51 31.79 24.26
CA THR I 6 10.68 32.78 23.21
C THR I 6 11.24 32.08 21.97
N THR I 7 10.89 32.63 20.80
CA THR I 7 11.19 32.00 19.52
C THR I 7 12.45 32.61 18.90
N TYR I 8 13.48 31.81 18.76
CA TYR I 8 14.71 32.23 18.09
C TYR I 8 14.74 31.68 16.67
N LYS I 9 15.47 32.38 15.81
CA LYS I 9 15.52 32.08 14.39
C LYS I 9 16.98 31.83 13.98
N LEU I 10 17.16 30.98 12.98
CA LEU I 10 18.48 30.72 12.38
C LEU I 10 18.37 30.82 10.87
N VAL I 11 19.19 31.65 10.26
CA VAL I 11 19.30 31.72 8.80
C VAL I 11 20.63 31.08 8.41
N ILE I 12 20.58 30.24 7.38
CA ILE I 12 21.69 29.38 7.00
C ILE I 12 22.18 29.79 5.62
N ASN I 13 23.43 30.23 5.53
CA ASN I 13 24.07 30.55 4.27
C ASN I 13 25.19 29.54 4.06
N GLY I 14 24.84 28.36 3.55
CA GLY I 14 25.79 27.30 3.29
C GLY I 14 26.06 27.14 1.80
N LYS I 15 27.11 26.37 1.51
CA LYS I 15 27.45 26.10 0.10
C LYS I 15 26.36 25.29 -0.59
N THR I 16 25.69 24.38 0.14
CA THR I 16 24.60 23.59 -0.42
C THR I 16 23.30 23.68 0.37
N LEU I 17 23.32 24.15 1.60
CA LEU I 17 22.12 24.26 2.42
C LEU I 17 21.84 25.74 2.67
N LYS I 18 20.67 26.20 2.28
CA LYS I 18 20.31 27.60 2.43
C LYS I 18 18.89 27.69 2.98
N GLY I 19 18.64 28.74 3.76
CA GLY I 19 17.31 28.94 4.31
C GLY I 19 17.27 29.35 5.77
N GLU I 20 16.19 28.96 6.46
CA GLU I 20 15.92 29.44 7.80
C GLU I 20 15.16 28.37 8.58
N THR I 21 15.33 28.39 9.89
CA THR I 21 14.55 27.55 10.79
C THR I 21 14.49 28.24 12.16
N THR I 22 13.65 27.70 13.05
CA THR I 22 13.42 28.32 14.35
C THR I 22 13.54 27.28 15.46
N THR I 23 13.59 27.79 16.70
CA THR I 23 13.58 26.97 17.90
C THR I 23 13.01 27.80 19.05
N LYS I 24 12.44 27.09 20.03
CA LYS I 24 11.93 27.70 21.25
C LYS I 24 12.93 27.46 22.38
N ALA I 25 13.23 28.51 23.14
CA ALA I 25 14.24 28.37 24.19
C ALA I 25 14.06 29.45 25.24
N VAL I 26 14.60 29.17 26.44
CA VAL I 26 14.53 30.13 27.54
C VAL I 26 15.45 31.33 27.28
N ASP I 27 16.71 31.05 26.94
CA ASP I 27 17.72 32.08 26.72
C ASP I 27 18.41 31.85 25.39
N ALA I 28 19.17 32.85 24.94
CA ALA I 28 19.89 32.73 23.68
C ALA I 28 20.94 31.63 23.74
N GLU I 29 21.45 31.33 24.94
CA GLU I 29 22.51 30.34 25.09
C GLU I 29 22.03 28.95 24.70
N THR I 30 20.84 28.56 25.13
CA THR I 30 20.35 27.23 24.79
C THR I 30 19.84 27.17 23.35
N ALA I 31 19.39 28.30 22.80
CA ALA I 31 19.07 28.34 21.37
C ALA I 31 20.33 28.16 20.53
N GLU I 32 21.39 28.88 20.89
CA GLU I 32 22.68 28.73 20.19
C GLU I 32 23.16 27.28 20.24
N LYS I 33 23.09 26.66 21.42
CA LYS I 33 23.44 25.26 21.55
C LYS I 33 22.67 24.40 20.54
N ALA I 34 21.37 24.66 20.41
CA ALA I 34 20.53 23.87 19.52
C ALA I 34 20.82 24.17 18.06
N PHE I 35 21.06 25.44 17.72
CA PHE I 35 21.33 25.78 16.32
C PHE I 35 22.70 25.29 15.89
N LYS I 36 23.69 25.35 16.78
CA LYS I 36 25.00 24.84 16.41
C LYS I 36 24.98 23.32 16.28
N GLN I 37 24.15 22.64 17.05
CA GLN I 37 23.98 21.20 16.87
C GLN I 37 23.32 20.90 15.53
N TYR I 38 22.24 21.61 15.21
CA TYR I 38 21.56 21.42 13.94
C TYR I 38 22.48 21.71 12.76
N ALA I 39 23.22 22.83 12.81
CA ALA I 39 24.11 23.17 11.70
C ALA I 39 25.20 22.12 11.54
N ASN I 40 25.76 21.65 12.65
CA ASN I 40 26.82 20.66 12.58
C ASN I 40 26.31 19.34 12.03
N ASP I 41 25.10 18.93 12.42
CA ASP I 41 24.50 17.70 11.88
C ASP I 41 24.21 17.81 10.39
N ASN I 42 23.91 19.01 9.90
CA ASN I 42 23.64 19.23 8.49
C ASN I 42 24.87 19.68 7.70
N GLY I 43 26.05 19.61 8.29
CA GLY I 43 27.29 19.84 7.57
C GLY I 43 27.52 21.28 7.16
N VAL I 44 27.03 22.22 7.95
CA VAL I 44 27.30 23.65 7.75
C VAL I 44 28.32 24.06 8.79
N ASP I 45 29.51 24.49 8.34
CA ASP I 45 30.57 24.97 9.22
C ASP I 45 30.92 26.39 8.80
N GLY I 46 30.47 27.38 9.57
CA GLY I 46 30.69 28.75 9.19
C GLY I 46 30.91 29.75 10.30
N VAL I 47 30.80 31.02 9.96
CA VAL I 47 30.91 32.14 10.89
C VAL I 47 29.54 32.42 11.47
N TRP I 48 29.48 32.56 12.79
CA TRP I 48 28.22 32.78 13.52
C TRP I 48 28.07 34.26 13.86
N THR I 49 26.88 34.81 13.61
CA THR I 49 26.52 36.16 14.01
C THR I 49 25.12 36.13 14.61
N TYR I 50 24.77 37.19 15.33
CA TYR I 50 23.52 37.21 16.06
C TYR I 50 22.98 38.63 16.16
N ASP I 51 21.68 38.78 15.95
CA ASP I 51 20.98 40.05 16.12
C ASP I 51 19.91 39.89 17.18
N ASP I 52 20.05 40.59 18.30
CA ASP I 52 19.10 40.42 19.39
C ASP I 52 17.74 41.03 19.05
N ALA I 53 17.73 42.11 18.28
CA ALA I 53 16.47 42.78 17.95
C ALA I 53 15.49 41.82 17.28
N THR I 54 15.98 40.98 16.37
CA THR I 54 15.16 40.00 15.68
C THR I 54 15.35 38.59 16.22
N LYS I 55 16.08 38.43 17.32
CA LYS I 55 16.36 37.10 17.90
C LYS I 55 16.83 36.12 16.84
N THR I 56 17.72 36.56 15.96
CA THR I 56 18.08 35.78 14.79
C THR I 56 19.58 35.46 14.79
N PHE I 57 19.89 34.17 14.76
CA PHE I 57 21.24 33.69 14.49
C PHE I 57 21.45 33.55 12.98
N THR I 58 22.68 33.74 12.55
CA THR I 58 23.07 33.55 11.16
C THR I 58 24.38 32.78 11.15
N VAL I 59 24.45 31.73 10.34
CA VAL I 59 25.70 30.99 10.13
C VAL I 59 26.02 31.03 8.66
N THR I 60 27.22 31.51 8.32
CA THR I 60 27.61 31.78 6.95
C THR I 60 28.86 30.97 6.62
N GLU I 61 28.74 30.01 5.71
CA GLU I 61 29.91 29.27 5.27
C GLU I 61 30.74 30.16 4.36
N HIS I 62 32.07 30.02 4.47
CA HIS I 62 32.98 30.83 3.67
C HIS I 62 32.79 30.53 2.18
N HIS I 63 32.57 31.60 1.41
CA HIS I 63 32.25 31.50 -0.02
C HIS I 63 30.97 30.68 -0.25
#